data_8GCL
# 
_entry.id   8GCL 
# 
_audit_conform.dict_name       mmcif_pdbx.dic 
_audit_conform.dict_version    5.394 
_audit_conform.dict_location   http://mmcif.pdb.org/dictionaries/ascii/mmcif_pdbx.dic 
# 
loop_
_database_2.database_id 
_database_2.database_code 
_database_2.pdbx_database_accession 
_database_2.pdbx_DOI 
PDB   8GCL         pdb_00008gcl 10.2210/pdb8gcl/pdb 
WWPDB D_1000272597 ?            ?                   
EMDB  EMD-29934    ?            ?                   
# 
loop_
_pdbx_audit_revision_history.ordinal 
_pdbx_audit_revision_history.data_content_type 
_pdbx_audit_revision_history.major_revision 
_pdbx_audit_revision_history.minor_revision 
_pdbx_audit_revision_history.revision_date 
1 'Structure model' 1 0 2023-06-21 
2 'Structure model' 1 1 2023-07-05 
3 'Structure model' 1 2 2024-06-19 
# 
_pdbx_audit_revision_details.ordinal             1 
_pdbx_audit_revision_details.revision_ordinal    1 
_pdbx_audit_revision_details.data_content_type   'Structure model' 
_pdbx_audit_revision_details.provider            repository 
_pdbx_audit_revision_details.type                'Initial release' 
_pdbx_audit_revision_details.description         ? 
_pdbx_audit_revision_details.details             ? 
# 
loop_
_pdbx_audit_revision_group.ordinal 
_pdbx_audit_revision_group.revision_ordinal 
_pdbx_audit_revision_group.data_content_type 
_pdbx_audit_revision_group.group 
1 2 'Structure model' 'Database references'    
2 3 'Structure model' 'Data collection'        
3 3 'Structure model' 'Refinement description' 
# 
loop_
_pdbx_audit_revision_category.ordinal 
_pdbx_audit_revision_category.revision_ordinal 
_pdbx_audit_revision_category.data_content_type 
_pdbx_audit_revision_category.category 
1 2 'Structure model' citation        
2 2 'Structure model' citation_author 
3 3 'Structure model' chem_comp_atom  
4 3 'Structure model' chem_comp_bond  
5 3 'Structure model' refine          
# 
loop_
_pdbx_audit_revision_item.ordinal 
_pdbx_audit_revision_item.revision_ordinal 
_pdbx_audit_revision_item.data_content_type 
_pdbx_audit_revision_item.item 
1  2 'Structure model' '_citation.country'                 
2  2 'Structure model' '_citation.journal_abbrev'          
3  2 'Structure model' '_citation.journal_id_ASTM'         
4  2 'Structure model' '_citation.journal_id_CSD'          
5  2 'Structure model' '_citation.journal_id_ISSN'         
6  2 'Structure model' '_citation.journal_volume'          
7  2 'Structure model' '_citation.page_first'              
8  2 'Structure model' '_citation.page_last'               
9  2 'Structure model' '_citation.pdbx_database_id_DOI'    
10 2 'Structure model' '_citation.pdbx_database_id_PubMed' 
11 2 'Structure model' '_citation.title'                   
12 2 'Structure model' '_citation.year'                    
13 2 'Structure model' '_citation_author.name'             
14 3 'Structure model' '_refine.ls_d_res_high'             
15 3 'Structure model' '_refine.ls_d_res_low'              
# 
_pdbx_database_status.status_code                     REL 
_pdbx_database_status.status_code_sf                  ? 
_pdbx_database_status.status_code_mr                  ? 
_pdbx_database_status.entry_id                        8GCL 
_pdbx_database_status.recvd_initial_deposition_date   2023-03-02 
_pdbx_database_status.SG_entry                        N 
_pdbx_database_status.deposit_site                    RCSB 
_pdbx_database_status.process_site                    RCSB 
_pdbx_database_status.status_code_cs                  ? 
_pdbx_database_status.status_code_nmr_data            ? 
_pdbx_database_status.methods_development_category    ? 
_pdbx_database_status.pdb_format_compatible           Y 
# 
_pdbx_database_related.db_name        EMDB 
_pdbx_database_related.details        'Cryo-EM structure of hAQP2 in DDM' 
_pdbx_database_related.db_id          EMD-29934 
_pdbx_database_related.content_type   'associated EM volume' 
# 
_pdbx_contact_author.id                 3 
_pdbx_contact_author.email              yoshi.cesp@tmd.ac.jp 
_pdbx_contact_author.name_first         Yoshinori 
_pdbx_contact_author.name_last          Fujiyoshi 
_pdbx_contact_author.name_mi            ? 
_pdbx_contact_author.role               'principal investigator/group leader' 
_pdbx_contact_author.identifier_ORCID   0000-0002-8070-1493 
# 
loop_
_audit_author.name 
_audit_author.pdbx_ordinal 
_audit_author.identifier_ORCID 
'Kamegawa, A.'  1 ? 
'Suzuki, S.'    2 ? 
'Nishikawa, K.' 3 ? 
'Numoto, N.'    4 ? 
'Suzuki, H.'    5 ? 
'Fujiyoshi, Y.' 6 ? 
# 
_citation.abstract                  ? 
_citation.abstract_id_CAS           ? 
_citation.book_id_ISBN              ? 
_citation.book_publisher            ? 
_citation.book_publisher_city       ? 
_citation.book_title                ? 
_citation.coordinate_linkage        ? 
_citation.country                   US 
_citation.database_id_Medline       ? 
_citation.details                   ? 
_citation.id                        primary 
_citation.journal_abbrev            J.Struct.Biol. 
_citation.journal_id_ASTM           JSBIEM 
_citation.journal_id_CSD            0803 
_citation.journal_id_ISSN           1095-8657 
_citation.journal_full              ? 
_citation.journal_issue             ? 
_citation.journal_volume            215 
_citation.language                  ? 
_citation.page_first                107984 
_citation.page_last                 107984 
_citation.title                     'Structural analysis of the water channel AQP2 by single-particle cryo-EM.' 
_citation.year                      2023 
_citation.database_id_CSD           ? 
_citation.pdbx_database_id_DOI      10.1016/j.jsb.2023.107984 
_citation.pdbx_database_id_PubMed   37315821 
_citation.pdbx_database_id_patent   ? 
_citation.unpublished_flag          ? 
# 
loop_
_citation_author.citation_id 
_citation_author.name 
_citation_author.ordinal 
_citation_author.identifier_ORCID 
primary 'Kamegawa, A.'  1 ? 
primary 'Suzuki, S.'    2 ? 
primary 'Suzuki, H.'    3 ? 
primary 'Nishikawa, K.' 4 ? 
primary 'Numoto, N.'    5 ? 
primary 'Fujiyoshi, Y.' 6 ? 
# 
_entity.id                         1 
_entity.type                       polymer 
_entity.src_method                 man 
_entity.pdbx_description           Aquaporin-2 
_entity.formula_weight             28862.389 
_entity.pdbx_number_of_molecules   1 
_entity.pdbx_ec                    ? 
_entity.pdbx_mutation              ? 
_entity.pdbx_fragment              ? 
_entity.details                    ? 
# 
_entity_name_com.entity_id   1 
_entity_name_com.name        
;AQP-2,ADH water channel,Aquaporin-CD,AQP-CD,Collecting duct water channel protein,WCH-CD,Water channel protein for renal collecting duct
;
# 
_entity_poly.entity_id                      1 
_entity_poly.type                           'polypeptide(L)' 
_entity_poly.nstd_linkage                   no 
_entity_poly.nstd_monomer                   no 
_entity_poly.pdbx_seq_one_letter_code       
;MWELRSIAFSRAVFAEFLATLLFVFFGLGSALNWPQALPSVLQIAMAFGLGIGTLVQALGHISGAHINPAVTVACLVGCH
VSVLRAAFYVAAQLLGAVAGAALLHEITPADIRGDLAVNALSNSTTAGQAVTVELFLTLQLVLCIFASTDERRGENPGTP
ALSIGFSVALGHLLGIHYTGCSMNPARSLAPAVVTGKFDDHWVFWIGPLVGAILGSLLYNYVLFPPAKSLSERLAVLKGL
EPDTDWEEREVRRRQSVELHSPQSLPRGTKA
;
_entity_poly.pdbx_seq_one_letter_code_can   
;MWELRSIAFSRAVFAEFLATLLFVFFGLGSALNWPQALPSVLQIAMAFGLGIGTLVQALGHISGAHINPAVTVACLVGCH
VSVLRAAFYVAAQLLGAVAGAALLHEITPADIRGDLAVNALSNSTTAGQAVTVELFLTLQLVLCIFASTDERRGENPGTP
ALSIGFSVALGHLLGIHYTGCSMNPARSLAPAVVTGKFDDHWVFWIGPLVGAILGSLLYNYVLFPPAKSLSERLAVLKGL
EPDTDWEEREVRRRQSVELHSPQSLPRGTKA
;
_entity_poly.pdbx_strand_id                 A 
_entity_poly.pdbx_target_identifier         ? 
# 
loop_
_entity_poly_seq.entity_id 
_entity_poly_seq.num 
_entity_poly_seq.mon_id 
_entity_poly_seq.hetero 
1 1   MET n 
1 2   TRP n 
1 3   GLU n 
1 4   LEU n 
1 5   ARG n 
1 6   SER n 
1 7   ILE n 
1 8   ALA n 
1 9   PHE n 
1 10  SER n 
1 11  ARG n 
1 12  ALA n 
1 13  VAL n 
1 14  PHE n 
1 15  ALA n 
1 16  GLU n 
1 17  PHE n 
1 18  LEU n 
1 19  ALA n 
1 20  THR n 
1 21  LEU n 
1 22  LEU n 
1 23  PHE n 
1 24  VAL n 
1 25  PHE n 
1 26  PHE n 
1 27  GLY n 
1 28  LEU n 
1 29  GLY n 
1 30  SER n 
1 31  ALA n 
1 32  LEU n 
1 33  ASN n 
1 34  TRP n 
1 35  PRO n 
1 36  GLN n 
1 37  ALA n 
1 38  LEU n 
1 39  PRO n 
1 40  SER n 
1 41  VAL n 
1 42  LEU n 
1 43  GLN n 
1 44  ILE n 
1 45  ALA n 
1 46  MET n 
1 47  ALA n 
1 48  PHE n 
1 49  GLY n 
1 50  LEU n 
1 51  GLY n 
1 52  ILE n 
1 53  GLY n 
1 54  THR n 
1 55  LEU n 
1 56  VAL n 
1 57  GLN n 
1 58  ALA n 
1 59  LEU n 
1 60  GLY n 
1 61  HIS n 
1 62  ILE n 
1 63  SER n 
1 64  GLY n 
1 65  ALA n 
1 66  HIS n 
1 67  ILE n 
1 68  ASN n 
1 69  PRO n 
1 70  ALA n 
1 71  VAL n 
1 72  THR n 
1 73  VAL n 
1 74  ALA n 
1 75  CYS n 
1 76  LEU n 
1 77  VAL n 
1 78  GLY n 
1 79  CYS n 
1 80  HIS n 
1 81  VAL n 
1 82  SER n 
1 83  VAL n 
1 84  LEU n 
1 85  ARG n 
1 86  ALA n 
1 87  ALA n 
1 88  PHE n 
1 89  TYR n 
1 90  VAL n 
1 91  ALA n 
1 92  ALA n 
1 93  GLN n 
1 94  LEU n 
1 95  LEU n 
1 96  GLY n 
1 97  ALA n 
1 98  VAL n 
1 99  ALA n 
1 100 GLY n 
1 101 ALA n 
1 102 ALA n 
1 103 LEU n 
1 104 LEU n 
1 105 HIS n 
1 106 GLU n 
1 107 ILE n 
1 108 THR n 
1 109 PRO n 
1 110 ALA n 
1 111 ASP n 
1 112 ILE n 
1 113 ARG n 
1 114 GLY n 
1 115 ASP n 
1 116 LEU n 
1 117 ALA n 
1 118 VAL n 
1 119 ASN n 
1 120 ALA n 
1 121 LEU n 
1 122 SER n 
1 123 ASN n 
1 124 SER n 
1 125 THR n 
1 126 THR n 
1 127 ALA n 
1 128 GLY n 
1 129 GLN n 
1 130 ALA n 
1 131 VAL n 
1 132 THR n 
1 133 VAL n 
1 134 GLU n 
1 135 LEU n 
1 136 PHE n 
1 137 LEU n 
1 138 THR n 
1 139 LEU n 
1 140 GLN n 
1 141 LEU n 
1 142 VAL n 
1 143 LEU n 
1 144 CYS n 
1 145 ILE n 
1 146 PHE n 
1 147 ALA n 
1 148 SER n 
1 149 THR n 
1 150 ASP n 
1 151 GLU n 
1 152 ARG n 
1 153 ARG n 
1 154 GLY n 
1 155 GLU n 
1 156 ASN n 
1 157 PRO n 
1 158 GLY n 
1 159 THR n 
1 160 PRO n 
1 161 ALA n 
1 162 LEU n 
1 163 SER n 
1 164 ILE n 
1 165 GLY n 
1 166 PHE n 
1 167 SER n 
1 168 VAL n 
1 169 ALA n 
1 170 LEU n 
1 171 GLY n 
1 172 HIS n 
1 173 LEU n 
1 174 LEU n 
1 175 GLY n 
1 176 ILE n 
1 177 HIS n 
1 178 TYR n 
1 179 THR n 
1 180 GLY n 
1 181 CYS n 
1 182 SER n 
1 183 MET n 
1 184 ASN n 
1 185 PRO n 
1 186 ALA n 
1 187 ARG n 
1 188 SER n 
1 189 LEU n 
1 190 ALA n 
1 191 PRO n 
1 192 ALA n 
1 193 VAL n 
1 194 VAL n 
1 195 THR n 
1 196 GLY n 
1 197 LYS n 
1 198 PHE n 
1 199 ASP n 
1 200 ASP n 
1 201 HIS n 
1 202 TRP n 
1 203 VAL n 
1 204 PHE n 
1 205 TRP n 
1 206 ILE n 
1 207 GLY n 
1 208 PRO n 
1 209 LEU n 
1 210 VAL n 
1 211 GLY n 
1 212 ALA n 
1 213 ILE n 
1 214 LEU n 
1 215 GLY n 
1 216 SER n 
1 217 LEU n 
1 218 LEU n 
1 219 TYR n 
1 220 ASN n 
1 221 TYR n 
1 222 VAL n 
1 223 LEU n 
1 224 PHE n 
1 225 PRO n 
1 226 PRO n 
1 227 ALA n 
1 228 LYS n 
1 229 SER n 
1 230 LEU n 
1 231 SER n 
1 232 GLU n 
1 233 ARG n 
1 234 LEU n 
1 235 ALA n 
1 236 VAL n 
1 237 LEU n 
1 238 LYS n 
1 239 GLY n 
1 240 LEU n 
1 241 GLU n 
1 242 PRO n 
1 243 ASP n 
1 244 THR n 
1 245 ASP n 
1 246 TRP n 
1 247 GLU n 
1 248 GLU n 
1 249 ARG n 
1 250 GLU n 
1 251 VAL n 
1 252 ARG n 
1 253 ARG n 
1 254 ARG n 
1 255 GLN n 
1 256 SER n 
1 257 VAL n 
1 258 GLU n 
1 259 LEU n 
1 260 HIS n 
1 261 SER n 
1 262 PRO n 
1 263 GLN n 
1 264 SER n 
1 265 LEU n 
1 266 PRO n 
1 267 ARG n 
1 268 GLY n 
1 269 THR n 
1 270 LYS n 
1 271 ALA n 
# 
_entity_src_gen.entity_id                          1 
_entity_src_gen.pdbx_src_id                        1 
_entity_src_gen.pdbx_alt_source_flag               sample 
_entity_src_gen.pdbx_seq_type                      'Biological sequence' 
_entity_src_gen.pdbx_beg_seq_num                   1 
_entity_src_gen.pdbx_end_seq_num                   271 
_entity_src_gen.gene_src_common_name               human 
_entity_src_gen.gene_src_genus                     ? 
_entity_src_gen.pdbx_gene_src_gene                 AQP2 
_entity_src_gen.gene_src_species                   ? 
_entity_src_gen.gene_src_strain                    ? 
_entity_src_gen.gene_src_tissue                    ? 
_entity_src_gen.gene_src_tissue_fraction           ? 
_entity_src_gen.gene_src_details                   ? 
_entity_src_gen.pdbx_gene_src_fragment             ? 
_entity_src_gen.pdbx_gene_src_scientific_name      'Homo sapiens' 
_entity_src_gen.pdbx_gene_src_ncbi_taxonomy_id     9606 
_entity_src_gen.pdbx_gene_src_variant              ? 
_entity_src_gen.pdbx_gene_src_cell_line            ? 
_entity_src_gen.pdbx_gene_src_atcc                 ? 
_entity_src_gen.pdbx_gene_src_organ                ? 
_entity_src_gen.pdbx_gene_src_organelle            ? 
_entity_src_gen.pdbx_gene_src_cell                 ? 
_entity_src_gen.pdbx_gene_src_cellular_location    ? 
_entity_src_gen.host_org_common_name               ? 
_entity_src_gen.pdbx_host_org_scientific_name      'Spodoptera frugiperda' 
_entity_src_gen.pdbx_host_org_ncbi_taxonomy_id     7108 
_entity_src_gen.host_org_genus                     ? 
_entity_src_gen.pdbx_host_org_gene                 ? 
_entity_src_gen.pdbx_host_org_organ                ? 
_entity_src_gen.host_org_species                   ? 
_entity_src_gen.pdbx_host_org_tissue               ? 
_entity_src_gen.pdbx_host_org_tissue_fraction      ? 
_entity_src_gen.pdbx_host_org_strain               ? 
_entity_src_gen.pdbx_host_org_variant              ? 
_entity_src_gen.pdbx_host_org_cell_line            ? 
_entity_src_gen.pdbx_host_org_atcc                 ? 
_entity_src_gen.pdbx_host_org_culture_collection   ? 
_entity_src_gen.pdbx_host_org_cell                 ? 
_entity_src_gen.pdbx_host_org_organelle            ? 
_entity_src_gen.pdbx_host_org_cellular_location    ? 
_entity_src_gen.pdbx_host_org_vector_type          ? 
_entity_src_gen.pdbx_host_org_vector               ? 
_entity_src_gen.host_org_details                   ? 
_entity_src_gen.expression_system_id               ? 
_entity_src_gen.plasmid_name                       ? 
_entity_src_gen.plasmid_details                    ? 
_entity_src_gen.pdbx_description                   ? 
# 
loop_
_chem_comp.id 
_chem_comp.type 
_chem_comp.mon_nstd_flag 
_chem_comp.name 
_chem_comp.pdbx_synonyms 
_chem_comp.formula 
_chem_comp.formula_weight 
ALA 'L-peptide linking' y ALANINE         ? 'C3 H7 N O2'     89.093  
ARG 'L-peptide linking' y ARGININE        ? 'C6 H15 N4 O2 1' 175.209 
ASN 'L-peptide linking' y ASPARAGINE      ? 'C4 H8 N2 O3'    132.118 
ASP 'L-peptide linking' y 'ASPARTIC ACID' ? 'C4 H7 N O4'     133.103 
CYS 'L-peptide linking' y CYSTEINE        ? 'C3 H7 N O2 S'   121.158 
GLN 'L-peptide linking' y GLUTAMINE       ? 'C5 H10 N2 O3'   146.144 
GLU 'L-peptide linking' y 'GLUTAMIC ACID' ? 'C5 H9 N O4'     147.129 
GLY 'peptide linking'   y GLYCINE         ? 'C2 H5 N O2'     75.067  
HIS 'L-peptide linking' y HISTIDINE       ? 'C6 H10 N3 O2 1' 156.162 
ILE 'L-peptide linking' y ISOLEUCINE      ? 'C6 H13 N O2'    131.173 
LEU 'L-peptide linking' y LEUCINE         ? 'C6 H13 N O2'    131.173 
LYS 'L-peptide linking' y LYSINE          ? 'C6 H15 N2 O2 1' 147.195 
MET 'L-peptide linking' y METHIONINE      ? 'C5 H11 N O2 S'  149.211 
PHE 'L-peptide linking' y PHENYLALANINE   ? 'C9 H11 N O2'    165.189 
PRO 'L-peptide linking' y PROLINE         ? 'C5 H9 N O2'     115.130 
SER 'L-peptide linking' y SERINE          ? 'C3 H7 N O3'     105.093 
THR 'L-peptide linking' y THREONINE       ? 'C4 H9 N O3'     119.119 
TRP 'L-peptide linking' y TRYPTOPHAN      ? 'C11 H12 N2 O2'  204.225 
TYR 'L-peptide linking' y TYROSINE        ? 'C9 H11 N O3'    181.189 
VAL 'L-peptide linking' y VALINE          ? 'C5 H11 N O2'    117.146 
# 
loop_
_pdbx_poly_seq_scheme.asym_id 
_pdbx_poly_seq_scheme.entity_id 
_pdbx_poly_seq_scheme.seq_id 
_pdbx_poly_seq_scheme.mon_id 
_pdbx_poly_seq_scheme.ndb_seq_num 
_pdbx_poly_seq_scheme.pdb_seq_num 
_pdbx_poly_seq_scheme.auth_seq_num 
_pdbx_poly_seq_scheme.pdb_mon_id 
_pdbx_poly_seq_scheme.auth_mon_id 
_pdbx_poly_seq_scheme.pdb_strand_id 
_pdbx_poly_seq_scheme.pdb_ins_code 
_pdbx_poly_seq_scheme.hetero 
A 1 1   MET 1   1   ?   ?   ?   A . n 
A 1 2   TRP 2   2   ?   ?   ?   A . n 
A 1 3   GLU 3   3   3   GLU GLU A . n 
A 1 4   LEU 4   4   4   LEU LEU A . n 
A 1 5   ARG 5   5   5   ARG ARG A . n 
A 1 6   SER 6   6   6   SER SER A . n 
A 1 7   ILE 7   7   7   ILE ILE A . n 
A 1 8   ALA 8   8   8   ALA ALA A . n 
A 1 9   PHE 9   9   9   PHE PHE A . n 
A 1 10  SER 10  10  10  SER SER A . n 
A 1 11  ARG 11  11  11  ARG ARG A . n 
A 1 12  ALA 12  12  12  ALA ALA A . n 
A 1 13  VAL 13  13  13  VAL VAL A . n 
A 1 14  PHE 14  14  14  PHE PHE A . n 
A 1 15  ALA 15  15  15  ALA ALA A . n 
A 1 16  GLU 16  16  16  GLU GLU A . n 
A 1 17  PHE 17  17  17  PHE PHE A . n 
A 1 18  LEU 18  18  18  LEU LEU A . n 
A 1 19  ALA 19  19  19  ALA ALA A . n 
A 1 20  THR 20  20  20  THR THR A . n 
A 1 21  LEU 21  21  21  LEU LEU A . n 
A 1 22  LEU 22  22  22  LEU LEU A . n 
A 1 23  PHE 23  23  23  PHE PHE A . n 
A 1 24  VAL 24  24  24  VAL VAL A . n 
A 1 25  PHE 25  25  25  PHE PHE A . n 
A 1 26  PHE 26  26  26  PHE PHE A . n 
A 1 27  GLY 27  27  27  GLY GLY A . n 
A 1 28  LEU 28  28  28  LEU LEU A . n 
A 1 29  GLY 29  29  29  GLY GLY A . n 
A 1 30  SER 30  30  30  SER SER A . n 
A 1 31  ALA 31  31  31  ALA ALA A . n 
A 1 32  LEU 32  32  32  LEU LEU A . n 
A 1 33  ASN 33  33  33  ASN ASN A . n 
A 1 34  TRP 34  34  34  TRP TRP A . n 
A 1 35  PRO 35  35  35  PRO PRO A . n 
A 1 36  GLN 36  36  36  GLN GLN A . n 
A 1 37  ALA 37  37  37  ALA ALA A . n 
A 1 38  LEU 38  38  38  LEU LEU A . n 
A 1 39  PRO 39  39  39  PRO PRO A . n 
A 1 40  SER 40  40  40  SER SER A . n 
A 1 41  VAL 41  41  41  VAL VAL A . n 
A 1 42  LEU 42  42  42  LEU LEU A . n 
A 1 43  GLN 43  43  43  GLN GLN A . n 
A 1 44  ILE 44  44  44  ILE ILE A . n 
A 1 45  ALA 45  45  45  ALA ALA A . n 
A 1 46  MET 46  46  46  MET MET A . n 
A 1 47  ALA 47  47  47  ALA ALA A . n 
A 1 48  PHE 48  48  48  PHE PHE A . n 
A 1 49  GLY 49  49  49  GLY GLY A . n 
A 1 50  LEU 50  50  50  LEU LEU A . n 
A 1 51  GLY 51  51  51  GLY GLY A . n 
A 1 52  ILE 52  52  52  ILE ILE A . n 
A 1 53  GLY 53  53  53  GLY GLY A . n 
A 1 54  THR 54  54  54  THR THR A . n 
A 1 55  LEU 55  55  55  LEU LEU A . n 
A 1 56  VAL 56  56  56  VAL VAL A . n 
A 1 57  GLN 57  57  57  GLN GLN A . n 
A 1 58  ALA 58  58  58  ALA ALA A . n 
A 1 59  LEU 59  59  59  LEU LEU A . n 
A 1 60  GLY 60  60  60  GLY GLY A . n 
A 1 61  HIS 61  61  61  HIS HIS A . n 
A 1 62  ILE 62  62  62  ILE ILE A . n 
A 1 63  SER 63  63  63  SER SER A . n 
A 1 64  GLY 64  64  64  GLY GLY A . n 
A 1 65  ALA 65  65  65  ALA ALA A . n 
A 1 66  HIS 66  66  66  HIS HIS A . n 
A 1 67  ILE 67  67  67  ILE ILE A . n 
A 1 68  ASN 68  68  68  ASN ASN A . n 
A 1 69  PRO 69  69  69  PRO PRO A . n 
A 1 70  ALA 70  70  70  ALA ALA A . n 
A 1 71  VAL 71  71  71  VAL VAL A . n 
A 1 72  THR 72  72  72  THR THR A . n 
A 1 73  VAL 73  73  73  VAL VAL A . n 
A 1 74  ALA 74  74  74  ALA ALA A . n 
A 1 75  CYS 75  75  75  CYS CYS A . n 
A 1 76  LEU 76  76  76  LEU LEU A . n 
A 1 77  VAL 77  77  77  VAL VAL A . n 
A 1 78  GLY 78  78  78  GLY GLY A . n 
A 1 79  CYS 79  79  79  CYS CYS A . n 
A 1 80  HIS 80  80  80  HIS HIS A . n 
A 1 81  VAL 81  81  81  VAL VAL A . n 
A 1 82  SER 82  82  82  SER SER A . n 
A 1 83  VAL 83  83  83  VAL VAL A . n 
A 1 84  LEU 84  84  84  LEU LEU A . n 
A 1 85  ARG 85  85  85  ARG ARG A . n 
A 1 86  ALA 86  86  86  ALA ALA A . n 
A 1 87  ALA 87  87  87  ALA ALA A . n 
A 1 88  PHE 88  88  88  PHE PHE A . n 
A 1 89  TYR 89  89  89  TYR TYR A . n 
A 1 90  VAL 90  90  90  VAL VAL A . n 
A 1 91  ALA 91  91  91  ALA ALA A . n 
A 1 92  ALA 92  92  92  ALA ALA A . n 
A 1 93  GLN 93  93  93  GLN GLN A . n 
A 1 94  LEU 94  94  94  LEU LEU A . n 
A 1 95  LEU 95  95  95  LEU LEU A . n 
A 1 96  GLY 96  96  96  GLY GLY A . n 
A 1 97  ALA 97  97  97  ALA ALA A . n 
A 1 98  VAL 98  98  98  VAL VAL A . n 
A 1 99  ALA 99  99  99  ALA ALA A . n 
A 1 100 GLY 100 100 100 GLY GLY A . n 
A 1 101 ALA 101 101 101 ALA ALA A . n 
A 1 102 ALA 102 102 102 ALA ALA A . n 
A 1 103 LEU 103 103 103 LEU LEU A . n 
A 1 104 LEU 104 104 104 LEU LEU A . n 
A 1 105 HIS 105 105 105 HIS HIS A . n 
A 1 106 GLU 106 106 106 GLU GLU A . n 
A 1 107 ILE 107 107 107 ILE ILE A . n 
A 1 108 THR 108 108 108 THR THR A . n 
A 1 109 PRO 109 109 109 PRO PRO A . n 
A 1 110 ALA 110 110 110 ALA ALA A . n 
A 1 111 ASP 111 111 111 ASP ASP A . n 
A 1 112 ILE 112 112 112 ILE ILE A . n 
A 1 113 ARG 113 113 113 ARG ARG A . n 
A 1 114 GLY 114 114 114 GLY GLY A . n 
A 1 115 ASP 115 115 115 ASP ASP A . n 
A 1 116 LEU 116 116 116 LEU LEU A . n 
A 1 117 ALA 117 117 117 ALA ALA A . n 
A 1 118 VAL 118 118 118 VAL VAL A . n 
A 1 119 ASN 119 119 119 ASN ASN A . n 
A 1 120 ALA 120 120 120 ALA ALA A . n 
A 1 121 LEU 121 121 121 LEU LEU A . n 
A 1 122 SER 122 122 122 SER SER A . n 
A 1 123 ASN 123 123 123 ASN ASN A . n 
A 1 124 SER 124 124 124 SER SER A . n 
A 1 125 THR 125 125 125 THR THR A . n 
A 1 126 THR 126 126 126 THR THR A . n 
A 1 127 ALA 127 127 127 ALA ALA A . n 
A 1 128 GLY 128 128 128 GLY GLY A . n 
A 1 129 GLN 129 129 129 GLN GLN A . n 
A 1 130 ALA 130 130 130 ALA ALA A . n 
A 1 131 VAL 131 131 131 VAL VAL A . n 
A 1 132 THR 132 132 132 THR THR A . n 
A 1 133 VAL 133 133 133 VAL VAL A . n 
A 1 134 GLU 134 134 134 GLU GLU A . n 
A 1 135 LEU 135 135 135 LEU LEU A . n 
A 1 136 PHE 136 136 136 PHE PHE A . n 
A 1 137 LEU 137 137 137 LEU LEU A . n 
A 1 138 THR 138 138 138 THR THR A . n 
A 1 139 LEU 139 139 139 LEU LEU A . n 
A 1 140 GLN 140 140 140 GLN GLN A . n 
A 1 141 LEU 141 141 141 LEU LEU A . n 
A 1 142 VAL 142 142 142 VAL VAL A . n 
A 1 143 LEU 143 143 143 LEU LEU A . n 
A 1 144 CYS 144 144 144 CYS CYS A . n 
A 1 145 ILE 145 145 145 ILE ILE A . n 
A 1 146 PHE 146 146 146 PHE PHE A . n 
A 1 147 ALA 147 147 147 ALA ALA A . n 
A 1 148 SER 148 148 148 SER SER A . n 
A 1 149 THR 149 149 149 THR THR A . n 
A 1 150 ASP 150 150 150 ASP ASP A . n 
A 1 151 GLU 151 151 151 GLU GLU A . n 
A 1 152 ARG 152 152 152 ARG ARG A . n 
A 1 153 ARG 153 153 153 ARG ARG A . n 
A 1 154 GLY 154 154 154 GLY GLY A . n 
A 1 155 GLU 155 155 155 GLU GLU A . n 
A 1 156 ASN 156 156 156 ASN ASN A . n 
A 1 157 PRO 157 157 157 PRO PRO A . n 
A 1 158 GLY 158 158 158 GLY GLY A . n 
A 1 159 THR 159 159 159 THR THR A . n 
A 1 160 PRO 160 160 160 PRO PRO A . n 
A 1 161 ALA 161 161 161 ALA ALA A . n 
A 1 162 LEU 162 162 162 LEU LEU A . n 
A 1 163 SER 163 163 163 SER SER A . n 
A 1 164 ILE 164 164 164 ILE ILE A . n 
A 1 165 GLY 165 165 165 GLY GLY A . n 
A 1 166 PHE 166 166 166 PHE PHE A . n 
A 1 167 SER 167 167 167 SER SER A . n 
A 1 168 VAL 168 168 168 VAL VAL A . n 
A 1 169 ALA 169 169 169 ALA ALA A . n 
A 1 170 LEU 170 170 170 LEU LEU A . n 
A 1 171 GLY 171 171 171 GLY GLY A . n 
A 1 172 HIS 172 172 172 HIS HIS A . n 
A 1 173 LEU 173 173 173 LEU LEU A . n 
A 1 174 LEU 174 174 174 LEU LEU A . n 
A 1 175 GLY 175 175 175 GLY GLY A . n 
A 1 176 ILE 176 176 176 ILE ILE A . n 
A 1 177 HIS 177 177 177 HIS HIS A . n 
A 1 178 TYR 178 178 178 TYR TYR A . n 
A 1 179 THR 179 179 179 THR THR A . n 
A 1 180 GLY 180 180 180 GLY GLY A . n 
A 1 181 CYS 181 181 181 CYS CYS A . n 
A 1 182 SER 182 182 182 SER SER A . n 
A 1 183 MET 183 183 183 MET MET A . n 
A 1 184 ASN 184 184 184 ASN ASN A . n 
A 1 185 PRO 185 185 185 PRO PRO A . n 
A 1 186 ALA 186 186 186 ALA ALA A . n 
A 1 187 ARG 187 187 187 ARG ARG A . n 
A 1 188 SER 188 188 188 SER SER A . n 
A 1 189 LEU 189 189 189 LEU LEU A . n 
A 1 190 ALA 190 190 190 ALA ALA A . n 
A 1 191 PRO 191 191 191 PRO PRO A . n 
A 1 192 ALA 192 192 192 ALA ALA A . n 
A 1 193 VAL 193 193 193 VAL VAL A . n 
A 1 194 VAL 194 194 194 VAL VAL A . n 
A 1 195 THR 195 195 195 THR THR A . n 
A 1 196 GLY 196 196 196 GLY GLY A . n 
A 1 197 LYS 197 197 197 LYS LYS A . n 
A 1 198 PHE 198 198 198 PHE PHE A . n 
A 1 199 ASP 199 199 199 ASP ASP A . n 
A 1 200 ASP 200 200 200 ASP ASP A . n 
A 1 201 HIS 201 201 201 HIS HIS A . n 
A 1 202 TRP 202 202 202 TRP TRP A . n 
A 1 203 VAL 203 203 203 VAL VAL A . n 
A 1 204 PHE 204 204 204 PHE PHE A . n 
A 1 205 TRP 205 205 205 TRP TRP A . n 
A 1 206 ILE 206 206 206 ILE ILE A . n 
A 1 207 GLY 207 207 207 GLY GLY A . n 
A 1 208 PRO 208 208 208 PRO PRO A . n 
A 1 209 LEU 209 209 209 LEU LEU A . n 
A 1 210 VAL 210 210 210 VAL VAL A . n 
A 1 211 GLY 211 211 211 GLY GLY A . n 
A 1 212 ALA 212 212 212 ALA ALA A . n 
A 1 213 ILE 213 213 213 ILE ILE A . n 
A 1 214 LEU 214 214 214 LEU LEU A . n 
A 1 215 GLY 215 215 215 GLY GLY A . n 
A 1 216 SER 216 216 216 SER SER A . n 
A 1 217 LEU 217 217 217 LEU LEU A . n 
A 1 218 LEU 218 218 218 LEU LEU A . n 
A 1 219 TYR 219 219 219 TYR TYR A . n 
A 1 220 ASN 220 220 220 ASN ASN A . n 
A 1 221 TYR 221 221 221 TYR TYR A . n 
A 1 222 VAL 222 222 222 VAL VAL A . n 
A 1 223 LEU 223 223 223 LEU LEU A . n 
A 1 224 PHE 224 224 224 PHE PHE A . n 
A 1 225 PRO 225 225 225 PRO PRO A . n 
A 1 226 PRO 226 226 226 PRO PRO A . n 
A 1 227 ALA 227 227 227 ALA ALA A . n 
A 1 228 LYS 228 228 228 LYS LYS A . n 
A 1 229 SER 229 229 229 SER SER A . n 
A 1 230 LEU 230 230 230 LEU LEU A . n 
A 1 231 SER 231 231 231 SER SER A . n 
A 1 232 GLU 232 232 232 GLU GLU A . n 
A 1 233 ARG 233 233 233 ARG ARG A . n 
A 1 234 LEU 234 234 234 LEU LEU A . n 
A 1 235 ALA 235 235 235 ALA ALA A . n 
A 1 236 VAL 236 236 236 VAL VAL A . n 
A 1 237 LEU 237 237 237 LEU LEU A . n 
A 1 238 LYS 238 238 238 LYS LYS A . n 
A 1 239 GLY 239 239 239 GLY GLY A . n 
A 1 240 LEU 240 240 240 LEU LEU A . n 
A 1 241 GLU 241 241 241 GLU GLU A . n 
A 1 242 PRO 242 242 ?   ?   ?   A . n 
A 1 243 ASP 243 243 ?   ?   ?   A . n 
A 1 244 THR 244 244 ?   ?   ?   A . n 
A 1 245 ASP 245 245 ?   ?   ?   A . n 
A 1 246 TRP 246 246 ?   ?   ?   A . n 
A 1 247 GLU 247 247 ?   ?   ?   A . n 
A 1 248 GLU 248 248 ?   ?   ?   A . n 
A 1 249 ARG 249 249 ?   ?   ?   A . n 
A 1 250 GLU 250 250 ?   ?   ?   A . n 
A 1 251 VAL 251 251 ?   ?   ?   A . n 
A 1 252 ARG 252 252 ?   ?   ?   A . n 
A 1 253 ARG 253 253 ?   ?   ?   A . n 
A 1 254 ARG 254 254 ?   ?   ?   A . n 
A 1 255 GLN 255 255 ?   ?   ?   A . n 
A 1 256 SER 256 256 ?   ?   ?   A . n 
A 1 257 VAL 257 257 ?   ?   ?   A . n 
A 1 258 GLU 258 258 ?   ?   ?   A . n 
A 1 259 LEU 259 259 ?   ?   ?   A . n 
A 1 260 HIS 260 260 ?   ?   ?   A . n 
A 1 261 SER 261 261 ?   ?   ?   A . n 
A 1 262 PRO 262 262 ?   ?   ?   A . n 
A 1 263 GLN 263 263 ?   ?   ?   A . n 
A 1 264 SER 264 264 ?   ?   ?   A . n 
A 1 265 LEU 265 265 ?   ?   ?   A . n 
A 1 266 PRO 266 266 ?   ?   ?   A . n 
A 1 267 ARG 267 267 ?   ?   ?   A . n 
A 1 268 GLY 268 268 ?   ?   ?   A . n 
A 1 269 THR 269 269 ?   ?   ?   A . n 
A 1 270 LYS 270 270 ?   ?   ?   A . n 
A 1 271 ALA 271 271 ?   ?   ?   A . n 
# 
loop_
_pdbx_unobs_or_zero_occ_atoms.id 
_pdbx_unobs_or_zero_occ_atoms.PDB_model_num 
_pdbx_unobs_or_zero_occ_atoms.polymer_flag 
_pdbx_unobs_or_zero_occ_atoms.occupancy_flag 
_pdbx_unobs_or_zero_occ_atoms.auth_asym_id 
_pdbx_unobs_or_zero_occ_atoms.auth_comp_id 
_pdbx_unobs_or_zero_occ_atoms.auth_seq_id 
_pdbx_unobs_or_zero_occ_atoms.PDB_ins_code 
_pdbx_unobs_or_zero_occ_atoms.auth_atom_id 
_pdbx_unobs_or_zero_occ_atoms.label_alt_id 
_pdbx_unobs_or_zero_occ_atoms.label_asym_id 
_pdbx_unobs_or_zero_occ_atoms.label_comp_id 
_pdbx_unobs_or_zero_occ_atoms.label_seq_id 
_pdbx_unobs_or_zero_occ_atoms.label_atom_id 
1  1 Y 1 A ARG 5   ? CG  ? A ARG 5   CG  
2  1 Y 1 A ARG 5   ? CD  ? A ARG 5   CD  
3  1 Y 1 A ARG 5   ? NE  ? A ARG 5   NE  
4  1 Y 1 A ARG 5   ? CZ  ? A ARG 5   CZ  
5  1 Y 1 A ARG 5   ? NH1 ? A ARG 5   NH1 
6  1 Y 1 A ARG 5   ? NH2 ? A ARG 5   NH2 
7  1 Y 1 A GLU 241 ? CG  ? A GLU 241 CG  
8  1 Y 1 A GLU 241 ? CD  ? A GLU 241 CD  
9  1 Y 1 A GLU 241 ? OE1 ? A GLU 241 OE1 
10 1 Y 1 A GLU 241 ? OE2 ? A GLU 241 OE2 
# 
_software.citation_id            ? 
_software.classification         refinement 
_software.compiler_name          ? 
_software.compiler_version       ? 
_software.contact_author         ? 
_software.contact_author_email   ? 
_software.date                   ? 
_software.description            ? 
_software.dependencies           ? 
_software.hardware               ? 
_software.language               ? 
_software.location               ? 
_software.mods                   ? 
_software.name                   REFMAC 
_software.os                     ? 
_software.os_version             ? 
_software.type                   ? 
_software.version                5.8.0352 
_software.pdbx_ordinal           1 
# 
_cell.angle_alpha                  90.00 
_cell.angle_alpha_esd              ? 
_cell.angle_beta                   90.00 
_cell.angle_beta_esd               ? 
_cell.angle_gamma                  90.00 
_cell.angle_gamma_esd              ? 
_cell.entry_id                     8GCL 
_cell.details                      ? 
_cell.formula_units_Z              ? 
_cell.length_a                     1.00 
_cell.length_a_esd                 ? 
_cell.length_b                     1.00 
_cell.length_b_esd                 ? 
_cell.length_c                     1.00 
_cell.length_c_esd                 ? 
_cell.volume                       ? 
_cell.volume_esd                   ? 
_cell.Z_PDB                        ? 
_cell.reciprocal_angle_alpha       ? 
_cell.reciprocal_angle_beta        ? 
_cell.reciprocal_angle_gamma       ? 
_cell.reciprocal_angle_alpha_esd   ? 
_cell.reciprocal_angle_beta_esd    ? 
_cell.reciprocal_angle_gamma_esd   ? 
_cell.reciprocal_length_a          ? 
_cell.reciprocal_length_b          ? 
_cell.reciprocal_length_c          ? 
_cell.reciprocal_length_a_esd      ? 
_cell.reciprocal_length_b_esd      ? 
_cell.reciprocal_length_c_esd      ? 
_cell.pdbx_unique_axis             ? 
_cell.pdbx_esd_method              ? 
# 
_symmetry.entry_id                         8GCL 
_symmetry.cell_setting                     ? 
_symmetry.Int_Tables_number                1 
_symmetry.space_group_name_Hall            ? 
_symmetry.space_group_name_H-M             'P 1' 
_symmetry.pdbx_full_space_group_name_H-M   ? 
# 
_exptl.absorpt_coefficient_mu     ? 
_exptl.absorpt_correction_T_max   ? 
_exptl.absorpt_correction_T_min   ? 
_exptl.absorpt_correction_type    ? 
_exptl.absorpt_process_details    ? 
_exptl.entry_id                   8GCL 
_exptl.crystals_number            ? 
_exptl.details                    ? 
_exptl.method                     'ELECTRON MICROSCOPY' 
_exptl.method_details             ? 
# 
_refine.aniso_B[1][1]                            ? 
_refine.aniso_B[1][2]                            ? 
_refine.aniso_B[1][3]                            ? 
_refine.aniso_B[2][2]                            ? 
_refine.aniso_B[2][3]                            ? 
_refine.aniso_B[3][3]                            ? 
_refine.B_iso_max                                ? 
_refine.B_iso_mean                               91.506 
_refine.B_iso_min                                ? 
_refine.correlation_coeff_Fo_to_Fc               0.838 
_refine.correlation_coeff_Fo_to_Fc_free          ? 
_refine.details                                  'HYDROGENS HAVE BEEN ADDED IN THE RIDING POSITIONS' 
_refine.diff_density_max                         ? 
_refine.diff_density_max_esd                     ? 
_refine.diff_density_min                         ? 
_refine.diff_density_min_esd                     ? 
_refine.diff_density_rms                         ? 
_refine.diff_density_rms_esd                     ? 
_refine.entry_id                                 8GCL 
_refine.pdbx_refine_id                           'ELECTRON MICROSCOPY' 
_refine.ls_abs_structure_details                 ? 
_refine.ls_abs_structure_Flack                   ? 
_refine.ls_abs_structure_Flack_esd               ? 
_refine.ls_abs_structure_Rogers                  ? 
_refine.ls_abs_structure_Rogers_esd              ? 
_refine.ls_d_res_high                            2.89 
_refine.ls_d_res_low                             2.89 
_refine.ls_extinction_coef                       ? 
_refine.ls_extinction_coef_esd                   ? 
_refine.ls_extinction_expression                 ? 
_refine.ls_extinction_method                     ? 
_refine.ls_goodness_of_fit_all                   ? 
_refine.ls_goodness_of_fit_all_esd               ? 
_refine.ls_goodness_of_fit_obs                   ? 
_refine.ls_goodness_of_fit_obs_esd               ? 
_refine.ls_hydrogen_treatment                    ? 
_refine.ls_matrix_type                           ? 
_refine.ls_number_constraints                    ? 
_refine.ls_number_parameters                     ? 
_refine.ls_number_reflns_all                     ? 
_refine.ls_number_reflns_obs                     56865 
_refine.ls_number_reflns_R_free                  ? 
_refine.ls_number_reflns_R_work                  ? 
_refine.ls_number_restraints                     ? 
_refine.ls_percent_reflns_obs                    100.00 
_refine.ls_percent_reflns_R_free                 ? 
_refine.ls_R_factor_all                          ? 
_refine.ls_R_factor_obs                          0.35629 
_refine.ls_R_factor_R_free                       ? 
_refine.ls_R_factor_R_free_error                 ? 
_refine.ls_R_factor_R_free_error_details         ? 
_refine.ls_R_factor_R_work                       0.35629 
_refine.ls_R_Fsqd_factor_obs                     ? 
_refine.ls_R_I_factor_obs                        ? 
_refine.ls_redundancy_reflns_all                 ? 
_refine.ls_redundancy_reflns_obs                 ? 
_refine.ls_restrained_S_all                      ? 
_refine.ls_restrained_S_obs                      ? 
_refine.ls_shift_over_esd_max                    ? 
_refine.ls_shift_over_esd_mean                   ? 
_refine.ls_structure_factor_coef                 ? 
_refine.ls_weighting_details                     ? 
_refine.ls_weighting_scheme                      ? 
_refine.ls_wR_factor_all                         ? 
_refine.ls_wR_factor_obs                         ? 
_refine.ls_wR_factor_R_free                      ? 
_refine.ls_wR_factor_R_work                      ? 
_refine.occupancy_max                            ? 
_refine.occupancy_min                            ? 
_refine.solvent_model_details                    'PARAMETERS FOR MASK CACLULATION' 
_refine.solvent_model_param_bsol                 ? 
_refine.solvent_model_param_ksol                 ? 
_refine.pdbx_R_complete                          ? 
_refine.ls_R_factor_gt                           ? 
_refine.ls_goodness_of_fit_gt                    ? 
_refine.ls_goodness_of_fit_ref                   ? 
_refine.ls_shift_over_su_max                     ? 
_refine.ls_shift_over_su_max_lt                  ? 
_refine.ls_shift_over_su_mean                    ? 
_refine.ls_shift_over_su_mean_lt                 ? 
_refine.pdbx_ls_sigma_I                          ? 
_refine.pdbx_ls_sigma_F                          ? 
_refine.pdbx_ls_sigma_Fsqd                       ? 
_refine.pdbx_data_cutoff_high_absF               ? 
_refine.pdbx_data_cutoff_high_rms_absF           ? 
_refine.pdbx_data_cutoff_low_absF                ? 
_refine.pdbx_isotropic_thermal_model             ? 
_refine.pdbx_ls_cross_valid_method               ? 
_refine.pdbx_method_to_determine_struct          ? 
_refine.pdbx_starting_model                      ? 
_refine.pdbx_stereochemistry_target_values       'MAXIMUM LIKELIHOOD WITH PHASES' 
_refine.pdbx_R_Free_selection_details            ? 
_refine.pdbx_stereochem_target_val_spec_case     ? 
_refine.pdbx_overall_ESU_R                       0.194 
_refine.pdbx_overall_ESU_R_Free                  ? 
_refine.pdbx_solvent_vdw_probe_radii             ? 
_refine.pdbx_solvent_ion_probe_radii             ? 
_refine.pdbx_solvent_shrinkage_radii             ? 
_refine.pdbx_real_space_R                        ? 
_refine.pdbx_density_correlation                 ? 
_refine.pdbx_pd_number_of_powder_patterns        ? 
_refine.pdbx_pd_number_of_points                 ? 
_refine.pdbx_pd_meas_number_of_points            ? 
_refine.pdbx_pd_proc_ls_prof_R_factor            ? 
_refine.pdbx_pd_proc_ls_prof_wR_factor           ? 
_refine.pdbx_pd_Marquardt_correlation_coeff      ? 
_refine.pdbx_pd_Fsqrd_R_factor                   ? 
_refine.pdbx_pd_ls_matrix_band_width             ? 
_refine.pdbx_overall_phase_error                 ? 
_refine.pdbx_overall_SU_R_free_Cruickshank_DPI   ? 
_refine.pdbx_overall_SU_R_free_Blow_DPI          ? 
_refine.pdbx_overall_SU_R_Blow_DPI               ? 
_refine.pdbx_TLS_residual_ADP_flag               ? 
_refine.pdbx_diffrn_id                           ? 
_refine.overall_SU_B                             11.101 
_refine.overall_SU_ML                            0.207 
_refine.overall_SU_R_Cruickshank_DPI             ? 
_refine.overall_SU_R_free                        ? 
_refine.overall_FOM_free_R_set                   ? 
_refine.overall_FOM_work_R_set                   ? 
_refine.pdbx_average_fsc_overall                 ? 
_refine.pdbx_average_fsc_work                    ? 
_refine.pdbx_average_fsc_free                    ? 
# 
_refine_hist.pdbx_refine_id                   'ELECTRON MICROSCOPY' 
_refine_hist.cycle_id                         1 
_refine_hist.details                          ? 
_refine_hist.d_res_high                       . 
_refine_hist.d_res_low                        . 
_refine_hist.number_atoms_solvent             ? 
_refine_hist.number_atoms_total               1754 
_refine_hist.number_reflns_all                ? 
_refine_hist.number_reflns_obs                ? 
_refine_hist.number_reflns_R_free             ? 
_refine_hist.number_reflns_R_work             ? 
_refine_hist.R_factor_all                     ? 
_refine_hist.R_factor_obs                     ? 
_refine_hist.R_factor_R_free                  ? 
_refine_hist.R_factor_R_work                  ? 
_refine_hist.pdbx_number_residues_total       ? 
_refine_hist.pdbx_B_iso_mean_ligand           ? 
_refine_hist.pdbx_B_iso_mean_solvent          ? 
_refine_hist.pdbx_number_atoms_protein        ? 
_refine_hist.pdbx_number_atoms_nucleic_acid   ? 
_refine_hist.pdbx_number_atoms_ligand         ? 
_refine_hist.pdbx_number_atoms_lipid          ? 
_refine_hist.pdbx_number_atoms_carb           ? 
_refine_hist.pdbx_pseudo_atom_details         ? 
# 
loop_
_refine_ls_restr.pdbx_refine_id 
_refine_ls_restr.criterion 
_refine_ls_restr.dev_ideal 
_refine_ls_restr.dev_ideal_target 
_refine_ls_restr.number 
_refine_ls_restr.rejects 
_refine_ls_restr.type 
_refine_ls_restr.weight 
_refine_ls_restr.pdbx_restraint_function 
'ELECTRON MICROSCOPY' ? 0.008  0.011  1795 ? r_bond_refined_d             ? ? 
'ELECTRON MICROSCOPY' ? 0.000  0.016  1714 ? r_bond_other_d               ? ? 
'ELECTRON MICROSCOPY' ? 1.242  1.605  2455 ? r_angle_refined_deg          ? ? 
'ELECTRON MICROSCOPY' ? 0.390  1.535  3948 ? r_angle_other_deg            ? ? 
'ELECTRON MICROSCOPY' ? 3.540  5.000  238  ? r_dihedral_angle_1_deg       ? ? 
'ELECTRON MICROSCOPY' ? 6.751  10.000 7    ? r_dihedral_angle_2_deg       ? ? 
'ELECTRON MICROSCOPY' ? 17.003 10.000 259  ? r_dihedral_angle_3_deg       ? ? 
'ELECTRON MICROSCOPY' ? ?      ?      ?    ? r_dihedral_angle_4_deg       ? ? 
'ELECTRON MICROSCOPY' ? 0.061  0.200  300  ? r_chiral_restr               ? ? 
'ELECTRON MICROSCOPY' ? 0.006  0.020  2042 ? r_gen_planes_refined         ? ? 
'ELECTRON MICROSCOPY' ? 0.001  0.020  366  ? r_gen_planes_other           ? ? 
'ELECTRON MICROSCOPY' ? ?      ?      ?    ? r_nbd_refined                ? ? 
'ELECTRON MICROSCOPY' ? ?      ?      ?    ? r_nbd_other                  ? ? 
'ELECTRON MICROSCOPY' ? ?      ?      ?    ? r_nbtor_refined              ? ? 
'ELECTRON MICROSCOPY' ? ?      ?      ?    ? r_nbtor_other                ? ? 
'ELECTRON MICROSCOPY' ? ?      ?      ?    ? r_xyhbond_nbd_refined        ? ? 
'ELECTRON MICROSCOPY' ? ?      ?      ?    ? r_xyhbond_nbd_other          ? ? 
'ELECTRON MICROSCOPY' ? ?      ?      ?    ? r_metal_ion_refined          ? ? 
'ELECTRON MICROSCOPY' ? ?      ?      ?    ? r_metal_ion_other            ? ? 
'ELECTRON MICROSCOPY' ? ?      ?      ?    ? r_symmetry_vdw_refined       ? ? 
'ELECTRON MICROSCOPY' ? ?      ?      ?    ? r_symmetry_vdw_other         ? ? 
'ELECTRON MICROSCOPY' ? ?      ?      ?    ? r_symmetry_hbond_refined     ? ? 
'ELECTRON MICROSCOPY' ? ?      ?      ?    ? r_symmetry_hbond_other       ? ? 
'ELECTRON MICROSCOPY' ? ?      ?      ?    ? r_symmetry_metal_ion_refined ? ? 
'ELECTRON MICROSCOPY' ? ?      ?      ?    ? r_symmetry_metal_ion_other   ? ? 
'ELECTRON MICROSCOPY' ? 11.471 8.857  955  ? r_mcbond_it                  ? ? 
'ELECTRON MICROSCOPY' ? 11.471 8.857  955  ? r_mcbond_other               ? ? 
'ELECTRON MICROSCOPY' ? 17.127 13.344 1192 ? r_mcangle_it                 ? ? 
'ELECTRON MICROSCOPY' ? 17.119 13.380 1193 ? r_mcangle_other              ? ? 
'ELECTRON MICROSCOPY' ? 11.387 9.698  840  ? r_scbond_it                  ? ? 
'ELECTRON MICROSCOPY' ? 11.381 9.730  841  ? r_scbond_other               ? ? 
'ELECTRON MICROSCOPY' ? ?      ?      ?    ? r_scangle_it                 ? ? 
'ELECTRON MICROSCOPY' ? 17.098 14.130 1264 ? r_scangle_other              ? ? 
'ELECTRON MICROSCOPY' ? 25.357 ?      7762 ? r_long_range_B_refined       ? ? 
'ELECTRON MICROSCOPY' ? 25.355 ?      7763 ? r_long_range_B_other         ? ? 
'ELECTRON MICROSCOPY' ? ?      ?      ?    ? r_rigid_bond_restr           ? ? 
'ELECTRON MICROSCOPY' ? ?      ?      ?    ? r_sphericity_free            ? ? 
'ELECTRON MICROSCOPY' ? ?      ?      ?    ? r_sphericity_bonded          ? ? 
# 
_refine_ls_shell.pdbx_refine_id                   'ELECTRON MICROSCOPY' 
_refine_ls_shell.d_res_high                       2.900 
_refine_ls_shell.d_res_low                        2.975 
_refine_ls_shell.number_reflns_all                ? 
_refine_ls_shell.number_reflns_obs                ? 
_refine_ls_shell.number_reflns_R_free             0 
_refine_ls_shell.number_reflns_R_work             4182 
_refine_ls_shell.percent_reflns_obs               100.00 
_refine_ls_shell.percent_reflns_R_free            ? 
_refine_ls_shell.R_factor_all                     ? 
_refine_ls_shell.R_factor_obs                     ? 
_refine_ls_shell.R_factor_R_free_error            ? 
_refine_ls_shell.R_factor_R_work                  1.359 
_refine_ls_shell.redundancy_reflns_all            ? 
_refine_ls_shell.redundancy_reflns_obs            ? 
_refine_ls_shell.wR_factor_all                    ? 
_refine_ls_shell.wR_factor_obs                    ? 
_refine_ls_shell.wR_factor_R_free                 ? 
_refine_ls_shell.wR_factor_R_work                 ? 
_refine_ls_shell.pdbx_R_complete                  ? 
_refine_ls_shell.pdbx_total_number_of_bins_used   20 
_refine_ls_shell.pdbx_phase_error                 ? 
_refine_ls_shell.pdbx_fsc_work                    ? 
_refine_ls_shell.pdbx_fsc_free                    ? 
_refine_ls_shell.R_factor_R_free                  0.000 
# 
loop_
_struct_ncs_oper.id 
_struct_ncs_oper.code 
_struct_ncs_oper.details 
_struct_ncs_oper.matrix[1][1] 
_struct_ncs_oper.matrix[1][2] 
_struct_ncs_oper.matrix[1][3] 
_struct_ncs_oper.matrix[2][1] 
_struct_ncs_oper.matrix[2][2] 
_struct_ncs_oper.matrix[2][3] 
_struct_ncs_oper.matrix[3][1] 
_struct_ncs_oper.matrix[3][2] 
_struct_ncs_oper.matrix[3][3] 
_struct_ncs_oper.vector[1] 
_struct_ncs_oper.vector[2] 
_struct_ncs_oper.vector[3] 
1 given    ? 1.000000   0.000000    0.000000    0.000000    1.000000    0.000000    0.000000    0.000000    1.000000    0.00000   0.00000   0.00000  
2 generate ? 0.82058112 -0.01904818 0.57121257  -0.56655474 0.10447803  0.81737389  -0.07524865 -0.99434476 0.07494086  -8.45068  -26.58444 -3.42564 
3 generate ? 0.64116223 -0.58560292 0.49596392  -0.58560292 -0.79104395 -0.17697088 0.49596392  -0.17697088 -0.85011828 -16.83553 -27.37418 23.38764 
4 generate ? 0.82058112 -0.56655474 -0.07524865 -0.01904818 0.10447803  -0.99434476 0.57121257  0.81737389  0.07494086  -8.38485  -0.78974  26.81328 
# 
_struct.entry_id                     8GCL 
_struct.title                        'Cryo-EM structure of hAQP2 in DDM' 
_struct.pdbx_model_details           ? 
_struct.pdbx_formula_weight          ? 
_struct.pdbx_formula_weight_method   ? 
_struct.pdbx_model_type_details      ? 
_struct.pdbx_CASP_flag               N 
# 
_struct_keywords.entry_id        8GCL 
_struct_keywords.text            'channel, MEMBRANE PROTEIN' 
_struct_keywords.pdbx_keywords   'MEMBRANE PROTEIN' 
# 
_struct_asym.id                            A 
_struct_asym.pdbx_blank_PDB_chainid_flag   N 
_struct_asym.pdbx_modified                 N 
_struct_asym.entity_id                     1 
_struct_asym.details                       ? 
# 
_struct_ref.id                         1 
_struct_ref.db_name                    UNP 
_struct_ref.db_code                    AQP2_HUMAN 
_struct_ref.pdbx_db_accession          P41181 
_struct_ref.pdbx_db_isoform            ? 
_struct_ref.entity_id                  1 
_struct_ref.pdbx_seq_one_letter_code   
;MWELRSIAFSRAVFAEFLATLLFVFFGLGSALNWPQALPSVLQIAMAFGLGIGTLVQALGHISGAHINPAVTVACLVGCH
VSVLRAAFYVAAQLLGAVAGAALLHEITPADIRGDLAVNALSNSTTAGQAVTVELFLTLQLVLCIFASTDERRGENPGTP
ALSIGFSVALGHLLGIHYTGCSMNPARSLAPAVVTGKFDDHWVFWIGPLVGAILGSLLYNYVLFPPAKSLSERLAVLKGL
EPDTDWEEREVRRRQSVELHSPQSLPRGTKA
;
_struct_ref.pdbx_align_begin           1 
# 
_struct_ref_seq.align_id                      1 
_struct_ref_seq.ref_id                        1 
_struct_ref_seq.pdbx_PDB_id_code              8GCL 
_struct_ref_seq.pdbx_strand_id                A 
_struct_ref_seq.seq_align_beg                 1 
_struct_ref_seq.pdbx_seq_align_beg_ins_code   ? 
_struct_ref_seq.seq_align_end                 271 
_struct_ref_seq.pdbx_seq_align_end_ins_code   ? 
_struct_ref_seq.pdbx_db_accession             P41181 
_struct_ref_seq.db_align_beg                  1 
_struct_ref_seq.pdbx_db_align_beg_ins_code    ? 
_struct_ref_seq.db_align_end                  271 
_struct_ref_seq.pdbx_db_align_end_ins_code    ? 
_struct_ref_seq.pdbx_auth_seq_align_beg       1 
_struct_ref_seq.pdbx_auth_seq_align_end       271 
# 
loop_
_pdbx_struct_assembly.id 
_pdbx_struct_assembly.details 
_pdbx_struct_assembly.method_details 
_pdbx_struct_assembly.oligomeric_details 
_pdbx_struct_assembly.oligomeric_count 
1 'complete point assembly'                ? tetrameric 4 
2 'point asymmetric unit'                  ? monomeric  1 
3 'point asymmetric unit, std point frame' ? monomeric  1 
# 
loop_
_pdbx_struct_assembly_gen.assembly_id 
_pdbx_struct_assembly_gen.oper_expression 
_pdbx_struct_assembly_gen.asym_id_list 
1 '(1-4)' A 
2 1       A 
3 P       A 
# 
_pdbx_struct_assembly_auth_evidence.id                     1 
_pdbx_struct_assembly_auth_evidence.assembly_id            1 
_pdbx_struct_assembly_auth_evidence.experimental_support   'gel filtration' 
_pdbx_struct_assembly_auth_evidence.details                ? 
# 
loop_
_pdbx_struct_oper_list.id 
_pdbx_struct_oper_list.type 
_pdbx_struct_oper_list.name 
_pdbx_struct_oper_list.symmetry_operation 
_pdbx_struct_oper_list.matrix[1][1] 
_pdbx_struct_oper_list.matrix[1][2] 
_pdbx_struct_oper_list.matrix[1][3] 
_pdbx_struct_oper_list.vector[1] 
_pdbx_struct_oper_list.matrix[2][1] 
_pdbx_struct_oper_list.matrix[2][2] 
_pdbx_struct_oper_list.matrix[2][3] 
_pdbx_struct_oper_list.vector[2] 
_pdbx_struct_oper_list.matrix[3][1] 
_pdbx_struct_oper_list.matrix[3][2] 
_pdbx_struct_oper_list.matrix[3][3] 
_pdbx_struct_oper_list.vector[3] 
P 'transform to point frame' ?     ?     0.42357543 0.68872405  -0.58842421 19.87311  -0.00165625 -0.64898472 -0.76079964 0.00000   -0.90585932 0.32323061  -0.27375328 0.00000  
1 'identity operation'       1_555 x,y,z 1.00000000 0.00000000  0.00000000  0.00000   0.00000000  1.00000000  0.00000000  0.00000   0.00000000  0.00000000  1.00000000  0.00000  
2 'point symmetry operation' ?     ?     0.82058112 -0.01904818 0.57121257  -8.45068  -0.56655474 0.10447803  0.81737389  -26.58444 -0.07524865 -0.99434476 0.07494086  -3.42564 
3 'point symmetry operation' ?     ?     0.64116223 -0.58560292 0.49596392  -16.83552 -0.58560292 -0.79104395 -0.17697088 -27.37418 0.49596392  -0.17697088 -0.85011828 23.38764 
4 'point symmetry operation' ?     ?     0.82058112 -0.56655474 -0.07524865 -8.38485  -0.01904818 0.10447803  -0.99434476 -0.78974  0.57121257  0.81737389  0.07494086  26.81328   
# 
loop_
_struct_conf.conf_type_id 
_struct_conf.id 
_struct_conf.pdbx_PDB_helix_id 
_struct_conf.beg_label_comp_id 
_struct_conf.beg_label_asym_id 
_struct_conf.beg_label_seq_id 
_struct_conf.pdbx_beg_PDB_ins_code 
_struct_conf.end_label_comp_id 
_struct_conf.end_label_asym_id 
_struct_conf.end_label_seq_id 
_struct_conf.pdbx_end_PDB_ins_code 
_struct_conf.beg_auth_comp_id 
_struct_conf.beg_auth_asym_id 
_struct_conf.beg_auth_seq_id 
_struct_conf.end_auth_comp_id 
_struct_conf.end_auth_asym_id 
_struct_conf.end_auth_seq_id 
_struct_conf.pdbx_PDB_helix_class 
_struct_conf.details 
_struct_conf.pdbx_PDB_helix_length 
HELX_P HELX_P1  AA1 SER A 6   ? ALA A 31  ? SER A 6   ALA A 31  1 ? 26 
HELX_P HELX_P2  AA2 SER A 40  ? GLY A 64  ? SER A 40  GLY A 64  1 ? 25 
HELX_P HELX_P3  AA3 ASN A 68  ? GLY A 78  ? ASN A 68  GLY A 78  1 ? 11 
HELX_P HELX_P4  AA4 SER A 82  ? THR A 108 ? SER A 82  THR A 108 1 ? 27 
HELX_P HELX_P5  AA5 PRO A 109 ? GLY A 114 ? PRO A 109 GLY A 114 1 ? 6  
HELX_P HELX_P6  AA6 THR A 126 ? THR A 149 ? THR A 126 THR A 149 1 ? 24 
HELX_P HELX_P7  AA7 ASP A 150 ? GLY A 154 ? ASP A 150 GLY A 154 5 ? 5  
HELX_P HELX_P8  AA8 THR A 159 ? GLY A 180 ? THR A 159 GLY A 180 1 ? 22 
HELX_P HELX_P9  AA9 ASN A 184 ? GLY A 196 ? ASN A 184 GLY A 196 1 ? 13 
HELX_P HELX_P10 AB1 TRP A 202 ? VAL A 222 ? TRP A 202 VAL A 222 1 ? 21 
HELX_P HELX_P11 AB2 SER A 229 ? LYS A 238 ? SER A 229 LYS A 238 1 ? 10 
# 
_struct_conf_type.id          HELX_P 
_struct_conf_type.criteria    ? 
_struct_conf_type.reference   ? 
# 
loop_
_pdbx_validate_torsion.id 
_pdbx_validate_torsion.PDB_model_num 
_pdbx_validate_torsion.auth_comp_id 
_pdbx_validate_torsion.auth_asym_id 
_pdbx_validate_torsion.auth_seq_id 
_pdbx_validate_torsion.PDB_ins_code 
_pdbx_validate_torsion.label_alt_id 
_pdbx_validate_torsion.phi 
_pdbx_validate_torsion.psi 
1 1 CYS A 181 ? ? 59.05   74.69  
2 1 SER A 182 ? ? -58.38  -71.71 
3 1 MET A 183 ? ? 58.54   3.42   
4 1 VAL A 222 ? ? -124.16 -52.94 
5 1 LYS A 238 ? ? -93.79  47.19  
# 
_pdbx_point_symmetry.entry_id             8GCL 
_pdbx_point_symmetry.Schoenflies_symbol   C 
_pdbx_point_symmetry.circular_symmetry    4 
# 
_em_3d_fitting.id                1 
_em_3d_fitting.entry_id          8GCL 
_em_3d_fitting.method            ? 
_em_3d_fitting.target_criteria   ? 
_em_3d_fitting.details           ? 
_em_3d_fitting.overall_b_value   ? 
_em_3d_fitting.ref_space         ? 
_em_3d_fitting.ref_protocol      ? 
# 
_em_3d_reconstruction.entry_id                    8GCL 
_em_3d_reconstruction.id                          1 
_em_3d_reconstruction.method                      ? 
_em_3d_reconstruction.algorithm                   ? 
_em_3d_reconstruction.citation_id                 ? 
_em_3d_reconstruction.details                     ? 
_em_3d_reconstruction.resolution                  2.89 
_em_3d_reconstruction.resolution_method           'FSC 0.143 CUT-OFF' 
_em_3d_reconstruction.magnification_calibration   ? 
_em_3d_reconstruction.nominal_pixel_size          ? 
_em_3d_reconstruction.actual_pixel_size           ? 
_em_3d_reconstruction.num_particles               236700 
_em_3d_reconstruction.euler_angles_details        ? 
_em_3d_reconstruction.num_class_averages          ? 
_em_3d_reconstruction.refinement_type             ? 
_em_3d_reconstruction.image_processing_id         1 
_em_3d_reconstruction.symmetry_type               POINT 
# 
_em_buffer.id            1 
_em_buffer.specimen_id   1 
_em_buffer.name          ? 
_em_buffer.details       ? 
_em_buffer.pH            8 
# 
_em_entity_assembly.id                   1 
_em_entity_assembly.parent_id            0 
_em_entity_assembly.source               RECOMBINANT 
_em_entity_assembly.type                 COMPLEX 
_em_entity_assembly.name                 'tetrameter of hAQP2' 
_em_entity_assembly.details              ? 
_em_entity_assembly.synonym              ? 
_em_entity_assembly.oligomeric_details   ? 
_em_entity_assembly.entity_id_list       1 
# 
_em_imaging.entry_id                        8GCL 
_em_imaging.id                              1 
_em_imaging.astigmatism                     ? 
_em_imaging.electron_beam_tilt_params       ? 
_em_imaging.residual_tilt                   ? 
_em_imaging.microscope_model                'JEOL CRYO ARM 300' 
_em_imaging.specimen_holder_type            ? 
_em_imaging.specimen_holder_model           ? 
_em_imaging.details                         ? 
_em_imaging.date                            ? 
_em_imaging.accelerating_voltage            300 
_em_imaging.illumination_mode               'FLOOD BEAM' 
_em_imaging.mode                            'BRIGHT FIELD' 
_em_imaging.nominal_cs                      ? 
_em_imaging.nominal_defocus_min             1200 
_em_imaging.nominal_defocus_max             2500 
_em_imaging.calibrated_defocus_min          ? 
_em_imaging.calibrated_defocus_max          ? 
_em_imaging.tilt_angle_min                  ? 
_em_imaging.tilt_angle_max                  ? 
_em_imaging.nominal_magnification           ? 
_em_imaging.calibrated_magnification        ? 
_em_imaging.electron_source                 'FIELD EMISSION GUN' 
_em_imaging.citation_id                     ? 
_em_imaging.temperature                     ? 
_em_imaging.detector_distance               ? 
_em_imaging.recording_temperature_minimum   ? 
_em_imaging.recording_temperature_maximum   ? 
_em_imaging.alignment_procedure             ? 
_em_imaging.c2_aperture_diameter            ? 
_em_imaging.specimen_id                     1 
_em_imaging.cryogen                         ? 
# 
_em_sample_support.id               1 
_em_sample_support.film_material    ? 
_em_sample_support.method           ? 
_em_sample_support.grid_material    MOLYBDENUM 
_em_sample_support.grid_mesh_size   200 
_em_sample_support.grid_type        'Quantifoil R1.2/1.3' 
_em_sample_support.details          ? 
_em_sample_support.specimen_id      1 
_em_sample_support.citation_id      ? 
# 
_em_vitrification.entry_id              8GCL 
_em_vitrification.id                    1 
_em_vitrification.specimen_id           1 
_em_vitrification.cryogen_name          ETHANE 
_em_vitrification.humidity              100 
_em_vitrification.temp                  ? 
_em_vitrification.chamber_temperature   295 
_em_vitrification.instrument            ? 
_em_vitrification.method                ? 
_em_vitrification.time_resolved_state   ? 
_em_vitrification.citation_id           ? 
_em_vitrification.details               ? 
# 
_em_experiment.entry_id                8GCL 
_em_experiment.id                      1 
_em_experiment.reconstruction_method   'SINGLE PARTICLE' 
_em_experiment.aggregation_state       PARTICLE 
_em_experiment.entity_assembly_id      1 
# 
loop_
_pdbx_unobs_or_zero_occ_residues.id 
_pdbx_unobs_or_zero_occ_residues.PDB_model_num 
_pdbx_unobs_or_zero_occ_residues.polymer_flag 
_pdbx_unobs_or_zero_occ_residues.occupancy_flag 
_pdbx_unobs_or_zero_occ_residues.auth_asym_id 
_pdbx_unobs_or_zero_occ_residues.auth_comp_id 
_pdbx_unobs_or_zero_occ_residues.auth_seq_id 
_pdbx_unobs_or_zero_occ_residues.PDB_ins_code 
_pdbx_unobs_or_zero_occ_residues.label_asym_id 
_pdbx_unobs_or_zero_occ_residues.label_comp_id 
_pdbx_unobs_or_zero_occ_residues.label_seq_id 
1  1 Y 1 A MET 1   ? A MET 1   
2  1 Y 1 A TRP 2   ? A TRP 2   
3  1 Y 1 A PRO 242 ? A PRO 242 
4  1 Y 1 A ASP 243 ? A ASP 243 
5  1 Y 1 A THR 244 ? A THR 244 
6  1 Y 1 A ASP 245 ? A ASP 245 
7  1 Y 1 A TRP 246 ? A TRP 246 
8  1 Y 1 A GLU 247 ? A GLU 247 
9  1 Y 1 A GLU 248 ? A GLU 248 
10 1 Y 1 A ARG 249 ? A ARG 249 
11 1 Y 1 A GLU 250 ? A GLU 250 
12 1 Y 1 A VAL 251 ? A VAL 251 
13 1 Y 1 A ARG 252 ? A ARG 252 
14 1 Y 1 A ARG 253 ? A ARG 253 
15 1 Y 1 A ARG 254 ? A ARG 254 
16 1 Y 1 A GLN 255 ? A GLN 255 
17 1 Y 1 A SER 256 ? A SER 256 
18 1 Y 1 A VAL 257 ? A VAL 257 
19 1 Y 1 A GLU 258 ? A GLU 258 
20 1 Y 1 A LEU 259 ? A LEU 259 
21 1 Y 1 A HIS 260 ? A HIS 260 
22 1 Y 1 A SER 261 ? A SER 261 
23 1 Y 1 A PRO 262 ? A PRO 262 
24 1 Y 1 A GLN 263 ? A GLN 263 
25 1 Y 1 A SER 264 ? A SER 264 
26 1 Y 1 A LEU 265 ? A LEU 265 
27 1 Y 1 A PRO 266 ? A PRO 266 
28 1 Y 1 A ARG 267 ? A ARG 267 
29 1 Y 1 A GLY 268 ? A GLY 268 
30 1 Y 1 A THR 269 ? A THR 269 
31 1 Y 1 A LYS 270 ? A LYS 270 
32 1 Y 1 A ALA 271 ? A ALA 271 
# 
loop_
_chem_comp_atom.comp_id 
_chem_comp_atom.atom_id 
_chem_comp_atom.type_symbol 
_chem_comp_atom.pdbx_aromatic_flag 
_chem_comp_atom.pdbx_stereo_config 
_chem_comp_atom.pdbx_ordinal 
ALA N    N N N 1   
ALA CA   C N S 2   
ALA C    C N N 3   
ALA O    O N N 4   
ALA CB   C N N 5   
ALA OXT  O N N 6   
ALA H    H N N 7   
ALA H2   H N N 8   
ALA HA   H N N 9   
ALA HB1  H N N 10  
ALA HB2  H N N 11  
ALA HB3  H N N 12  
ALA HXT  H N N 13  
ARG N    N N N 14  
ARG CA   C N S 15  
ARG C    C N N 16  
ARG O    O N N 17  
ARG CB   C N N 18  
ARG CG   C N N 19  
ARG CD   C N N 20  
ARG NE   N N N 21  
ARG CZ   C N N 22  
ARG NH1  N N N 23  
ARG NH2  N N N 24  
ARG OXT  O N N 25  
ARG H    H N N 26  
ARG H2   H N N 27  
ARG HA   H N N 28  
ARG HB2  H N N 29  
ARG HB3  H N N 30  
ARG HG2  H N N 31  
ARG HG3  H N N 32  
ARG HD2  H N N 33  
ARG HD3  H N N 34  
ARG HE   H N N 35  
ARG HH11 H N N 36  
ARG HH12 H N N 37  
ARG HH21 H N N 38  
ARG HH22 H N N 39  
ARG HXT  H N N 40  
ASN N    N N N 41  
ASN CA   C N S 42  
ASN C    C N N 43  
ASN O    O N N 44  
ASN CB   C N N 45  
ASN CG   C N N 46  
ASN OD1  O N N 47  
ASN ND2  N N N 48  
ASN OXT  O N N 49  
ASN H    H N N 50  
ASN H2   H N N 51  
ASN HA   H N N 52  
ASN HB2  H N N 53  
ASN HB3  H N N 54  
ASN HD21 H N N 55  
ASN HD22 H N N 56  
ASN HXT  H N N 57  
ASP N    N N N 58  
ASP CA   C N S 59  
ASP C    C N N 60  
ASP O    O N N 61  
ASP CB   C N N 62  
ASP CG   C N N 63  
ASP OD1  O N N 64  
ASP OD2  O N N 65  
ASP OXT  O N N 66  
ASP H    H N N 67  
ASP H2   H N N 68  
ASP HA   H N N 69  
ASP HB2  H N N 70  
ASP HB3  H N N 71  
ASP HD2  H N N 72  
ASP HXT  H N N 73  
CYS N    N N N 74  
CYS CA   C N R 75  
CYS C    C N N 76  
CYS O    O N N 77  
CYS CB   C N N 78  
CYS SG   S N N 79  
CYS OXT  O N N 80  
CYS H    H N N 81  
CYS H2   H N N 82  
CYS HA   H N N 83  
CYS HB2  H N N 84  
CYS HB3  H N N 85  
CYS HG   H N N 86  
CYS HXT  H N N 87  
GLN N    N N N 88  
GLN CA   C N S 89  
GLN C    C N N 90  
GLN O    O N N 91  
GLN CB   C N N 92  
GLN CG   C N N 93  
GLN CD   C N N 94  
GLN OE1  O N N 95  
GLN NE2  N N N 96  
GLN OXT  O N N 97  
GLN H    H N N 98  
GLN H2   H N N 99  
GLN HA   H N N 100 
GLN HB2  H N N 101 
GLN HB3  H N N 102 
GLN HG2  H N N 103 
GLN HG3  H N N 104 
GLN HE21 H N N 105 
GLN HE22 H N N 106 
GLN HXT  H N N 107 
GLU N    N N N 108 
GLU CA   C N S 109 
GLU C    C N N 110 
GLU O    O N N 111 
GLU CB   C N N 112 
GLU CG   C N N 113 
GLU CD   C N N 114 
GLU OE1  O N N 115 
GLU OE2  O N N 116 
GLU OXT  O N N 117 
GLU H    H N N 118 
GLU H2   H N N 119 
GLU HA   H N N 120 
GLU HB2  H N N 121 
GLU HB3  H N N 122 
GLU HG2  H N N 123 
GLU HG3  H N N 124 
GLU HE2  H N N 125 
GLU HXT  H N N 126 
GLY N    N N N 127 
GLY CA   C N N 128 
GLY C    C N N 129 
GLY O    O N N 130 
GLY OXT  O N N 131 
GLY H    H N N 132 
GLY H2   H N N 133 
GLY HA2  H N N 134 
GLY HA3  H N N 135 
GLY HXT  H N N 136 
HIS N    N N N 137 
HIS CA   C N S 138 
HIS C    C N N 139 
HIS O    O N N 140 
HIS CB   C N N 141 
HIS CG   C Y N 142 
HIS ND1  N Y N 143 
HIS CD2  C Y N 144 
HIS CE1  C Y N 145 
HIS NE2  N Y N 146 
HIS OXT  O N N 147 
HIS H    H N N 148 
HIS H2   H N N 149 
HIS HA   H N N 150 
HIS HB2  H N N 151 
HIS HB3  H N N 152 
HIS HD1  H N N 153 
HIS HD2  H N N 154 
HIS HE1  H N N 155 
HIS HE2  H N N 156 
HIS HXT  H N N 157 
ILE N    N N N 158 
ILE CA   C N S 159 
ILE C    C N N 160 
ILE O    O N N 161 
ILE CB   C N S 162 
ILE CG1  C N N 163 
ILE CG2  C N N 164 
ILE CD1  C N N 165 
ILE OXT  O N N 166 
ILE H    H N N 167 
ILE H2   H N N 168 
ILE HA   H N N 169 
ILE HB   H N N 170 
ILE HG12 H N N 171 
ILE HG13 H N N 172 
ILE HG21 H N N 173 
ILE HG22 H N N 174 
ILE HG23 H N N 175 
ILE HD11 H N N 176 
ILE HD12 H N N 177 
ILE HD13 H N N 178 
ILE HXT  H N N 179 
LEU N    N N N 180 
LEU CA   C N S 181 
LEU C    C N N 182 
LEU O    O N N 183 
LEU CB   C N N 184 
LEU CG   C N N 185 
LEU CD1  C N N 186 
LEU CD2  C N N 187 
LEU OXT  O N N 188 
LEU H    H N N 189 
LEU H2   H N N 190 
LEU HA   H N N 191 
LEU HB2  H N N 192 
LEU HB3  H N N 193 
LEU HG   H N N 194 
LEU HD11 H N N 195 
LEU HD12 H N N 196 
LEU HD13 H N N 197 
LEU HD21 H N N 198 
LEU HD22 H N N 199 
LEU HD23 H N N 200 
LEU HXT  H N N 201 
LYS N    N N N 202 
LYS CA   C N S 203 
LYS C    C N N 204 
LYS O    O N N 205 
LYS CB   C N N 206 
LYS CG   C N N 207 
LYS CD   C N N 208 
LYS CE   C N N 209 
LYS NZ   N N N 210 
LYS OXT  O N N 211 
LYS H    H N N 212 
LYS H2   H N N 213 
LYS HA   H N N 214 
LYS HB2  H N N 215 
LYS HB3  H N N 216 
LYS HG2  H N N 217 
LYS HG3  H N N 218 
LYS HD2  H N N 219 
LYS HD3  H N N 220 
LYS HE2  H N N 221 
LYS HE3  H N N 222 
LYS HZ1  H N N 223 
LYS HZ2  H N N 224 
LYS HZ3  H N N 225 
LYS HXT  H N N 226 
MET N    N N N 227 
MET CA   C N S 228 
MET C    C N N 229 
MET O    O N N 230 
MET CB   C N N 231 
MET CG   C N N 232 
MET SD   S N N 233 
MET CE   C N N 234 
MET OXT  O N N 235 
MET H    H N N 236 
MET H2   H N N 237 
MET HA   H N N 238 
MET HB2  H N N 239 
MET HB3  H N N 240 
MET HG2  H N N 241 
MET HG3  H N N 242 
MET HE1  H N N 243 
MET HE2  H N N 244 
MET HE3  H N N 245 
MET HXT  H N N 246 
PHE N    N N N 247 
PHE CA   C N S 248 
PHE C    C N N 249 
PHE O    O N N 250 
PHE CB   C N N 251 
PHE CG   C Y N 252 
PHE CD1  C Y N 253 
PHE CD2  C Y N 254 
PHE CE1  C Y N 255 
PHE CE2  C Y N 256 
PHE CZ   C Y N 257 
PHE OXT  O N N 258 
PHE H    H N N 259 
PHE H2   H N N 260 
PHE HA   H N N 261 
PHE HB2  H N N 262 
PHE HB3  H N N 263 
PHE HD1  H N N 264 
PHE HD2  H N N 265 
PHE HE1  H N N 266 
PHE HE2  H N N 267 
PHE HZ   H N N 268 
PHE HXT  H N N 269 
PRO N    N N N 270 
PRO CA   C N S 271 
PRO C    C N N 272 
PRO O    O N N 273 
PRO CB   C N N 274 
PRO CG   C N N 275 
PRO CD   C N N 276 
PRO OXT  O N N 277 
PRO H    H N N 278 
PRO HA   H N N 279 
PRO HB2  H N N 280 
PRO HB3  H N N 281 
PRO HG2  H N N 282 
PRO HG3  H N N 283 
PRO HD2  H N N 284 
PRO HD3  H N N 285 
PRO HXT  H N N 286 
SER N    N N N 287 
SER CA   C N S 288 
SER C    C N N 289 
SER O    O N N 290 
SER CB   C N N 291 
SER OG   O N N 292 
SER OXT  O N N 293 
SER H    H N N 294 
SER H2   H N N 295 
SER HA   H N N 296 
SER HB2  H N N 297 
SER HB3  H N N 298 
SER HG   H N N 299 
SER HXT  H N N 300 
THR N    N N N 301 
THR CA   C N S 302 
THR C    C N N 303 
THR O    O N N 304 
THR CB   C N R 305 
THR OG1  O N N 306 
THR CG2  C N N 307 
THR OXT  O N N 308 
THR H    H N N 309 
THR H2   H N N 310 
THR HA   H N N 311 
THR HB   H N N 312 
THR HG1  H N N 313 
THR HG21 H N N 314 
THR HG22 H N N 315 
THR HG23 H N N 316 
THR HXT  H N N 317 
TRP N    N N N 318 
TRP CA   C N S 319 
TRP C    C N N 320 
TRP O    O N N 321 
TRP CB   C N N 322 
TRP CG   C Y N 323 
TRP CD1  C Y N 324 
TRP CD2  C Y N 325 
TRP NE1  N Y N 326 
TRP CE2  C Y N 327 
TRP CE3  C Y N 328 
TRP CZ2  C Y N 329 
TRP CZ3  C Y N 330 
TRP CH2  C Y N 331 
TRP OXT  O N N 332 
TRP H    H N N 333 
TRP H2   H N N 334 
TRP HA   H N N 335 
TRP HB2  H N N 336 
TRP HB3  H N N 337 
TRP HD1  H N N 338 
TRP HE1  H N N 339 
TRP HE3  H N N 340 
TRP HZ2  H N N 341 
TRP HZ3  H N N 342 
TRP HH2  H N N 343 
TRP HXT  H N N 344 
TYR N    N N N 345 
TYR CA   C N S 346 
TYR C    C N N 347 
TYR O    O N N 348 
TYR CB   C N N 349 
TYR CG   C Y N 350 
TYR CD1  C Y N 351 
TYR CD2  C Y N 352 
TYR CE1  C Y N 353 
TYR CE2  C Y N 354 
TYR CZ   C Y N 355 
TYR OH   O N N 356 
TYR OXT  O N N 357 
TYR H    H N N 358 
TYR H2   H N N 359 
TYR HA   H N N 360 
TYR HB2  H N N 361 
TYR HB3  H N N 362 
TYR HD1  H N N 363 
TYR HD2  H N N 364 
TYR HE1  H N N 365 
TYR HE2  H N N 366 
TYR HH   H N N 367 
TYR HXT  H N N 368 
VAL N    N N N 369 
VAL CA   C N S 370 
VAL C    C N N 371 
VAL O    O N N 372 
VAL CB   C N N 373 
VAL CG1  C N N 374 
VAL CG2  C N N 375 
VAL OXT  O N N 376 
VAL H    H N N 377 
VAL H2   H N N 378 
VAL HA   H N N 379 
VAL HB   H N N 380 
VAL HG11 H N N 381 
VAL HG12 H N N 382 
VAL HG13 H N N 383 
VAL HG21 H N N 384 
VAL HG22 H N N 385 
VAL HG23 H N N 386 
VAL HXT  H N N 387 
# 
loop_
_chem_comp_bond.comp_id 
_chem_comp_bond.atom_id_1 
_chem_comp_bond.atom_id_2 
_chem_comp_bond.value_order 
_chem_comp_bond.pdbx_aromatic_flag 
_chem_comp_bond.pdbx_stereo_config 
_chem_comp_bond.pdbx_ordinal 
ALA N   CA   sing N N 1   
ALA N   H    sing N N 2   
ALA N   H2   sing N N 3   
ALA CA  C    sing N N 4   
ALA CA  CB   sing N N 5   
ALA CA  HA   sing N N 6   
ALA C   O    doub N N 7   
ALA C   OXT  sing N N 8   
ALA CB  HB1  sing N N 9   
ALA CB  HB2  sing N N 10  
ALA CB  HB3  sing N N 11  
ALA OXT HXT  sing N N 12  
ARG N   CA   sing N N 13  
ARG N   H    sing N N 14  
ARG N   H2   sing N N 15  
ARG CA  C    sing N N 16  
ARG CA  CB   sing N N 17  
ARG CA  HA   sing N N 18  
ARG C   O    doub N N 19  
ARG C   OXT  sing N N 20  
ARG CB  CG   sing N N 21  
ARG CB  HB2  sing N N 22  
ARG CB  HB3  sing N N 23  
ARG CG  CD   sing N N 24  
ARG CG  HG2  sing N N 25  
ARG CG  HG3  sing N N 26  
ARG CD  NE   sing N N 27  
ARG CD  HD2  sing N N 28  
ARG CD  HD3  sing N N 29  
ARG NE  CZ   sing N N 30  
ARG NE  HE   sing N N 31  
ARG CZ  NH1  sing N N 32  
ARG CZ  NH2  doub N N 33  
ARG NH1 HH11 sing N N 34  
ARG NH1 HH12 sing N N 35  
ARG NH2 HH21 sing N N 36  
ARG NH2 HH22 sing N N 37  
ARG OXT HXT  sing N N 38  
ASN N   CA   sing N N 39  
ASN N   H    sing N N 40  
ASN N   H2   sing N N 41  
ASN CA  C    sing N N 42  
ASN CA  CB   sing N N 43  
ASN CA  HA   sing N N 44  
ASN C   O    doub N N 45  
ASN C   OXT  sing N N 46  
ASN CB  CG   sing N N 47  
ASN CB  HB2  sing N N 48  
ASN CB  HB3  sing N N 49  
ASN CG  OD1  doub N N 50  
ASN CG  ND2  sing N N 51  
ASN ND2 HD21 sing N N 52  
ASN ND2 HD22 sing N N 53  
ASN OXT HXT  sing N N 54  
ASP N   CA   sing N N 55  
ASP N   H    sing N N 56  
ASP N   H2   sing N N 57  
ASP CA  C    sing N N 58  
ASP CA  CB   sing N N 59  
ASP CA  HA   sing N N 60  
ASP C   O    doub N N 61  
ASP C   OXT  sing N N 62  
ASP CB  CG   sing N N 63  
ASP CB  HB2  sing N N 64  
ASP CB  HB3  sing N N 65  
ASP CG  OD1  doub N N 66  
ASP CG  OD2  sing N N 67  
ASP OD2 HD2  sing N N 68  
ASP OXT HXT  sing N N 69  
CYS N   CA   sing N N 70  
CYS N   H    sing N N 71  
CYS N   H2   sing N N 72  
CYS CA  C    sing N N 73  
CYS CA  CB   sing N N 74  
CYS CA  HA   sing N N 75  
CYS C   O    doub N N 76  
CYS C   OXT  sing N N 77  
CYS CB  SG   sing N N 78  
CYS CB  HB2  sing N N 79  
CYS CB  HB3  sing N N 80  
CYS SG  HG   sing N N 81  
CYS OXT HXT  sing N N 82  
GLN N   CA   sing N N 83  
GLN N   H    sing N N 84  
GLN N   H2   sing N N 85  
GLN CA  C    sing N N 86  
GLN CA  CB   sing N N 87  
GLN CA  HA   sing N N 88  
GLN C   O    doub N N 89  
GLN C   OXT  sing N N 90  
GLN CB  CG   sing N N 91  
GLN CB  HB2  sing N N 92  
GLN CB  HB3  sing N N 93  
GLN CG  CD   sing N N 94  
GLN CG  HG2  sing N N 95  
GLN CG  HG3  sing N N 96  
GLN CD  OE1  doub N N 97  
GLN CD  NE2  sing N N 98  
GLN NE2 HE21 sing N N 99  
GLN NE2 HE22 sing N N 100 
GLN OXT HXT  sing N N 101 
GLU N   CA   sing N N 102 
GLU N   H    sing N N 103 
GLU N   H2   sing N N 104 
GLU CA  C    sing N N 105 
GLU CA  CB   sing N N 106 
GLU CA  HA   sing N N 107 
GLU C   O    doub N N 108 
GLU C   OXT  sing N N 109 
GLU CB  CG   sing N N 110 
GLU CB  HB2  sing N N 111 
GLU CB  HB3  sing N N 112 
GLU CG  CD   sing N N 113 
GLU CG  HG2  sing N N 114 
GLU CG  HG3  sing N N 115 
GLU CD  OE1  doub N N 116 
GLU CD  OE2  sing N N 117 
GLU OE2 HE2  sing N N 118 
GLU OXT HXT  sing N N 119 
GLY N   CA   sing N N 120 
GLY N   H    sing N N 121 
GLY N   H2   sing N N 122 
GLY CA  C    sing N N 123 
GLY CA  HA2  sing N N 124 
GLY CA  HA3  sing N N 125 
GLY C   O    doub N N 126 
GLY C   OXT  sing N N 127 
GLY OXT HXT  sing N N 128 
HIS N   CA   sing N N 129 
HIS N   H    sing N N 130 
HIS N   H2   sing N N 131 
HIS CA  C    sing N N 132 
HIS CA  CB   sing N N 133 
HIS CA  HA   sing N N 134 
HIS C   O    doub N N 135 
HIS C   OXT  sing N N 136 
HIS CB  CG   sing N N 137 
HIS CB  HB2  sing N N 138 
HIS CB  HB3  sing N N 139 
HIS CG  ND1  sing Y N 140 
HIS CG  CD2  doub Y N 141 
HIS ND1 CE1  doub Y N 142 
HIS ND1 HD1  sing N N 143 
HIS CD2 NE2  sing Y N 144 
HIS CD2 HD2  sing N N 145 
HIS CE1 NE2  sing Y N 146 
HIS CE1 HE1  sing N N 147 
HIS NE2 HE2  sing N N 148 
HIS OXT HXT  sing N N 149 
ILE N   CA   sing N N 150 
ILE N   H    sing N N 151 
ILE N   H2   sing N N 152 
ILE CA  C    sing N N 153 
ILE CA  CB   sing N N 154 
ILE CA  HA   sing N N 155 
ILE C   O    doub N N 156 
ILE C   OXT  sing N N 157 
ILE CB  CG1  sing N N 158 
ILE CB  CG2  sing N N 159 
ILE CB  HB   sing N N 160 
ILE CG1 CD1  sing N N 161 
ILE CG1 HG12 sing N N 162 
ILE CG1 HG13 sing N N 163 
ILE CG2 HG21 sing N N 164 
ILE CG2 HG22 sing N N 165 
ILE CG2 HG23 sing N N 166 
ILE CD1 HD11 sing N N 167 
ILE CD1 HD12 sing N N 168 
ILE CD1 HD13 sing N N 169 
ILE OXT HXT  sing N N 170 
LEU N   CA   sing N N 171 
LEU N   H    sing N N 172 
LEU N   H2   sing N N 173 
LEU CA  C    sing N N 174 
LEU CA  CB   sing N N 175 
LEU CA  HA   sing N N 176 
LEU C   O    doub N N 177 
LEU C   OXT  sing N N 178 
LEU CB  CG   sing N N 179 
LEU CB  HB2  sing N N 180 
LEU CB  HB3  sing N N 181 
LEU CG  CD1  sing N N 182 
LEU CG  CD2  sing N N 183 
LEU CG  HG   sing N N 184 
LEU CD1 HD11 sing N N 185 
LEU CD1 HD12 sing N N 186 
LEU CD1 HD13 sing N N 187 
LEU CD2 HD21 sing N N 188 
LEU CD2 HD22 sing N N 189 
LEU CD2 HD23 sing N N 190 
LEU OXT HXT  sing N N 191 
LYS N   CA   sing N N 192 
LYS N   H    sing N N 193 
LYS N   H2   sing N N 194 
LYS CA  C    sing N N 195 
LYS CA  CB   sing N N 196 
LYS CA  HA   sing N N 197 
LYS C   O    doub N N 198 
LYS C   OXT  sing N N 199 
LYS CB  CG   sing N N 200 
LYS CB  HB2  sing N N 201 
LYS CB  HB3  sing N N 202 
LYS CG  CD   sing N N 203 
LYS CG  HG2  sing N N 204 
LYS CG  HG3  sing N N 205 
LYS CD  CE   sing N N 206 
LYS CD  HD2  sing N N 207 
LYS CD  HD3  sing N N 208 
LYS CE  NZ   sing N N 209 
LYS CE  HE2  sing N N 210 
LYS CE  HE3  sing N N 211 
LYS NZ  HZ1  sing N N 212 
LYS NZ  HZ2  sing N N 213 
LYS NZ  HZ3  sing N N 214 
LYS OXT HXT  sing N N 215 
MET N   CA   sing N N 216 
MET N   H    sing N N 217 
MET N   H2   sing N N 218 
MET CA  C    sing N N 219 
MET CA  CB   sing N N 220 
MET CA  HA   sing N N 221 
MET C   O    doub N N 222 
MET C   OXT  sing N N 223 
MET CB  CG   sing N N 224 
MET CB  HB2  sing N N 225 
MET CB  HB3  sing N N 226 
MET CG  SD   sing N N 227 
MET CG  HG2  sing N N 228 
MET CG  HG3  sing N N 229 
MET SD  CE   sing N N 230 
MET CE  HE1  sing N N 231 
MET CE  HE2  sing N N 232 
MET CE  HE3  sing N N 233 
MET OXT HXT  sing N N 234 
PHE N   CA   sing N N 235 
PHE N   H    sing N N 236 
PHE N   H2   sing N N 237 
PHE CA  C    sing N N 238 
PHE CA  CB   sing N N 239 
PHE CA  HA   sing N N 240 
PHE C   O    doub N N 241 
PHE C   OXT  sing N N 242 
PHE CB  CG   sing N N 243 
PHE CB  HB2  sing N N 244 
PHE CB  HB3  sing N N 245 
PHE CG  CD1  doub Y N 246 
PHE CG  CD2  sing Y N 247 
PHE CD1 CE1  sing Y N 248 
PHE CD1 HD1  sing N N 249 
PHE CD2 CE2  doub Y N 250 
PHE CD2 HD2  sing N N 251 
PHE CE1 CZ   doub Y N 252 
PHE CE1 HE1  sing N N 253 
PHE CE2 CZ   sing Y N 254 
PHE CE2 HE2  sing N N 255 
PHE CZ  HZ   sing N N 256 
PHE OXT HXT  sing N N 257 
PRO N   CA   sing N N 258 
PRO N   CD   sing N N 259 
PRO N   H    sing N N 260 
PRO CA  C    sing N N 261 
PRO CA  CB   sing N N 262 
PRO CA  HA   sing N N 263 
PRO C   O    doub N N 264 
PRO C   OXT  sing N N 265 
PRO CB  CG   sing N N 266 
PRO CB  HB2  sing N N 267 
PRO CB  HB3  sing N N 268 
PRO CG  CD   sing N N 269 
PRO CG  HG2  sing N N 270 
PRO CG  HG3  sing N N 271 
PRO CD  HD2  sing N N 272 
PRO CD  HD3  sing N N 273 
PRO OXT HXT  sing N N 274 
SER N   CA   sing N N 275 
SER N   H    sing N N 276 
SER N   H2   sing N N 277 
SER CA  C    sing N N 278 
SER CA  CB   sing N N 279 
SER CA  HA   sing N N 280 
SER C   O    doub N N 281 
SER C   OXT  sing N N 282 
SER CB  OG   sing N N 283 
SER CB  HB2  sing N N 284 
SER CB  HB3  sing N N 285 
SER OG  HG   sing N N 286 
SER OXT HXT  sing N N 287 
THR N   CA   sing N N 288 
THR N   H    sing N N 289 
THR N   H2   sing N N 290 
THR CA  C    sing N N 291 
THR CA  CB   sing N N 292 
THR CA  HA   sing N N 293 
THR C   O    doub N N 294 
THR C   OXT  sing N N 295 
THR CB  OG1  sing N N 296 
THR CB  CG2  sing N N 297 
THR CB  HB   sing N N 298 
THR OG1 HG1  sing N N 299 
THR CG2 HG21 sing N N 300 
THR CG2 HG22 sing N N 301 
THR CG2 HG23 sing N N 302 
THR OXT HXT  sing N N 303 
TRP N   CA   sing N N 304 
TRP N   H    sing N N 305 
TRP N   H2   sing N N 306 
TRP CA  C    sing N N 307 
TRP CA  CB   sing N N 308 
TRP CA  HA   sing N N 309 
TRP C   O    doub N N 310 
TRP C   OXT  sing N N 311 
TRP CB  CG   sing N N 312 
TRP CB  HB2  sing N N 313 
TRP CB  HB3  sing N N 314 
TRP CG  CD1  doub Y N 315 
TRP CG  CD2  sing Y N 316 
TRP CD1 NE1  sing Y N 317 
TRP CD1 HD1  sing N N 318 
TRP CD2 CE2  doub Y N 319 
TRP CD2 CE3  sing Y N 320 
TRP NE1 CE2  sing Y N 321 
TRP NE1 HE1  sing N N 322 
TRP CE2 CZ2  sing Y N 323 
TRP CE3 CZ3  doub Y N 324 
TRP CE3 HE3  sing N N 325 
TRP CZ2 CH2  doub Y N 326 
TRP CZ2 HZ2  sing N N 327 
TRP CZ3 CH2  sing Y N 328 
TRP CZ3 HZ3  sing N N 329 
TRP CH2 HH2  sing N N 330 
TRP OXT HXT  sing N N 331 
TYR N   CA   sing N N 332 
TYR N   H    sing N N 333 
TYR N   H2   sing N N 334 
TYR CA  C    sing N N 335 
TYR CA  CB   sing N N 336 
TYR CA  HA   sing N N 337 
TYR C   O    doub N N 338 
TYR C   OXT  sing N N 339 
TYR CB  CG   sing N N 340 
TYR CB  HB2  sing N N 341 
TYR CB  HB3  sing N N 342 
TYR CG  CD1  doub Y N 343 
TYR CG  CD2  sing Y N 344 
TYR CD1 CE1  sing Y N 345 
TYR CD1 HD1  sing N N 346 
TYR CD2 CE2  doub Y N 347 
TYR CD2 HD2  sing N N 348 
TYR CE1 CZ   doub Y N 349 
TYR CE1 HE1  sing N N 350 
TYR CE2 CZ   sing Y N 351 
TYR CE2 HE2  sing N N 352 
TYR CZ  OH   sing N N 353 
TYR OH  HH   sing N N 354 
TYR OXT HXT  sing N N 355 
VAL N   CA   sing N N 356 
VAL N   H    sing N N 357 
VAL N   H2   sing N N 358 
VAL CA  C    sing N N 359 
VAL CA  CB   sing N N 360 
VAL CA  HA   sing N N 361 
VAL C   O    doub N N 362 
VAL C   OXT  sing N N 363 
VAL CB  CG1  sing N N 364 
VAL CB  CG2  sing N N 365 
VAL CB  HB   sing N N 366 
VAL CG1 HG11 sing N N 367 
VAL CG1 HG12 sing N N 368 
VAL CG1 HG13 sing N N 369 
VAL CG2 HG21 sing N N 370 
VAL CG2 HG22 sing N N 371 
VAL CG2 HG23 sing N N 372 
VAL OXT HXT  sing N N 373 
# 
_em_ctf_correction.details                  ? 
_em_ctf_correction.em_image_processing_id   1 
_em_ctf_correction.id                       1 
_em_ctf_correction.type                     'PHASE FLIPPING AND AMPLITUDE CORRECTION' 
# 
_em_entity_assembly_molwt.entity_assembly_id   1 
_em_entity_assembly_molwt.experimental_flag    NO 
_em_entity_assembly_molwt.id                   1 
_em_entity_assembly_molwt.units                ? 
_em_entity_assembly_molwt.value                ? 
# 
_em_entity_assembly_naturalsource.cell                 ? 
_em_entity_assembly_naturalsource.cellular_location    ? 
_em_entity_assembly_naturalsource.entity_assembly_id   1 
_em_entity_assembly_naturalsource.id                   2 
_em_entity_assembly_naturalsource.ncbi_tax_id          9606 
_em_entity_assembly_naturalsource.organism             'Homo sapiens' 
_em_entity_assembly_naturalsource.organelle            ? 
_em_entity_assembly_naturalsource.organ                ? 
_em_entity_assembly_naturalsource.strain               ? 
_em_entity_assembly_naturalsource.tissue               ? 
# 
_em_entity_assembly_recombinant.cell                 ? 
_em_entity_assembly_recombinant.entity_assembly_id   1 
_em_entity_assembly_recombinant.id                   2 
_em_entity_assembly_recombinant.ncbi_tax_id          7108 
_em_entity_assembly_recombinant.organism             'Spodoptera frugiperda' 
_em_entity_assembly_recombinant.plasmid              ? 
_em_entity_assembly_recombinant.strain               ? 
# 
_em_image_processing.details              ? 
_em_image_processing.id                   1 
_em_image_processing.image_recording_id   1 
# 
_em_image_recording.average_exposure_time               ? 
_em_image_recording.avg_electron_dose_per_subtomogram   ? 
_em_image_recording.avg_electron_dose_per_image         69.6 
_em_image_recording.details                             ? 
_em_image_recording.detector_mode                       COUNTING 
_em_image_recording.film_or_detector_model              'GATAN K2 SUMMIT (4k x 4k)' 
_em_image_recording.id                                  1 
_em_image_recording.imaging_id                          1 
_em_image_recording.num_diffraction_images              ? 
_em_image_recording.num_grids_imaged                    ? 
_em_image_recording.num_real_images                     ? 
# 
loop_
_em_software.category 
_em_software.details 
_em_software.id 
_em_software.image_processing_id 
_em_software.fitting_id 
_em_software.imaging_id 
_em_software.name 
_em_software.version 
'PARTICLE SELECTION'            ? 1  1 ? ? ? ? 
'IMAGE ACQUISITION'             ? 2  ? ? 1 ? ? 
MASKING                         ? 3  ? ? ? ? ? 
'CTF CORRECTION'                ? 4  1 ? ? ? ? 
'LAYERLINE INDEXING'            ? 5  ? ? ? ? ? 
'DIFFRACTION INDEXING'          ? 6  ? ? ? ? ? 
'MODEL FITTING'                 ? 7  ? ? ? ? ? 
'MODEL REFINEMENT'              ? 8  ? ? ? ? ? 
OTHER                           ? 9  ? ? ? ? ? 
'INITIAL EULER ASSIGNMENT'      ? 10 1 ? ? ? ? 
'FINAL EULER ASSIGNMENT'        ? 11 1 ? ? ? ? 
CLASSIFICATION                  ? 12 1 ? ? ? ? 
RECONSTRUCTION                  ? 13 1 ? ? ? ? 
'VOLUME SELECTION'              ? 14 1 1 1 ? ? 
'SERIES ALIGNMENT'              ? 15 1 1 1 ? ? 
'MOLECULAR REPLACEMENT'         ? 16 1 1 1 ? ? 
'LATTICE DISTORTION CORRECTION' ? 17 1 1 1 ? ? 
'SYMMETRY DETERMINATION'        ? 18 1 1 1 ? ? 
'CRYSTALLOGRAPHY MERGING'       ? 19 1 1 1 ? ? 
# 
_em_specimen.concentration           7.2 
_em_specimen.details                 ? 
_em_specimen.embedding_applied       NO 
_em_specimen.experiment_id           1 
_em_specimen.id                      1 
_em_specimen.shadowing_applied       NO 
_em_specimen.staining_applied        NO 
_em_specimen.vitrification_applied   YES 
# 
_pdbx_audit_support.funding_organization   'Japan Society for the Promotion of Science (JSPS)' 
_pdbx_audit_support.country                Japan 
_pdbx_audit_support.grant_number           20H00451 
_pdbx_audit_support.ordinal                1 
# 
_atom_sites.entry_id                    8GCL 
_atom_sites.Cartn_transf_matrix[1][1]   ? 
_atom_sites.Cartn_transf_matrix[1][2]   ? 
_atom_sites.Cartn_transf_matrix[1][3]   ? 
_atom_sites.Cartn_transf_matrix[2][1]   ? 
_atom_sites.Cartn_transf_matrix[2][2]   ? 
_atom_sites.Cartn_transf_matrix[2][3]   ? 
_atom_sites.Cartn_transf_matrix[3][1]   ? 
_atom_sites.Cartn_transf_matrix[3][2]   ? 
_atom_sites.Cartn_transf_matrix[3][3]   ? 
_atom_sites.Cartn_transf_vector[1]      ? 
_atom_sites.Cartn_transf_vector[2]      ? 
_atom_sites.Cartn_transf_vector[3]      ? 
_atom_sites.fract_transf_matrix[1][1]   1.000000 
_atom_sites.fract_transf_matrix[1][2]   0.000000 
_atom_sites.fract_transf_matrix[1][3]   0.000000 
_atom_sites.fract_transf_matrix[2][1]   0.000000 
_atom_sites.fract_transf_matrix[2][2]   1.000000 
_atom_sites.fract_transf_matrix[2][3]   0.000000 
_atom_sites.fract_transf_matrix[3][1]   0.000000 
_atom_sites.fract_transf_matrix[3][2]   0.000000 
_atom_sites.fract_transf_matrix[3][3]   1.000000 
_atom_sites.fract_transf_vector[1]      0.00000 
_atom_sites.fract_transf_vector[2]      0.00000 
_atom_sites.fract_transf_vector[3]      0.00000 
_atom_sites.solution_primary            ? 
_atom_sites.solution_secondary          ? 
_atom_sites.solution_hydrogens          ? 
_atom_sites.special_details             ? 
# 
loop_
_atom_type.symbol 
C 
N 
O 
S 
# 
loop_
_atom_site.group_PDB 
_atom_site.id 
_atom_site.type_symbol 
_atom_site.label_atom_id 
_atom_site.label_alt_id 
_atom_site.label_comp_id 
_atom_site.label_asym_id 
_atom_site.label_entity_id 
_atom_site.label_seq_id 
_atom_site.pdbx_PDB_ins_code 
_atom_site.Cartn_x 
_atom_site.Cartn_y 
_atom_site.Cartn_z 
_atom_site.occupancy 
_atom_site.B_iso_or_equiv 
_atom_site.pdbx_formal_charge 
_atom_site.auth_seq_id 
_atom_site.auth_comp_id 
_atom_site.auth_asym_id 
_atom_site.auth_atom_id 
_atom_site.pdbx_PDB_model_num 
ATOM 1    N N   . GLU A 1 3   ? -13.702 20.007  -6.535  1.00 170.86 ? 3   GLU A N   1 
ATOM 2    C CA  . GLU A 1 3   ? -13.382 18.821  -5.693  1.00 166.39 ? 3   GLU A CA  1 
ATOM 3    C C   . GLU A 1 3   ? -12.296 19.169  -4.680  1.00 144.70 ? 3   GLU A C   1 
ATOM 4    O O   . GLU A 1 3   ? -12.379 18.759  -3.535  1.00 145.91 ? 3   GLU A O   1 
ATOM 5    C CB  . GLU A 1 3   ? -12.936 17.652  -6.569  1.00 184.73 ? 3   GLU A CB  1 
ATOM 6    C CG  . GLU A 1 3   ? -12.634 16.389  -5.785  1.00 188.20 ? 3   GLU A CG  1 
ATOM 7    C CD  . GLU A 1 3   ? -12.150 15.232  -6.644  1.00 187.73 ? 3   GLU A CD  1 
ATOM 8    O OE1 . GLU A 1 3   ? -11.321 15.468  -7.558  1.00 183.50 ? 3   GLU A OE1 1 
ATOM 9    O OE2 . GLU A 1 3   ? -12.591 14.093  -6.396  1.00 170.96 ? 3   GLU A OE2 1 
ATOM 10   N N   . LEU A 1 4   ? -11.287 19.938  -5.102  1.00 148.16 ? 4   LEU A N   1 
ATOM 11   C CA  . LEU A 1 4   ? -10.201 20.332  -4.215  1.00 125.45 ? 4   LEU A CA  1 
ATOM 12   C C   . LEU A 1 4   ? -10.727 21.241  -3.101  1.00 102.03 ? 4   LEU A C   1 
ATOM 13   O O   . LEU A 1 4   ? -10.285 21.132  -1.959  1.00 122.92 ? 4   LEU A O   1 
ATOM 14   C CB  . LEU A 1 4   ? -9.103  21.029  -5.034  1.00 145.35 ? 4   LEU A CB  1 
ATOM 15   C CG  . LEU A 1 4   ? -7.635  20.816  -4.623  1.00 159.63 ? 4   LEU A CG  1 
ATOM 16   C CD1 . LEU A 1 4   ? -6.691  21.455  -5.636  1.00 164.52 ? 4   LEU A CD1 1 
ATOM 17   C CD2 . LEU A 1 4   ? -7.305  21.376  -3.234  1.00 163.50 ? 4   LEU A CD2 1 
ATOM 18   N N   . ARG A 1 5   ? -11.664 22.136  -3.425  1.00 106.80 ? 5   ARG A N   1 
ATOM 19   C CA  . ARG A 1 5   ? -12.212 23.080  -2.460  1.00 125.52 ? 5   ARG A CA  1 
ATOM 20   C C   . ARG A 1 5   ? -13.123 22.414  -1.414  1.00 113.35 ? 5   ARG A C   1 
ATOM 21   O O   . ARG A 1 5   ? -13.495 23.045  -0.425  1.00 120.85 ? 5   ARG A O   1 
ATOM 22   C CB  . ARG A 1 5   ? -12.965 24.191  -3.209  1.00 131.44 ? 5   ARG A CB  1 
ATOM 23   N N   . SER A 1 6   ? -13.504 21.154  -1.637  1.00 111.48 ? 6   SER A N   1 
ATOM 24   C CA  . SER A 1 6   ? -14.400 20.449  -0.730  1.00 96.76  ? 6   SER A CA  1 
ATOM 25   C C   . SER A 1 6   ? -13.696 20.140  0.587   1.00 102.59 ? 6   SER A C   1 
ATOM 26   O O   . SER A 1 6   ? -12.529 19.795  0.623   1.00 94.33  ? 6   SER A O   1 
ATOM 27   C CB  . SER A 1 6   ? -14.925 19.188  -1.356  1.00 89.10  ? 6   SER A CB  1 
ATOM 28   O OG  . SER A 1 6   ? -15.803 18.514  -0.487  1.00 86.07  ? 6   SER A OG  1 
ATOM 29   N N   . ILE A 1 7   ? -14.432 20.284  1.693   1.00 109.44 ? 7   ILE A N   1 
ATOM 30   C CA  . ILE A 1 7   ? -13.913 19.961  3.011   1.00 92.17  ? 7   ILE A CA  1 
ATOM 31   C C   . ILE A 1 7   ? -13.724 18.453  3.163   1.00 86.82  ? 7   ILE A C   1 
ATOM 32   O O   . ILE A 1 7   ? -12.766 18.009  3.782   1.00 91.68  ? 7   ILE A O   1 
ATOM 33   C CB  . ILE A 1 7   ? -14.834 20.546  4.089   1.00 116.39 ? 7   ILE A CB  1 
ATOM 34   C CG1 . ILE A 1 7   ? -14.974 22.063  3.874   1.00 157.44 ? 7   ILE A CG1 1 
ATOM 35   C CG2 . ILE A 1 7   ? -14.343 20.218  5.499   1.00 126.70 ? 7   ILE A CG2 1 
ATOM 36   C CD1 . ILE A 1 7   ? -15.563 22.848  5.052   1.00 177.59 ? 7   ILE A CD1 1 
ATOM 37   N N   . ALA A 1 8   ? -14.600 17.654  2.565   1.00 85.24  ? 8   ALA A N   1 
ATOM 38   C CA  . ALA A 1 8   ? -14.481 16.202  2.644   1.00 78.58  ? 8   ALA A CA  1 
ATOM 39   C C   . ALA A 1 8   ? -13.254 15.703  1.896   1.00 80.46  ? 8   ALA A C   1 
ATOM 40   O O   . ALA A 1 8   ? -12.722 14.640  2.230   1.00 106.48 ? 8   ALA A O   1 
ATOM 41   C CB  . ALA A 1 8   ? -15.727 15.513  2.116   1.00 85.82  ? 8   ALA A CB  1 
ATOM 42   N N   . PHE A 1 9   ? -12.801 16.446  0.883   1.00 80.37  ? 9   PHE A N   1 
ATOM 43   C CA  . PHE A 1 9   ? -11.587 16.058  0.176   1.00 78.20  ? 9   PHE A CA  1 
ATOM 44   C C   . PHE A 1 9   ? -10.352 16.298  1.026   1.00 66.57  ? 9   PHE A C   1 
ATOM 45   O O   . PHE A 1 9   ? -9.415  15.497  1.017   1.00 74.79  ? 9   PHE A O   1 
ATOM 46   C CB  . PHE A 1 9   ? -11.473 16.833  -1.140  1.00 81.92  ? 9   PHE A CB  1 
ATOM 47   C CG  . PHE A 1 9   ? -10.184 16.607  -1.885  1.00 60.22  ? 9   PHE A CG  1 
ATOM 48   C CD1 . PHE A 1 9   ? -9.906  15.405  -2.479  1.00 69.15  ? 9   PHE A CD1 1 
ATOM 49   C CD2 . PHE A 1 9   ? -9.260  17.588  -1.982  1.00 61.48  ? 9   PHE A CD2 1 
ATOM 50   C CE1 . PHE A 1 9   ? -8.718  15.196  -3.140  1.00 71.68  ? 9   PHE A CE1 1 
ATOM 51   C CE2 . PHE A 1 9   ? -8.064  17.383  -2.628  1.00 65.28  ? 9   PHE A CE2 1 
ATOM 52   C CZ  . PHE A 1 9   ? -7.799  16.190  -3.199  1.00 73.07  ? 9   PHE A CZ  1 
ATOM 53   N N   . SER A 1 10  ? -10.332 17.418  1.759   1.00 70.79  ? 10  SER A N   1 
ATOM 54   C CA  . SER A 1 10  ? -9.217  17.721  2.635   1.00 59.58  ? 10  SER A CA  1 
ATOM 55   C C   . SER A 1 10  ? -9.146  16.686  3.759   1.00 58.81  ? 10  SER A C   1 
ATOM 56   O O   . SER A 1 10  ? -8.067  16.361  4.252   1.00 72.03  ? 10  SER A O   1 
ATOM 57   C CB  . SER A 1 10  ? -9.331  19.117  3.164   1.00 67.30  ? 10  SER A CB  1 
ATOM 58   O OG  . SER A 1 10  ? -9.430  20.053  2.097   1.00 86.03  ? 10  SER A OG  1 
ATOM 59   N N   . ARG A 1 11  ? -10.288 16.203  4.228   1.00 53.36  ? 11  ARG A N   1 
ATOM 60   C CA  . ARG A 1 11  ? -10.305 15.157  5.228   1.00 54.92  ? 11  ARG A CA  1 
ATOM 61   C C   . ARG A 1 11  ? -9.802  13.851  4.659   1.00 54.26  ? 11  ARG A C   1 
ATOM 62   O O   . ARG A 1 11  ? -9.269  13.015  5.399   1.00 74.54  ? 11  ARG A O   1 
ATOM 63   C CB  . ARG A 1 11  ? -11.708 14.975  5.815   1.00 53.16  ? 11  ARG A CB  1 
ATOM 64   C CG  . ARG A 1 11  ? -12.172 16.145  6.671   1.00 61.68  ? 11  ARG A CG  1 
ATOM 65   C CD  . ARG A 1 11  ? -13.645 16.005  6.990   1.00 73.44  ? 11  ARG A CD  1 
ATOM 66   N NE  . ARG A 1 11  ? -14.201 17.155  7.682   1.00 86.29  ? 11  ARG A NE  1 
ATOM 67   C CZ  . ARG A 1 11  ? -15.495 17.452  7.657   1.00 116.96 ? 11  ARG A CZ  1 
ATOM 68   N NH1 . ARG A 1 11  ? -16.313 16.712  6.921   1.00 116.93 ? 11  ARG A NH1 1 
ATOM 69   N NH2 . ARG A 1 11  ? -15.947 18.528  8.290   1.00 134.97 ? 11  ARG A NH2 1 
ATOM 70   N N   . ALA A 1 12  ? -9.986  13.635  3.361   1.00 63.42  ? 12  ALA A N   1 
ATOM 71   C CA  . ALA A 1 12  ? -9.517  12.409  2.726   1.00 68.64  ? 12  ALA A CA  1 
ATOM 72   C C   . ALA A 1 12  ? -8.005  12.422  2.559   1.00 63.87  ? 12  ALA A C   1 
ATOM 73   O O   . ALA A 1 12  ? -7.351  11.396  2.698   1.00 58.90  ? 12  ALA A O   1 
ATOM 74   C CB  . ALA A 1 12  ? -10.224 12.215  1.410   1.00 77.47  ? 12  ALA A CB  1 
ATOM 75   N N   . VAL A 1 13  ? -7.437  13.570  2.228   1.00 62.93  ? 13  VAL A N   1 
ATOM 76   C CA  . VAL A 1 13  ? -5.992  13.677  2.072   1.00 49.61  ? 13  VAL A CA  1 
ATOM 77   C C   . VAL A 1 13  ? -5.315  13.513  3.424   1.00 57.13  ? 13  VAL A C   1 
ATOM 78   O O   . VAL A 1 13  ? -4.276  12.855  3.521   1.00 79.07  ? 13  VAL A O   1 
ATOM 79   C CB  . VAL A 1 13  ? -5.624  15.002  1.406   1.00 50.79  ? 13  VAL A CB  1 
ATOM 80   C CG1 . VAL A 1 13  ? -4.152  15.156  1.268   1.00 62.59  ? 13  VAL A CG1 1 
ATOM 81   C CG2 . VAL A 1 13  ? -6.266  15.146  0.052   1.00 57.64  ? 13  VAL A CG2 1 
ATOM 82   N N   . PHE A 1 14  ? -5.873  14.101  4.485   1.00 61.27  ? 14  PHE A N   1 
ATOM 83   C CA  . PHE A 1 14  ? -5.318  13.934  5.824   1.00 57.33  ? 14  PHE A CA  1 
ATOM 84   C C   . PHE A 1 14  ? -5.484  12.500  6.311   1.00 55.17  ? 14  PHE A C   1 
ATOM 85   O O   . PHE A 1 14  ? -4.642  11.986  7.047   1.00 79.40  ? 14  PHE A O   1 
ATOM 86   C CB  . PHE A 1 14  ? -5.971  14.898  6.816   1.00 64.23  ? 14  PHE A CB  1 
ATOM 87   C CG  . PHE A 1 14  ? -5.448  14.749  8.217   1.00 73.47  ? 14  PHE A CG  1 
ATOM 88   C CD1 . PHE A 1 14  ? -4.145  15.099  8.515   1.00 74.10  ? 14  PHE A CD1 1 
ATOM 89   C CD2 . PHE A 1 14  ? -6.242  14.225  9.228   1.00 98.69  ? 14  PHE A CD2 1 
ATOM 90   C CE1 . PHE A 1 14  ? -3.641  14.920  9.791   1.00 97.17  ? 14  PHE A CE1 1 
ATOM 91   C CE2 . PHE A 1 14  ? -5.724  13.994  10.492  1.00 106.82 ? 14  PHE A CE2 1 
ATOM 92   C CZ  . PHE A 1 14  ? -4.427  14.350  10.769  1.00 117.10 ? 14  PHE A CZ  1 
ATOM 93   N N   . ALA A 1 15  ? -6.567  11.833  5.918   1.00 52.02  ? 15  ALA A N   1 
ATOM 94   C CA  . ALA A 1 15  ? -6.757  10.445  6.294   1.00 55.66  ? 15  ALA A CA  1 
ATOM 95   C C   . ALA A 1 15  ? -5.711  9.562   5.631   1.00 59.10  ? 15  ALA A C   1 
ATOM 96   O O   . ALA A 1 15  ? -5.206  8.630   6.254   1.00 59.37  ? 15  ALA A O   1 
ATOM 97   C CB  . ALA A 1 15  ? -8.157  9.987   5.930   1.00 66.52  ? 15  ALA A CB  1 
ATOM 98   N N   . GLU A 1 16  ? -5.390  9.829   4.360   1.00 68.96  ? 16  GLU A N   1 
ATOM 99   C CA  . GLU A 1 16  ? -4.343  9.086   3.666   1.00 70.26  ? 16  GLU A CA  1 
ATOM 100  C C   . GLU A 1 16  ? -2.967  9.415   4.236   1.00 74.43  ? 16  GLU A C   1 
ATOM 101  O O   . GLU A 1 16  ? -2.103  8.544   4.283   1.00 73.35  ? 16  GLU A O   1 
ATOM 102  C CB  . GLU A 1 16  ? -4.380  9.374   2.169   1.00 69.67  ? 16  GLU A CB  1 
ATOM 103  C CG  . GLU A 1 16  ? -5.548  8.707   1.472   1.00 87.99  ? 16  GLU A CG  1 
ATOM 104  C CD  . GLU A 1 16  ? -5.405  7.214   1.252   1.00 84.17  ? 16  GLU A CD  1 
ATOM 105  O OE1 . GLU A 1 16  ? -6.331  6.608   0.683   1.00 84.54  ? 16  GLU A OE1 1 
ATOM 106  O OE2 . GLU A 1 16  ? -4.375  6.671   1.605   1.00 84.91  ? 16  GLU A OE2 1 
ATOM 107  N N   . PHE A 1 17  ? -2.778  10.658  4.680   1.00 73.53  ? 17  PHE A N   1 
ATOM 108  C CA  . PHE A 1 17  ? -1.544  11.035  5.353   1.00 67.27  ? 17  PHE A CA  1 
ATOM 109  C C   . PHE A 1 17  ? -1.402  10.304  6.677   1.00 61.46  ? 17  PHE A C   1 
ATOM 110  O O   . PHE A 1 17  ? -0.319  9.813   7.008   1.00 78.00  ? 17  PHE A O   1 
ATOM 111  C CB  . PHE A 1 17  ? -1.492  12.543  5.579   1.00 70.11  ? 17  PHE A CB  1 
ATOM 112  C CG  . PHE A 1 17  ? -0.256  12.996  6.326   1.00 66.88  ? 17  PHE A CG  1 
ATOM 113  C CD1 . PHE A 1 17  ? 0.913   13.276  5.649   1.00 78.63  ? 17  PHE A CD1 1 
ATOM 114  C CD2 . PHE A 1 17  ? -0.267  13.175  7.688   1.00 62.22  ? 17  PHE A CD2 1 
ATOM 115  C CE1 . PHE A 1 17  ? 2.025   13.719  6.330   1.00 82.58  ? 17  PHE A CE1 1 
ATOM 116  C CE2 . PHE A 1 17  ? 0.851   13.595  8.361   1.00 66.96  ? 17  PHE A CE2 1 
ATOM 117  C CZ  . PHE A 1 17  ? 1.996   13.856  7.686   1.00 80.50  ? 17  PHE A CZ  1 
ATOM 118  N N   . LEU A 1 18  ? -2.499  10.202  7.428   1.00 68.17  ? 18  LEU A N   1 
ATOM 119  C CA  . LEU A 1 18  ? -2.452  9.578   8.744   1.00 67.14  ? 18  LEU A CA  1 
ATOM 120  C C   . LEU A 1 18  ? -2.393  8.064   8.608   1.00 64.21  ? 18  LEU A C   1 
ATOM 121  O O   . LEU A 1 18  ? -1.778  7.407   9.435   1.00 85.32  ? 18  LEU A O   1 
ATOM 122  C CB  . LEU A 1 18  ? -3.676  10.015  9.560   1.00 72.56  ? 18  LEU A CB  1 
ATOM 123  C CG  . LEU A 1 18  ? -3.828  9.439   10.959  1.00 80.02  ? 18  LEU A CG  1 
ATOM 124  C CD1 . LEU A 1 18  ? -2.752  9.981   11.868  1.00 85.90  ? 18  LEU A CD1 1 
ATOM 125  C CD2 . LEU A 1 18  ? -5.211  9.747   11.507  1.00 96.39  ? 18  LEU A CD2 1 
ATOM 126  N N   . ALA A 1 19  ? -3.032  7.487   7.587   1.00 61.45  ? 19  ALA A N   1 
ATOM 127  C CA  . ALA A 1 19  ? -3.039  6.040   7.419   1.00 69.94  ? 19  ALA A CA  1 
ATOM 128  C C   . ALA A 1 19  ? -1.641  5.539   7.084   1.00 72.91  ? 19  ALA A C   1 
ATOM 129  O O   . ALA A 1 19  ? -1.175  4.565   7.663   1.00 86.38  ? 19  ALA A O   1 
ATOM 130  C CB  . ALA A 1 19  ? -4.030  5.626   6.348   1.00 75.31  ? 19  ALA A CB  1 
ATOM 131  N N   . THR A 1 20  ? -0.961  6.186   6.146   1.00 72.01  ? 20  THR A N   1 
ATOM 132  C CA  . THR A 1 20  ? 0.389   5.779   5.799   1.00 68.95  ? 20  THR A CA  1 
ATOM 133  C C   . THR A 1 20  ? 1.377   6.096   6.918   1.00 64.36  ? 20  THR A C   1 
ATOM 134  O O   . THR A 1 20  ? 2.397   5.439   7.041   1.00 93.97  ? 20  THR A O   1 
ATOM 135  C CB  . THR A 1 20  ? 0.843   6.448   4.498   1.00 67.52  ? 20  THR A CB  1 
ATOM 136  O OG1 . THR A 1 20  ? -0.278  6.616   3.641   1.00 73.21  ? 20  THR A OG1 1 
ATOM 137  C CG2 . THR A 1 20  ? 1.866   5.605   3.794   1.00 80.20  ? 20  THR A CG2 1 
ATOM 138  N N   . LEU A 1 21  ? 1.091   7.100   7.739   1.00 66.27  ? 21  LEU A N   1 
ATOM 139  C CA  . LEU A 1 21  ? 1.930   7.396   8.892   1.00 63.39  ? 21  LEU A CA  1 
ATOM 140  C C   . LEU A 1 21  ? 1.825   6.278   9.913   1.00 71.43  ? 21  LEU A C   1 
ATOM 141  O O   . LEU A 1 21  ? 2.835   5.866   10.484  1.00 89.41  ? 21  LEU A O   1 
ATOM 142  C CB  . LEU A 1 21  ? 1.521   8.738   9.523   1.00 68.23  ? 21  LEU A CB  1 
ATOM 143  C CG  . LEU A 1 21  ? 2.487   9.385   10.516  1.00 66.96  ? 21  LEU A CG  1 
ATOM 144  C CD1 . LEU A 1 21  ? 2.457   10.875  10.423  1.00 70.17  ? 21  LEU A CD1 1 
ATOM 145  C CD2 . LEU A 1 21  ? 2.173   8.992   11.946  1.00 79.27  ? 21  LEU A CD2 1 
ATOM 146  N N   . LEU A 1 22  ? 0.613   5.765   10.152  1.00 62.77  ? 22  LEU A N   1 
ATOM 147  C CA  . LEU A 1 22  ? 0.434   4.719   11.134  1.00 60.57  ? 22  LEU A CA  1 
ATOM 148  C C   . LEU A 1 22  ? 0.875   3.375   10.565  1.00 54.15  ? 22  LEU A C   1 
ATOM 149  O O   . LEU A 1 22  ? 1.369   2.524   11.300  1.00 68.64  ? 22  LEU A O   1 
ATOM 150  C CB  . LEU A 1 22  ? -1.029  4.673   11.590  1.00 64.75  ? 22  LEU A CB  1 
ATOM 151  C CG  . LEU A 1 22  ? -1.516  5.875   12.404  1.00 65.42  ? 22  LEU A CG  1 
ATOM 152  C CD1 . LEU A 1 22  ? -2.995  5.722   12.730  1.00 78.14  ? 22  LEU A CD1 1 
ATOM 153  C CD2 . LEU A 1 22  ? -0.718  6.089   13.668  1.00 70.40  ? 22  LEU A CD2 1 
ATOM 154  N N   . PHE A 1 23  ? 0.661   3.126   9.284   1.00 57.52  ? 23  PHE A N   1 
ATOM 155  C CA  . PHE A 1 23  ? 1.042   1.859   8.683   1.00 68.39  ? 23  PHE A CA  1 
ATOM 156  C C   . PHE A 1 23  ? 2.553   1.684   8.688   1.00 69.02  ? 23  PHE A C   1 
ATOM 157  O O   . PHE A 1 23  ? 3.063   0.596   8.942   1.00 72.34  ? 23  PHE A O   1 
ATOM 158  C CB  . PHE A 1 23  ? 0.503   1.769   7.253   1.00 75.69  ? 23  PHE A CB  1 
ATOM 159  C CG  . PHE A 1 23  ? 1.018   0.594   6.478   1.00 82.67  ? 23  PHE A CG  1 
ATOM 160  C CD1 . PHE A 1 23  ? 0.759   -0.698  6.900   1.00 78.62  ? 23  PHE A CD1 1 
ATOM 161  C CD2 . PHE A 1 23  ? 1.772   0.798   5.335   1.00 84.20  ? 23  PHE A CD2 1 
ATOM 162  C CE1 . PHE A 1 23  ? 1.254   -1.758  6.165   1.00 95.17  ? 23  PHE A CE1 1 
ATOM 163  C CE2 . PHE A 1 23  ? 2.295   -0.273  4.635   1.00 84.31  ? 23  PHE A CE2 1 
ATOM 164  C CZ  . PHE A 1 23  ? 2.000   -1.546  5.022   1.00 101.41 ? 23  PHE A CZ  1 
ATOM 165  N N   . VAL A 1 24  ? 3.294   2.747   8.383   1.00 66.18  ? 24  VAL A N   1 
ATOM 166  C CA  . VAL A 1 24  ? 4.742   2.691   8.432   1.00 64.10  ? 24  VAL A CA  1 
ATOM 167  C C   . VAL A 1 24  ? 5.215   2.618   9.890   1.00 72.56  ? 24  VAL A C   1 
ATOM 168  O O   . VAL A 1 24  ? 6.148   1.914   10.222  1.00 88.36  ? 24  VAL A O   1 
ATOM 169  C CB  . VAL A 1 24  ? 5.323   3.903   7.696   1.00 70.46  ? 24  VAL A CB  1 
ATOM 170  C CG1 . VAL A 1 24  ? 6.764   4.135   8.045   1.00 85.12  ? 24  VAL A CG1 1 
ATOM 171  C CG2 . VAL A 1 24  ? 5.164   3.751   6.210   1.00 70.58  ? 24  VAL A CG2 1 
ATOM 172  N N   . PHE A 1 25  ? 4.572   3.332   10.795  1.00 71.39  ? 25  PHE A N   1 
ATOM 173  C CA  . PHE A 1 25  ? 4.929   3.293   12.202  1.00 70.98  ? 25  PHE A CA  1 
ATOM 174  C C   . PHE A 1 25  ? 4.746   1.901   12.795  1.00 77.18  ? 25  PHE A C   1 
ATOM 175  O O   . PHE A 1 25  ? 5.605   1.396   13.497  1.00 88.14  ? 25  PHE A O   1 
ATOM 176  C CB  . PHE A 1 25  ? 4.081   4.313   12.972  1.00 73.52  ? 25  PHE A CB  1 
ATOM 177  C CG  . PHE A 1 25  ? 4.526   4.556   14.381  1.00 74.42  ? 25  PHE A CG  1 
ATOM 178  C CD1 . PHE A 1 25  ? 5.592   5.382   14.642  1.00 73.70  ? 25  PHE A CD1 1 
ATOM 179  C CD2 . PHE A 1 25  ? 3.880   3.945   15.439  1.00 93.21  ? 25  PHE A CD2 1 
ATOM 180  C CE1 . PHE A 1 25  ? 5.980   5.611   15.942  1.00 80.38  ? 25  PHE A CE1 1 
ATOM 181  C CE2 . PHE A 1 25  ? 4.303   4.128   16.735  1.00 103.70 ? 25  PHE A CE2 1 
ATOM 182  C CZ  . PHE A 1 25  ? 5.326   4.995   16.976  1.00 89.16  ? 25  PHE A CZ  1 
ATOM 183  N N   . PHE A 1 26  ? 3.591   1.282   12.558  1.00 70.99  ? 26  PHE A N   1 
ATOM 184  C CA  . PHE A 1 26  ? 3.290   0.012   13.183  1.00 68.60  ? 26  PHE A CA  1 
ATOM 185  C C   . PHE A 1 26  ? 3.883   -1.139  12.377  1.00 79.12  ? 26  PHE A C   1 
ATOM 186  O O   . PHE A 1 26  ? 4.143   -2.211  12.917  1.00 100.67 ? 26  PHE A O   1 
ATOM 187  C CB  . PHE A 1 26  ? 1.776   -0.165  13.328  1.00 80.61  ? 26  PHE A CB  1 
ATOM 188  C CG  . PHE A 1 26  ? 1.203   0.593   14.485  1.00 89.16  ? 26  PHE A CG  1 
ATOM 189  C CD1 . PHE A 1 26  ? 1.032   -0.026  15.708  1.00 111.83 ? 26  PHE A CD1 1 
ATOM 190  C CD2 . PHE A 1 26  ? 0.822   1.914   14.353  1.00 86.82  ? 26  PHE A CD2 1 
ATOM 191  C CE1 . PHE A 1 26  ? 0.510   0.680   16.782  1.00 119.78 ? 26  PHE A CE1 1 
ATOM 192  C CE2 . PHE A 1 26  ? 0.296   2.624   15.417  1.00 98.30  ? 26  PHE A CE2 1 
ATOM 193  C CZ  . PHE A 1 26  ? 0.159   2.006   16.640  1.00 113.89 ? 26  PHE A CZ  1 
ATOM 194  N N   . GLY A 1 27  ? 4.093   -0.953  11.078  1.00 80.92  ? 27  GLY A N   1 
ATOM 195  C CA  . GLY A 1 27  ? 4.613   -2.037  10.268  1.00 78.71  ? 27  GLY A CA  1 
ATOM 196  C C   . GLY A 1 27  ? 6.125   -2.150  10.361  1.00 66.41  ? 27  GLY A C   1 
ATOM 197  O O   . GLY A 1 27  ? 6.633   -3.240  10.602  1.00 90.74  ? 27  GLY A O   1 
ATOM 198  N N   . LEU A 1 28  ? 6.855   -1.061  10.157  1.00 52.97  ? 28  LEU A N   1 
ATOM 199  C CA  . LEU A 1 28  ? 8.304   -1.126  10.168  1.00 58.12  ? 28  LEU A CA  1 
ATOM 200  C C   . LEU A 1 28  ? 8.829   -1.399  11.567  1.00 52.66  ? 28  LEU A C   1 
ATOM 201  O O   . LEU A 1 28  ? 9.862   -2.029  11.719  1.00 71.30  ? 28  LEU A O   1 
ATOM 202  C CB  . LEU A 1 28  ? 8.928   0.175   9.628   1.00 56.39  ? 28  LEU A CB  1 
ATOM 203  C CG  . LEU A 1 28  ? 8.622   0.537   8.191   1.00 66.12  ? 28  LEU A CG  1 
ATOM 204  C CD1 . LEU A 1 28  ? 9.457   1.723   7.774   1.00 65.96  ? 28  LEU A CD1 1 
ATOM 205  C CD2 . LEU A 1 28  ? 8.805   -0.663  7.264   1.00 80.46  ? 28  LEU A CD2 1 
ATOM 206  N N   . GLY A 1 29  ? 8.168   -0.887  12.592  1.00 66.04  ? 29  GLY A N   1 
ATOM 207  C CA  . GLY A 1 29  ? 8.607   -1.076  13.963  1.00 65.46  ? 29  GLY A CA  1 
ATOM 208  C C   . GLY A 1 29  ? 8.551   -2.521  14.405  1.00 69.32  ? 29  GLY A C   1 
ATOM 209  O O   . GLY A 1 29  ? 9.426   -2.955  15.143  1.00 79.96  ? 29  GLY A O   1 
ATOM 210  N N   . SER A 1 30  ? 7.525   -3.251  13.970  1.00 66.32  ? 30  SER A N   1 
ATOM 211  C CA  . SER A 1 30  ? 7.402   -4.661  14.280  1.00 76.43  ? 30  SER A CA  1 
ATOM 212  C C   . SER A 1 30  ? 8.321   -5.523  13.424  1.00 74.98  ? 30  SER A C   1 
ATOM 213  O O   . SER A 1 30  ? 8.485   -6.698  13.721  1.00 99.69  ? 30  SER A O   1 
ATOM 214  C CB  . SER A 1 30  ? 5.979   -5.118  14.150  1.00 87.98  ? 30  SER A CB  1 
ATOM 215  O OG  . SER A 1 30  ? 5.097   -4.220  14.822  1.00 84.15  ? 30  SER A OG  1 
ATOM 216  N N   . ALA A 1 31  ? 8.884   -4.975  12.347  1.00 75.67  ? 31  ALA A N   1 
ATOM 217  C CA  . ALA A 1 31  ? 9.796   -5.694  11.466  1.00 71.03  ? 31  ALA A CA  1 
ATOM 218  C C   . ALA A 1 31  ? 11.258  -5.448  11.825  1.00 67.46  ? 31  ALA A C   1 
ATOM 219  O O   . ALA A 1 31  ? 12.145  -5.941  11.132  1.00 87.15  ? 31  ALA A O   1 
ATOM 220  C CB  . ALA A 1 31  ? 9.553   -5.302  10.030  1.00 70.81  ? 31  ALA A CB  1 
ATOM 221  N N   . LEU A 1 32  ? 11.527  -4.692  12.887  1.00 60.08  ? 32  LEU A N   1 
ATOM 222  C CA  . LEU A 1 32  ? 12.896  -4.405  13.277  1.00 65.82  ? 32  LEU A CA  1 
ATOM 223  C C   . LEU A 1 32  ? 13.542  -5.649  13.883  1.00 62.59  ? 32  LEU A C   1 
ATOM 224  O O   . LEU A 1 32  ? 12.884  -6.584  14.300  1.00 58.28  ? 32  LEU A O   1 
ATOM 225  C CB  . LEU A 1 32  ? 12.941  -3.254  14.282  1.00 68.31  ? 32  LEU A CB  1 
ATOM 226  C CG  . LEU A 1 32  ? 12.421  -1.917  13.776  1.00 66.71  ? 32  LEU A CG  1 
ATOM 227  C CD1 . LEU A 1 32  ? 12.637  -0.820  14.791  1.00 65.64  ? 32  LEU A CD1 1 
ATOM 228  C CD2 . LEU A 1 32  ? 13.078  -1.558  12.473  1.00 70.60  ? 32  LEU A CD2 1 
ATOM 229  N N   . ASN A 1 33  ? 14.876  -5.614  13.921  1.00 67.31  ? 33  ASN A N   1 
ATOM 230  C CA  . ASN A 1 33  ? 15.669  -6.709  14.423  1.00 72.11  ? 33  ASN A CA  1 
ATOM 231  C C   . ASN A 1 33  ? 15.820  -6.558  15.929  1.00 79.99  ? 33  ASN A C   1 
ATOM 232  O O   . ASN A 1 33  ? 16.882  -6.170  16.423  1.00 83.01  ? 33  ASN A O   1 
ATOM 233  C CB  . ASN A 1 33  ? 17.013  -6.781  13.706  1.00 88.63  ? 33  ASN A CB  1 
ATOM 234  C CG  . ASN A 1 33  ? 16.879  -7.217  12.257  1.00 101.98 ? 33  ASN A CG  1 
ATOM 235  O OD1 . ASN A 1 33  ? 15.958  -7.954  11.901  1.00 98.57  ? 33  ASN A OD1 1 
ATOM 236  N ND2 . ASN A 1 33  ? 17.814  -6.797  11.417  1.00 122.29 ? 33  ASN A ND2 1 
ATOM 237  N N   . TRP A 1 34  ? 14.757  -6.937  16.651  1.00 70.18  ? 34  TRP A N   1 
ATOM 238  C CA  . TRP A 1 34  ? 14.774  -6.897  18.100  1.00 62.04  ? 34  TRP A CA  1 
ATOM 239  C C   . TRP A 1 34  ? 15.637  -8.017  18.632  1.00 78.03  ? 34  TRP A C   1 
ATOM 240  O O   . TRP A 1 34  ? 15.381  -9.160  18.295  1.00 100.84 ? 34  TRP A O   1 
ATOM 241  C CB  . TRP A 1 34  ? 13.363  -7.022  18.649  1.00 61.92  ? 34  TRP A CB  1 
ATOM 242  C CG  . TRP A 1 34  ? 12.441  -5.950  18.153  1.00 61.73  ? 34  TRP A CG  1 
ATOM 243  C CD1 . TRP A 1 34  ? 11.565  -6.048  17.112  1.00 65.38  ? 34  TRP A CD1 1 
ATOM 244  C CD2 . TRP A 1 34  ? 12.299  -4.617  18.672  1.00 61.69  ? 34  TRP A CD2 1 
ATOM 245  N NE1 . TRP A 1 34  ? 10.914  -4.862  16.939  1.00 60.22  ? 34  TRP A NE1 1 
ATOM 246  C CE2 . TRP A 1 34  ? 11.360  -3.961  17.864  1.00 64.23  ? 34  TRP A CE2 1 
ATOM 247  C CE3 . TRP A 1 34  ? 12.932  -3.894  19.689  1.00 57.43  ? 34  TRP A CE3 1 
ATOM 248  C CZ2 . TRP A 1 34  ? 11.031  -2.618  18.055  1.00 67.51  ? 34  TRP A CZ2 1 
ATOM 249  C CZ3 . TRP A 1 34  ? 12.581  -2.584  19.902  1.00 52.93  ? 34  TRP A CZ3 1 
ATOM 250  C CH2 . TRP A 1 34  ? 11.625  -1.963  19.110  1.00 61.19  ? 34  TRP A CH2 1 
ATOM 251  N N   . PRO A 1 35  ? 16.681  -7.754  19.442  1.00 82.90  ? 35  PRO A N   1 
ATOM 252  C CA  . PRO A 1 35  ? 17.593  -8.825  19.824  1.00 97.98  ? 35  PRO A CA  1 
ATOM 253  C C   . PRO A 1 35  ? 16.985  -9.845  20.785  1.00 116.15 ? 35  PRO A C   1 
ATOM 254  O O   . PRO A 1 35  ? 17.264  -11.039 20.679  1.00 128.01 ? 35  PRO A O   1 
ATOM 255  C CB  . PRO A 1 35  ? 18.774  -8.077  20.443  1.00 100.44 ? 35  PRO A CB  1 
ATOM 256  C CG  . PRO A 1 35  ? 18.157  -6.798  20.964  1.00 106.96 ? 35  PRO A CG  1 
ATOM 257  C CD  . PRO A 1 35  ? 17.084  -6.447  19.959  1.00 90.08  ? 35  PRO A CD  1 
ATOM 258  N N   . GLN A 1 36  ? 16.153  -9.385  21.722  1.00 130.16 ? 36  GLN A N   1 
ATOM 259  C CA  . GLN A 1 36  ? 15.595  -10.274 22.730  1.00 139.54 ? 36  GLN A CA  1 
ATOM 260  C C   . GLN A 1 36  ? 14.561  -11.204 22.097  1.00 117.91 ? 36  GLN A C   1 
ATOM 261  O O   . GLN A 1 36  ? 14.436  -12.361 22.484  1.00 139.34 ? 36  GLN A O   1 
ATOM 262  C CB  . GLN A 1 36  ? 14.966  -9.470  23.872  1.00 166.92 ? 36  GLN A CB  1 
ATOM 263  C CG  . GLN A 1 36  ? 15.936  -8.521  24.565  1.00 190.32 ? 36  GLN A CG  1 
ATOM 264  C CD  . GLN A 1 36  ? 17.062  -9.220  25.295  1.00 214.95 ? 36  GLN A CD  1 
ATOM 265  O OE1 . GLN A 1 36  ? 16.939  -10.367 25.724  1.00 240.02 ? 36  GLN A OE1 1 
ATOM 266  N NE2 . GLN A 1 36  ? 18.179  -8.524  25.433  1.00 227.32 ? 36  GLN A NE2 1 
ATOM 267  N N   . ALA A 1 37  ? 13.756  -10.687 21.158  1.00 101.34 ? 37  ALA A N   1 
ATOM 268  C CA  . ALA A 1 37  ? 12.711  -11.451 20.503  1.00 93.09  ? 37  ALA A CA  1 
ATOM 269  C C   . ALA A 1 37  ? 12.666  -11.073 19.029  1.00 84.68  ? 37  ALA A C   1 
ATOM 270  O O   . ALA A 1 37  ? 11.998  -10.107 18.666  1.00 88.24  ? 37  ALA A O   1 
ATOM 271  C CB  . ALA A 1 37  ? 11.413  -11.128 21.180  1.00 91.91  ? 37  ALA A CB  1 
ATOM 272  N N   . LEU A 1 38  ? 13.393  -11.819 18.197  1.00 82.29  ? 38  LEU A N   1 
ATOM 273  C CA  . LEU A 1 38  ? 13.446  -11.525 16.765  1.00 72.92  ? 38  LEU A CA  1 
ATOM 274  C C   . LEU A 1 38  ? 12.120  -11.901 16.129  1.00 81.16  ? 38  LEU A C   1 
ATOM 275  O O   . LEU A 1 38  ? 11.643  -13.031 16.298  1.00 83.41  ? 38  LEU A O   1 
ATOM 276  C CB  . LEU A 1 38  ? 14.593  -12.293 16.104  1.00 71.58  ? 38  LEU A CB  1 
ATOM 277  C CG  . LEU A 1 38  ? 15.911  -11.524 16.010  1.00 73.48  ? 38  LEU A CG  1 
ATOM 278  C CD1 . LEU A 1 38  ? 17.125  -12.435 16.082  1.00 85.82  ? 38  LEU A CD1 1 
ATOM 279  C CD2 . LEU A 1 38  ? 15.943  -10.697 14.748  1.00 83.57  ? 38  LEU A CD2 1 
ATOM 280  N N   . PRO A 1 39  ? 11.444  -10.956 15.442  1.00 83.44  ? 39  PRO A N   1 
ATOM 281  C CA  . PRO A 1 39  ? 10.118  -11.243 14.887  1.00 76.14  ? 39  PRO A CA  1 
ATOM 282  C C   . PRO A 1 39  ? 10.198  -12.293 13.787  1.00 73.41  ? 39  PRO A C   1 
ATOM 283  O O   . PRO A 1 39  ? 11.113  -12.269 12.934  1.00 73.20  ? 39  PRO A O   1 
ATOM 284  C CB  . PRO A 1 39  ? 9.669   -9.905  14.323  1.00 70.73  ? 39  PRO A CB  1 
ATOM 285  C CG  . PRO A 1 39  ? 10.500  -8.889  15.072  1.00 79.22  ? 39  PRO A CG  1 
ATOM 286  C CD  . PRO A 1 39  ? 11.837  -9.551  15.278  1.00 76.88  ? 39  PRO A CD  1 
ATOM 287  N N   . SER A 1 40  ? 9.210   -13.206 13.817  1.00 66.24  ? 40  SER A N   1 
ATOM 288  C CA  . SER A 1 40  ? 9.103   -14.242 12.812  1.00 71.80  ? 40  SER A CA  1 
ATOM 289  C C   . SER A 1 40  ? 8.502   -13.678 11.533  1.00 68.56  ? 40  SER A C   1 
ATOM 290  O O   . SER A 1 40  ? 8.051   -12.541 11.476  1.00 74.29  ? 40  SER A O   1 
ATOM 291  C CB  . SER A 1 40  ? 8.354   -15.432 13.310  1.00 70.55  ? 40  SER A CB  1 
ATOM 292  O OG  . SER A 1 40  ? 6.988   -15.159 13.402  1.00 64.95  ? 40  SER A OG  1 
ATOM 293  N N   . VAL A 1 41  ? 8.512   -14.475 10.472  1.00 78.74  ? 41  VAL A N   1 
ATOM 294  C CA  . VAL A 1 41  ? 7.939   -14.035 9.210   1.00 71.90  ? 41  VAL A CA  1 
ATOM 295  C C   . VAL A 1 41  ? 6.432   -13.881 9.369   1.00 62.99  ? 41  VAL A C   1 
ATOM 296  O O   . VAL A 1 41  ? 5.850   -12.938 8.829   1.00 68.97  ? 41  VAL A O   1 
ATOM 297  C CB  . VAL A 1 41  ? 8.306   -15.015 8.083   1.00 79.24  ? 41  VAL A CB  1 
ATOM 298  C CG1 . VAL A 1 41  ? 7.730   -14.608 6.753   1.00 67.77  ? 41  VAL A CG1 1 
ATOM 299  C CG2 . VAL A 1 41  ? 9.807   -15.216 7.990   1.00 90.68  ? 41  VAL A CG2 1 
ATOM 300  N N   . LEU A 1 42  ? 5.776   -14.796 10.086  1.00 62.76  ? 42  LEU A N   1 
ATOM 301  C CA  . LEU A 1 42  ? 4.341   -14.652 10.352  1.00 61.35  ? 42  LEU A CA  1 
ATOM 302  C C   . LEU A 1 42  ? 4.053   -13.452 11.243  1.00 61.73  ? 42  LEU A C   1 
ATOM 303  O O   . LEU A 1 42  ? 3.067   -12.767 11.048  1.00 66.81  ? 42  LEU A O   1 
ATOM 304  C CB  . LEU A 1 42  ? 3.792   -15.938 10.980  1.00 61.36  ? 42  LEU A CB  1 
ATOM 305  C CG  . LEU A 1 42  ? 2.311   -15.932 11.356  1.00 63.29  ? 42  LEU A CG  1 
ATOM 306  C CD1 . LEU A 1 42  ? 1.460   -15.851 10.109  1.00 69.23  ? 42  LEU A CD1 1 
ATOM 307  C CD2 . LEU A 1 42  ? 1.941   -17.151 12.182  1.00 73.93  ? 42  LEU A CD2 1 
ATOM 308  N N   . GLN A 1 43  ? 4.910   -13.184 12.226  1.00 70.39  ? 43  GLN A N   1 
ATOM 309  C CA  . GLN A 1 43  ? 4.697   -12.066 13.136  1.00 65.40  ? 43  GLN A CA  1 
ATOM 310  C C   . GLN A 1 43  ? 4.795   -10.734 12.394  1.00 66.59  ? 43  GLN A C   1 
ATOM 311  O O   . GLN A 1 43  ? 4.007   -9.840  12.640  1.00 63.93  ? 43  GLN A O   1 
ATOM 312  C CB  . GLN A 1 43  ? 5.720   -12.108 14.273  1.00 75.02  ? 43  GLN A CB  1 
ATOM 313  C CG  . GLN A 1 43  ? 5.553   -10.998 15.304  1.00 75.82  ? 43  GLN A CG  1 
ATOM 314  C CD  . GLN A 1 43  ? 6.647   -11.012 16.345  1.00 88.19  ? 43  GLN A CD  1 
ATOM 315  O OE1 . GLN A 1 43  ? 6.945   -12.054 16.933  1.00 91.03  ? 43  GLN A OE1 1 
ATOM 316  N NE2 . GLN A 1 43  ? 7.220   -9.847  16.616  1.00 81.62  ? 43  GLN A NE2 1 
ATOM 317  N N   . ILE A 1 44  ? 5.759   -10.591 11.485  1.00 68.69  ? 44  ILE A N   1 
ATOM 318  C CA  . ILE A 1 44  ? 5.854   -9.394  10.663  1.00 65.23  ? 44  ILE A CA  1 
ATOM 319  C C   . ILE A 1 44  ? 4.696   -9.327  9.679   1.00 65.98  ? 44  ILE A C   1 
ATOM 320  O O   . ILE A 1 44  ? 4.178   -8.250  9.396   1.00 67.18  ? 44  ILE A O   1 
ATOM 321  C CB  . ILE A 1 44  ? 7.213   -9.340  9.939   1.00 61.25  ? 44  ILE A CB  1 
ATOM 322  C CG1 . ILE A 1 44  ? 8.362   -9.352  10.930  1.00 66.90  ? 44  ILE A CG1 1 
ATOM 323  C CG2 . ILE A 1 44  ? 7.325   -8.127  9.051   1.00 63.56  ? 44  ILE A CG2 1 
ATOM 324  C CD1 . ILE A 1 44  ? 9.699   -9.523  10.262  1.00 76.04  ? 44  ILE A CD1 1 
ATOM 325  N N   . ALA A 1 45  ? 4.253   -10.491 9.185   1.00 76.96  ? 45  ALA A N   1 
ATOM 326  C CA  . ALA A 1 45  ? 3.162   -10.538 8.217   1.00 66.59  ? 45  ALA A CA  1 
ATOM 327  C C   . ALA A 1 45  ? 1.876   -10.029 8.851   1.00 64.04  ? 45  ALA A C   1 
ATOM 328  O O   . ALA A 1 45  ? 1.109   -9.326  8.208   1.00 56.22  ? 45  ALA A O   1 
ATOM 329  C CB  . ALA A 1 45  ? 3.001   -11.941 7.668   1.00 62.56  ? 45  ALA A CB  1 
ATOM 330  N N   . MET A 1 46  ? 1.598   -10.408 10.094  1.00 73.10  ? 46  MET A N   1 
ATOM 331  C CA  . MET A 1 46  ? 0.361   -9.999  10.754  1.00 70.94  ? 46  MET A CA  1 
ATOM 332  C C   . MET A 1 46  ? 0.427   -8.523  11.129  1.00 61.02  ? 46  MET A C   1 
ATOM 333  O O   . MET A 1 46  ? -0.597  -7.855  11.143  1.00 67.09  ? 46  MET A O   1 
ATOM 334  C CB  . MET A 1 46  ? 0.098   -10.843 12.007  1.00 81.25  ? 46  MET A CB  1 
ATOM 335  C CG  . MET A 1 46  ? -0.035  -12.341 11.694  1.00 91.31  ? 46  MET A CG  1 
ATOM 336  S SD  . MET A 1 46  ? -1.479  -12.775 10.708  1.00 102.89 ? 46  MET A SD  1 
ATOM 337  C CE  . MET A 1 46  ? -2.695  -11.894 11.683  1.00 102.54 ? 46  MET A CE  1 
ATOM 338  N N   . ALA A 1 47  ? 1.618   -7.997  11.424  1.00 62.87  ? 47  ALA A N   1 
ATOM 339  C CA  . ALA A 1 47  ? 1.746   -6.582  11.752  1.00 70.72  ? 47  ALA A CA  1 
ATOM 340  C C   . ALA A 1 47  ? 1.470   -5.725  10.522  1.00 75.27  ? 47  ALA A C   1 
ATOM 341  O O   . ALA A 1 47  ? 0.713   -4.760  10.593  1.00 89.29  ? 47  ALA A O   1 
ATOM 342  C CB  . ALA A 1 47  ? 3.124   -6.303  12.309  1.00 83.58  ? 47  ALA A CB  1 
ATOM 343  N N   . PHE A 1 48  ? 2.100   -6.051  9.398   1.00 70.52  ? 48  PHE A N   1 
ATOM 344  C CA  . PHE A 1 48  ? 1.769   -5.410  8.136   1.00 64.12  ? 48  PHE A CA  1 
ATOM 345  C C   . PHE A 1 48  ? 0.357   -5.784  7.709   1.00 64.95  ? 48  PHE A C   1 
ATOM 346  O O   . PHE A 1 48  ? -0.323  -5.034  7.035   1.00 76.86  ? 48  PHE A O   1 
ATOM 347  C CB  . PHE A 1 48  ? 2.783   -5.805  7.050   1.00 75.43  ? 48  PHE A CB  1 
ATOM 348  C CG  . PHE A 1 48  ? 4.068   -5.033  7.124   1.00 76.26  ? 48  PHE A CG  1 
ATOM 349  C CD1 . PHE A 1 48  ? 5.284   -5.680  7.275   1.00 82.21  ? 48  PHE A CD1 1 
ATOM 350  C CD2 . PHE A 1 48  ? 4.057   -3.670  6.994   1.00 77.73  ? 48  PHE A CD2 1 
ATOM 351  C CE1 . PHE A 1 48  ? 6.469   -4.974  7.308   1.00 94.94  ? 48  PHE A CE1 1 
ATOM 352  C CE2 . PHE A 1 48  ? 5.237   -2.954  7.022   1.00 96.78  ? 48  PHE A CE2 1 
ATOM 353  C CZ  . PHE A 1 48  ? 6.441   -3.609  7.180   1.00 105.86 ? 48  PHE A CZ  1 
ATOM 354  N N   . GLY A 1 49  ? -0.089  -6.993  8.043   1.00 70.62  ? 49  GLY A N   1 
ATOM 355  C CA  . GLY A 1 49  ? -1.405  -7.459  7.630   1.00 62.93  ? 49  GLY A CA  1 
ATOM 356  C C   . GLY A 1 49  ? -2.517  -6.765  8.399   1.00 58.66  ? 49  GLY A C   1 
ATOM 357  O O   . GLY A 1 49  ? -3.412  -6.194  7.807   1.00 69.09  ? 49  GLY A O   1 
ATOM 358  N N   . LEU A 1 50  ? -2.477  -6.820  9.722   1.00 69.92  ? 50  LEU A N   1 
ATOM 359  C CA  . LEU A 1 50  ? -3.523  -6.201  10.525  1.00 77.23  ? 50  LEU A CA  1 
ATOM 360  C C   . LEU A 1 50  ? -3.367  -4.685  10.567  1.00 67.77  ? 50  LEU A C   1 
ATOM 361  O O   . LEU A 1 50  ? -4.275  -3.994  10.991  1.00 66.92  ? 50  LEU A O   1 
ATOM 362  C CB  . LEU A 1 50  ? -3.488  -6.747  11.963  1.00 80.22  ? 50  LEU A CB  1 
ATOM 363  C CG  . LEU A 1 50  ? -3.695  -8.249  12.097  1.00 84.78  ? 50  LEU A CG  1 
ATOM 364  C CD1 . LEU A 1 50  ? -3.164  -8.700  13.452  1.00 89.60  ? 50  LEU A CD1 1 
ATOM 365  C CD2 . LEU A 1 50  ? -5.158  -8.655  11.884  1.00 96.62  ? 50  LEU A CD2 1 
ATOM 366  N N   . GLY A 1 51  ? -2.230  -4.145  10.171  1.00 61.38  ? 51  GLY A N   1 
ATOM 367  C CA  . GLY A 1 51  ? -2.082  -2.711  10.080  1.00 56.66  ? 51  GLY A CA  1 
ATOM 368  C C   . GLY A 1 51  ? -2.940  -2.128  8.983   1.00 54.71  ? 51  GLY A C   1 
ATOM 369  O O   . GLY A 1 51  ? -3.548  -1.100  9.172   1.00 62.12  ? 51  GLY A O   1 
ATOM 370  N N   . ILE A 1 52  ? -3.001  -2.777  7.835   1.00 65.26  ? 52  ILE A N   1 
ATOM 371  C CA  . ILE A 1 52  ? -3.878  -2.335  6.761   1.00 70.93  ? 52  ILE A CA  1 
ATOM 372  C C   . ILE A 1 52  ? -5.332  -2.611  7.144   1.00 75.52  ? 52  ILE A C   1 
ATOM 373  O O   . ILE A 1 52  ? -6.203  -1.768  6.938   1.00 92.46  ? 52  ILE A O   1 
ATOM 374  C CB  . ILE A 1 52  ? -3.511  -3.000  5.427   1.00 63.73  ? 52  ILE A CB  1 
ATOM 375  C CG1 . ILE A 1 52  ? -2.143  -2.524  4.973   1.00 78.72  ? 52  ILE A CG1 1 
ATOM 376  C CG2 . ILE A 1 52  ? -4.527  -2.703  4.362   1.00 70.54  ? 52  ILE A CG2 1 
ATOM 377  C CD1 . ILE A 1 52  ? -2.097  -1.082  4.634   1.00 76.84  ? 52  ILE A CD1 1 
ATOM 378  N N   . GLY A 1 53  ? -5.602  -3.774  7.719   1.00 63.46  ? 53  GLY A N   1 
ATOM 379  C CA  . GLY A 1 53  ? -6.957  -4.109  8.085   1.00 69.09  ? 53  GLY A CA  1 
ATOM 380  C C   . GLY A 1 53  ? -7.547  -3.181  9.134   1.00 66.67  ? 53  GLY A C   1 
ATOM 381  O O   . GLY A 1 53  ? -8.743  -2.938  9.140   1.00 79.33  ? 53  GLY A O   1 
ATOM 382  N N   . THR A 1 54  ? -6.729  -2.689  10.061  1.00 68.37  ? 54  THR A N   1 
ATOM 383  C CA  . THR A 1 54  ? -7.184  -1.745  11.064  1.00 67.62  ? 54  THR A CA  1 
ATOM 384  C C   . THR A 1 54  ? -7.479  -0.405  10.423  1.00 62.49  ? 54  THR A C   1 
ATOM 385  O O   . THR A 1 54  ? -8.485  0.223   10.731  1.00 69.64  ? 54  THR A O   1 
ATOM 386  C CB  . THR A 1 54  ? -6.157  -1.593  12.189  1.00 66.24  ? 54  THR A CB  1 
ATOM 387  O OG1 . THR A 1 54  ? -5.945  -2.881  12.779  1.00 75.77  ? 54  THR A OG1 1 
ATOM 388  C CG2 . THR A 1 54  ? -6.616  -0.611  13.245  1.00 65.94  ? 54  THR A CG2 1 
ATOM 389  N N   . LEU A 1 55  ? -6.600  0.051   9.521   1.00 64.65  ? 55  LEU A N   1 
ATOM 390  C CA  . LEU A 1 55  ? -6.760  1.371   8.927   1.00 60.26  ? 55  LEU A CA  1 
ATOM 391  C C   . LEU A 1 55  ? -7.855  1.390   7.871   1.00 66.09  ? 55  LEU A C   1 
ATOM 392  O O   . LEU A 1 55  ? -8.470  2.434   7.668   1.00 86.99  ? 55  LEU A O   1 
ATOM 393  C CB  . LEU A 1 55  ? -5.433  1.828   8.349   1.00 67.47  ? 55  LEU A CB  1 
ATOM 394  C CG  . LEU A 1 55  ? -4.345  2.140   9.381   1.00 76.71  ? 55  LEU A CG  1 
ATOM 395  C CD1 . LEU A 1 55  ? -2.984  2.104   8.721   1.00 72.06  ? 55  LEU A CD1 1 
ATOM 396  C CD2 . LEU A 1 55  ? -4.575  3.485   10.059  1.00 79.88  ? 55  LEU A CD2 1 
ATOM 397  N N   . VAL A 1 56  ? -8.121  0.266   7.212   1.00 70.53  ? 56  VAL A N   1 
ATOM 398  C CA  . VAL A 1 56  ? -9.242  0.187   6.288   1.00 68.95  ? 56  VAL A CA  1 
ATOM 399  C C   . VAL A 1 56  ? -10.551 0.285   7.050   1.00 65.33  ? 56  VAL A C   1 
ATOM 400  O O   . VAL A 1 56  ? -11.489 0.954   6.601   1.00 73.92  ? 56  VAL A O   1 
ATOM 401  C CB  . VAL A 1 56  ? -9.165  -1.076  5.415   1.00 80.13  ? 56  VAL A CB  1 
ATOM 402  C CG1 . VAL A 1 56  ? -10.457 -1.319  4.656   1.00 91.46  ? 56  VAL A CG1 1 
ATOM 403  C CG2 . VAL A 1 56  ? -8.015  -0.995  4.434   1.00 74.50  ? 56  VAL A CG2 1 
ATOM 404  N N   . GLN A 1 57  ? -10.636 -0.374  8.205   1.00 71.93  ? 57  GLN A N   1 
ATOM 405  C CA  . GLN A 1 57  ? -11.801 -0.220  9.072   1.00 74.84  ? 57  GLN A CA  1 
ATOM 406  C C   . GLN A 1 57  ? -11.886 1.211   9.595   1.00 72.44  ? 57  GLN A C   1 
ATOM 407  O O   . GLN A 1 57  ? -12.971 1.783   9.653   1.00 96.57  ? 57  GLN A O   1 
ATOM 408  C CB  . GLN A 1 57  ? -11.741 -1.217  10.221  1.00 77.20  ? 57  GLN A CB  1 
ATOM 409  C CG  . GLN A 1 57  ? -12.929 -1.163  11.164  1.00 87.72  ? 57  GLN A CG  1 
ATOM 410  C CD  . GLN A 1 57  ? -14.153 -1.772  10.543  1.00 96.49  ? 57  GLN A CD  1 
ATOM 411  O OE1 . GLN A 1 57  ? -14.049 -2.728  9.772   1.00 103.87 ? 57  GLN A OE1 1 
ATOM 412  N NE2 . GLN A 1 57  ? -15.318 -1.240  10.902  1.00 114.66 ? 57  GLN A NE2 1 
ATOM 413  N N   . ALA A 1 58  ? -10.753 1.793   9.989   1.00 63.69  ? 58  ALA A N   1 
ATOM 414  C CA  . ALA A 1 58  ? -10.744 3.095   10.635  1.00 66.00  ? 58  ALA A CA  1 
ATOM 415  C C   . ALA A 1 58  ? -10.959 4.213   9.631   1.00 71.68  ? 58  ALA A C   1 
ATOM 416  O O   . ALA A 1 58  ? -11.706 5.155   9.910   1.00 85.53  ? 58  ALA A O   1 
ATOM 417  C CB  . ALA A 1 58  ? -9.457  3.300   11.400  1.00 70.46  ? 58  ALA A CB  1 
ATOM 418  N N   . LEU A 1 59  ? -10.299 4.141   8.466   1.00 77.61  ? 59  LEU A N   1 
ATOM 419  C CA  . LEU A 1 59  ? -10.277 5.272   7.538   1.00 69.04  ? 59  LEU A CA  1 
ATOM 420  C C   . LEU A 1 59  ? -10.772 4.885   6.148   1.00 70.55  ? 59  LEU A C   1 
ATOM 421  O O   . LEU A 1 59  ? -10.496 5.582   5.195   1.00 91.39  ? 59  LEU A O   1 
ATOM 422  C CB  . LEU A 1 59  ? -8.852  5.834   7.446   1.00 74.14  ? 59  LEU A CB  1 
ATOM 423  C CG  . LEU A 1 59  ? -8.222  6.289   8.760   1.00 73.63  ? 59  LEU A CG  1 
ATOM 424  C CD1 . LEU A 1 59  ? -6.794  6.729   8.588   1.00 70.80  ? 59  LEU A CD1 1 
ATOM 425  C CD2 . LEU A 1 59  ? -9.030  7.421   9.369   1.00 91.11  ? 59  LEU A CD2 1 
ATOM 426  N N   . GLY A 1 60  ? -11.517 3.796   6.008   1.00 79.08  ? 60  GLY A N   1 
ATOM 427  C CA  . GLY A 1 60  ? -12.032 3.411   4.705   1.00 81.74  ? 60  GLY A CA  1 
ATOM 428  C C   . GLY A 1 60  ? -13.203 4.271   4.254   1.00 84.87  ? 60  GLY A C   1 
ATOM 429  O O   . GLY A 1 60  ? -13.383 4.507   3.065   1.00 98.92  ? 60  GLY A O   1 
ATOM 430  N N   . HIS A 1 61  ? -14.013 4.721   5.215   1.00 73.46  ? 61  HIS A N   1 
ATOM 431  C CA  . HIS A 1 61  ? -15.185 5.510   4.897   1.00 71.30  ? 61  HIS A CA  1 
ATOM 432  C C   . HIS A 1 61  ? -14.852 6.985   4.728   1.00 73.56  ? 61  HIS A C   1 
ATOM 433  O O   . HIS A 1 61  ? -15.750 7.775   4.408   1.00 109.03 ? 61  HIS A O   1 
ATOM 434  C CB  . HIS A 1 61  ? -16.247 5.345   5.980   1.00 77.27  ? 61  HIS A CB  1 
ATOM 435  C CG  . HIS A 1 61  ? -15.775 5.706   7.355   1.00 71.60  ? 61  HIS A CG  1 
ATOM 436  N ND1 . HIS A 1 61  ? -14.994 4.882   8.108   1.00 65.69  ? 61  HIS A ND1 1 
ATOM 437  C CD2 . HIS A 1 61  ? -16.017 6.821   8.101   1.00 78.25  ? 61  HIS A CD2 1 
ATOM 438  C CE1 . HIS A 1 61  ? -14.756 5.458   9.274   1.00 72.04  ? 61  HIS A CE1 1 
ATOM 439  N NE2 . HIS A 1 61  ? -15.368 6.669   9.293   1.00 83.00  ? 61  HIS A NE2 1 
ATOM 440  N N   . ILE A 1 62  ? -13.595 7.374   4.938   1.00 60.95  ? 62  ILE A N   1 
ATOM 441  C CA  . ILE A 1 62  ? -13.188 8.771   4.852   1.00 63.11  ? 62  ILE A CA  1 
ATOM 442  C C   . ILE A 1 62  ? -12.419 9.029   3.565   1.00 64.07  ? 62  ILE A C   1 
ATOM 443  O O   . ILE A 1 62  ? -12.683 10.019  2.884   1.00 87.91  ? 62  ILE A O   1 
ATOM 444  C CB  . ILE A 1 62  ? -12.365 9.162   6.098   1.00 66.54  ? 62  ILE A CB  1 
ATOM 445  C CG1 . ILE A 1 62  ? -13.085 8.761   7.372   1.00 69.05  ? 62  ILE A CG1 1 
ATOM 446  C CG2 . ILE A 1 62  ? -12.097 10.640  6.121   1.00 72.53  ? 62  ILE A CG2 1 
ATOM 447  C CD1 . ILE A 1 62  ? -12.331 9.058   8.620   1.00 80.00  ? 62  ILE A CD1 1 
ATOM 448  N N   . SER A 1 63  ? -11.467 8.153   3.239   1.00 68.58  ? 63  SER A N   1 
ATOM 449  C CA  . SER A 1 63  ? -10.621 8.327   2.060   1.00 75.88  ? 63  SER A CA  1 
ATOM 450  C C   . SER A 1 63  ? -10.542 7.097   1.162   1.00 72.94  ? 63  SER A C   1 
ATOM 451  O O   . SER A 1 63  ? -9.906  7.150   0.127   1.00 89.24  ? 63  SER A O   1 
ATOM 452  C CB  . SER A 1 63  ? -9.252  8.746   2.461   1.00 66.57  ? 63  SER A CB  1 
ATOM 453  O OG  . SER A 1 63  ? -8.548  7.686   3.075   1.00 66.08  ? 63  SER A OG  1 
ATOM 454  N N   . GLY A 1 64  ? -11.182 5.996   1.528   1.00 82.03  ? 64  GLY A N   1 
ATOM 455  C CA  . GLY A 1 64  ? -11.031 4.756   0.801   1.00 81.73  ? 64  GLY A CA  1 
ATOM 456  C C   . GLY A 1 64  ? -9.918  3.857   1.349   1.00 92.90  ? 64  GLY A C   1 
ATOM 457  O O   . GLY A 1 64  ? -9.900  2.660   1.047   1.00 95.76  ? 64  GLY A O   1 
ATOM 458  N N   . ALA A 1 65  ? -8.993  4.439   2.133   1.00 90.79  ? 65  ALA A N   1 
ATOM 459  C CA  . ALA A 1 65  ? -7.917  3.718   2.800   1.00 87.81  ? 65  ALA A CA  1 
ATOM 460  C C   . ALA A 1 65  ? -7.054  2.979   1.791   1.00 82.63  ? 65  ALA A C   1 
ATOM 461  O O   . ALA A 1 65  ? -6.866  1.762   1.875   1.00 100.74 ? 65  ALA A O   1 
ATOM 462  C CB  . ALA A 1 65  ? -8.445  2.781   3.862   1.00 83.85  ? 65  ALA A CB  1 
ATOM 463  N N   . HIS A 1 66  ? -6.506  3.734   0.831   1.00 71.24  ? 66  HIS A N   1 
ATOM 464  C CA  . HIS A 1 66  ? -5.571  3.155   -0.115  1.00 71.46  ? 66  HIS A CA  1 
ATOM 465  C C   . HIS A 1 66  ? -4.272  2.764   0.590   1.00 76.86  ? 66  HIS A C   1 
ATOM 466  O O   . HIS A 1 66  ? -3.812  1.627   0.473   1.00 84.51  ? 66  HIS A O   1 
ATOM 467  C CB  . HIS A 1 66  ? -5.320  4.132   -1.250  1.00 69.66  ? 66  HIS A CB  1 
ATOM 468  C CG  . HIS A 1 66  ? -6.507  4.406   -2.118  1.00 73.95  ? 66  HIS A CG  1 
ATOM 469  N ND1 . HIS A 1 66  ? -6.433  5.049   -3.311  1.00 77.72  ? 66  HIS A ND1 1 
ATOM 470  C CD2 . HIS A 1 66  ? -7.809  4.104   -1.964  1.00 84.86  ? 66  HIS A CD2 1 
ATOM 471  C CE1 . HIS A 1 66  ? -7.638  5.142   -3.859  1.00 80.25  ? 66  HIS A CE1 1 
ATOM 472  N NE2 . HIS A 1 66  ? -8.512  4.567   -3.037  1.00 84.88  ? 66  HIS A NE2 1 
ATOM 473  N N   . ILE A 1 67  ? -3.690  3.708   1.337   1.00 72.07  ? 67  ILE A N   1 
ATOM 474  C CA  . ILE A 1 67  ? -2.473  3.546   2.125   1.00 73.98  ? 67  ILE A CA  1 
ATOM 475  C C   . ILE A 1 67  ? -1.329  3.023   1.257   1.00 81.63  ? 67  ILE A C   1 
ATOM 476  O O   . ILE A 1 67  ? -0.417  2.349   1.727   1.00 95.71  ? 67  ILE A O   1 
ATOM 477  C CB  . ILE A 1 67  ? -2.723  2.651   3.354   1.00 71.33  ? 67  ILE A CB  1 
ATOM 478  C CG1 . ILE A 1 67  ? -4.133  2.800   3.897   1.00 78.04  ? 67  ILE A CG1 1 
ATOM 479  C CG2 . ILE A 1 67  ? -1.740  2.966   4.457   1.00 76.55  ? 67  ILE A CG2 1 
ATOM 480  C CD1 . ILE A 1 67  ? -4.550  1.713   4.830   1.00 90.36  ? 67  ILE A CD1 1 
ATOM 481  N N   . ASN A 1 68  ? -1.396  3.307   -0.045  1.00 72.10  ? 68  ASN A N   1 
ATOM 482  C CA  . ASN A 1 68  ? -0.461  2.743   -1.014  1.00 56.11  ? 68  ASN A CA  1 
ATOM 483  C C   . ASN A 1 68  ? -0.542  3.523   -2.305  1.00 53.78  ? 68  ASN A C   1 
ATOM 484  O O   . ASN A 1 68  ? -1.635  3.691   -2.867  1.00 78.78  ? 68  ASN A O   1 
ATOM 485  C CB  . ASN A 1 68  ? -0.787  1.271   -1.263  1.00 59.06  ? 68  ASN A CB  1 
ATOM 486  C CG  . ASN A 1 68  ? 0.327   0.522   -1.931  1.00 63.81  ? 68  ASN A CG  1 
ATOM 487  O OD1 . ASN A 1 68  ? 1.224   1.132   -2.505  1.00 94.17  ? 68  ASN A OD1 1 
ATOM 488  N ND2 . ASN A 1 68  ? 0.287   -0.792  -1.866  1.00 55.80  ? 68  ASN A ND2 1 
ATOM 489  N N   . PRO A 1 69  ? 0.585   4.065   -2.810  1.00 56.10  ? 69  PRO A N   1 
ATOM 490  C CA  . PRO A 1 69  ? 0.571   4.673   -4.140  1.00 55.09  ? 69  PRO A CA  1 
ATOM 491  C C   . PRO A 1 69  ? 0.187   3.680   -5.222  1.00 57.44  ? 69  PRO A C   1 
ATOM 492  O O   . PRO A 1 69  ? -0.410  4.070   -6.217  1.00 63.62  ? 69  PRO A O   1 
ATOM 493  C CB  . PRO A 1 69  ? 2.002   5.181   -4.318  1.00 48.53  ? 69  PRO A CB  1 
ATOM 494  C CG  . PRO A 1 69  ? 2.462   5.423   -2.928  1.00 54.12  ? 69  PRO A CG  1 
ATOM 495  C CD  . PRO A 1 69  ? 1.834   4.337   -2.097  1.00 49.28  ? 69  PRO A CD  1 
ATOM 496  N N   . ALA A 1 70  ? 0.569   2.402   -5.064  1.00 60.74  ? 70  ALA A N   1 
ATOM 497  C CA  . ALA A 1 70  ? 0.251   1.408   -6.055  1.00 74.09  ? 70  ALA A CA  1 
ATOM 498  C C   . ALA A 1 70  ? -1.258  1.205   -6.141  1.00 67.41  ? 70  ALA A C   1 
ATOM 499  O O   . ALA A 1 70  ? -1.828  1.139   -7.234  1.00 81.79  ? 70  ALA A O   1 
ATOM 500  C CB  . ALA A 1 70  ? 0.966   0.126   -5.737  1.00 83.82  ? 70  ALA A CB  1 
ATOM 501  N N   . VAL A 1 71  ? -1.917  1.084   -4.992  1.00 54.15  ? 71  VAL A N   1 
ATOM 502  C CA  . VAL A 1 71  ? -3.370  0.976   -4.964  1.00 52.96  ? 71  VAL A CA  1 
ATOM 503  C C   . VAL A 1 71  ? -4.032  2.272   -5.460  1.00 54.47  ? 71  VAL A C   1 
ATOM 504  O O   . VAL A 1 71  ? -5.032  2.235   -6.168  1.00 69.31  ? 71  VAL A O   1 
ATOM 505  C CB  . VAL A 1 71  ? -3.842  0.605   -3.560  1.00 50.03  ? 71  VAL A CB  1 
ATOM 506  C CG1 . VAL A 1 71  ? -5.347  0.571   -3.467  1.00 60.48  ? 71  VAL A CG1 1 
ATOM 507  C CG2 . VAL A 1 71  ? -3.248  -0.716  -3.147  1.00 56.26  ? 71  VAL A CG2 1 
ATOM 508  N N   . THR A 1 72  ? -3.446  3.414   -5.132  1.00 49.93  ? 72  THR A N   1 
ATOM 509  C CA  . THR A 1 72  ? -3.936  4.678   -5.636  1.00 53.70  ? 72  THR A CA  1 
ATOM 510  C C   . THR A 1 72  ? -3.796  4.767   -7.159  1.00 55.13  ? 72  THR A C   1 
ATOM 511  O O   . THR A 1 72  ? -4.679  5.266   -7.853  1.00 63.53  ? 72  THR A O   1 
ATOM 512  C CB  . THR A 1 72  ? -3.200  5.849   -4.973  1.00 58.95  ? 72  THR A CB  1 
ATOM 513  O OG1 . THR A 1 72  ? -3.317  5.738   -3.565  1.00 56.62  ? 72  THR A OG1 1 
ATOM 514  C CG2 . THR A 1 72  ? -3.759  7.172   -5.404  1.00 55.74  ? 72  THR A CG2 1 
ATOM 515  N N   . VAL A 1 73  ? -2.672  4.290   -7.692  1.00 56.57  ? 73  VAL A N   1 
ATOM 516  C CA  . VAL A 1 73  ? -2.482  4.237   -9.130  1.00 61.85  ? 73  VAL A CA  1 
ATOM 517  C C   . VAL A 1 73  ? -3.451  3.222   -9.736  1.00 60.97  ? 73  VAL A C   1 
ATOM 518  O O   . VAL A 1 73  ? -4.035  3.460   -10.802 1.00 76.24  ? 73  VAL A O   1 
ATOM 519  C CB  . VAL A 1 73  ? -1.017  3.930   -9.489  1.00 61.16  ? 73  VAL A CB  1 
ATOM 520  C CG1 . VAL A 1 73  ? -0.900  3.515   -10.942 1.00 72.18  ? 73  VAL A CG1 1 
ATOM 521  C CG2 . VAL A 1 73  ? -0.147  5.131   -9.248  1.00 65.91  ? 73  VAL A CG2 1 
ATOM 522  N N   . ALA A 1 74  ? -3.640  2.090   -9.062  1.00 54.48  ? 74  ALA A N   1 
ATOM 523  C CA  . ALA A 1 74  ? -4.569  1.075   -9.542  1.00 59.85  ? 74  ALA A CA  1 
ATOM 524  C C   . ALA A 1 74  ? -5.982  1.616   -9.584  1.00 64.27  ? 74  ALA A C   1 
ATOM 525  O O   . ALA A 1 74  ? -6.737  1.314   -10.519 1.00 67.13  ? 74  ALA A O   1 
ATOM 526  C CB  . ALA A 1 74  ? -4.490  -0.178  -8.687  1.00 62.73  ? 74  ALA A CB  1 
ATOM 527  N N   . CYS A 1 75  ? -6.374  2.389   -8.566  1.00 58.29  ? 75  CYS A N   1 
ATOM 528  C CA  . CYS A 1 75  ? -7.680  3.038   -8.577  1.00 50.72  ? 75  CYS A CA  1 
ATOM 529  C C   . CYS A 1 75  ? -7.741  4.122   -9.655  1.00 37.79  ? 75  CYS A C   1 
ATOM 530  O O   . CYS A 1 75  ? -8.794  4.386   -10.204 1.00 42.62  ? 75  CYS A O   1 
ATOM 531  C CB  . CYS A 1 75  ? -7.994  3.612   -7.209  1.00 54.65  ? 75  CYS A CB  1 
ATOM 532  S SG  . CYS A 1 75  ? -8.326  2.349   -5.950  1.00 84.47  ? 75  CYS A SG  1 
ATOM 533  N N   . LEU A 1 76  ? -6.626  4.758   -9.961  1.00 46.64  ? 76  LEU A N   1 
ATOM 534  C CA  . LEU A 1 76  ? -6.603  5.774   -11.003 1.00 60.04  ? 76  LEU A CA  1 
ATOM 535  C C   . LEU A 1 76  ? -6.769  5.125   -12.373 1.00 75.99  ? 76  LEU A C   1 
ATOM 536  O O   . LEU A 1 76  ? -7.441  5.665   -13.248 1.00 84.21  ? 76  LEU A O   1 
ATOM 537  C CB  . LEU A 1 76  ? -5.285  6.560   -10.933 1.00 59.24  ? 76  LEU A CB  1 
ATOM 538  C CG  . LEU A 1 76  ? -4.966  7.498   -12.081 1.00 64.06  ? 76  LEU A CG  1 
ATOM 539  C CD1 . LEU A 1 76  ? -5.837  8.688   -12.028 1.00 80.99  ? 76  LEU A CD1 1 
ATOM 540  C CD2 . LEU A 1 76  ? -3.534  7.964   -11.989 1.00 80.05  ? 76  LEU A CD2 1 
ATOM 541  N N   . VAL A 1 77  ? -6.110  3.989   -12.616 1.00 85.41  ? 77  VAL A N   1 
ATOM 542  C CA  . VAL A 1 77  ? -6.250  3.301   -13.890 1.00 84.13  ? 77  VAL A CA  1 
ATOM 543  C C   . VAL A 1 77  ? -7.660  2.724   -14.044 1.00 82.11  ? 77  VAL A C   1 
ATOM 544  O O   . VAL A 1 77  ? -8.251  2.763   -15.116 1.00 78.19  ? 77  VAL A O   1 
ATOM 545  C CB  . VAL A 1 77  ? -5.173  2.221   -14.029 1.00 76.59  ? 77  VAL A CB  1 
ATOM 546  C CG1 . VAL A 1 77  ? -5.368  1.431   -15.300 1.00 90.51  ? 77  VAL A CG1 1 
ATOM 547  C CG2 . VAL A 1 77  ? -3.788  2.826   -14.008 1.00 86.34  ? 77  VAL A CG2 1 
ATOM 548  N N   . GLY A 1 78  ? -8.225  2.232   -12.945 1.00 84.61  ? 78  GLY A N   1 
ATOM 549  C CA  . GLY A 1 78  ? -9.568  1.687   -12.945 1.00 83.77  ? 78  GLY A CA  1 
ATOM 550  C C   . GLY A 1 78  ? -10.682 2.731   -12.929 1.00 86.13  ? 78  GLY A C   1 
ATOM 551  O O   . GLY A 1 78  ? -11.850 2.364   -12.838 1.00 91.43  ? 78  GLY A O   1 
ATOM 552  N N   . CYS A 1 79  ? -10.329 4.018   -13.023 1.00 83.75  ? 79  CYS A N   1 
ATOM 553  C CA  . CYS A 1 79  ? -11.272 5.131   -13.058 1.00 76.02  ? 79  CYS A CA  1 
ATOM 554  C C   . CYS A 1 79  ? -12.165 5.125   -11.814 1.00 74.06  ? 79  CYS A C   1 
ATOM 555  O O   . CYS A 1 79  ? -13.365 5.401   -11.887 1.00 111.55 ? 79  CYS A O   1 
ATOM 556  C CB  . CYS A 1 79  ? -12.104 5.119   -14.322 1.00 79.45  ? 79  CYS A CB  1 
ATOM 557  S SG  . CYS A 1 79  ? -11.123 5.149   -15.843 1.00 114.87 ? 79  CYS A SG  1 
ATOM 558  N N   . HIS A 1 80  ? -11.561 4.866   -10.658 1.00 65.82  ? 80  HIS A N   1 
ATOM 559  C CA  . HIS A 1 80  ? -12.248 4.919   -9.384  1.00 73.69  ? 80  HIS A CA  1 
ATOM 560  C C   . HIS A 1 80  ? -11.997 6.221   -8.636  1.00 66.46  ? 80  HIS A C   1 
ATOM 561  O O   . HIS A 1 80  ? -12.849 6.638   -7.851  1.00 92.67  ? 80  HIS A O   1 
ATOM 562  C CB  . HIS A 1 80  ? -11.835 3.734   -8.512  1.00 90.72  ? 80  HIS A CB  1 
ATOM 563  C CG  . HIS A 1 80  ? -12.342 2.416   -8.997  1.00 108.00 ? 80  HIS A CG  1 
ATOM 564  N ND1 . HIS A 1 80  ? -13.575 1.917   -8.655  1.00 144.98 ? 80  HIS A ND1 1 
ATOM 565  C CD2 . HIS A 1 80  ? -11.761 1.507   -9.823  1.00 124.47 ? 80  HIS A CD2 1 
ATOM 566  C CE1 . HIS A 1 80  ? -13.755 0.743   -9.259  1.00 161.58 ? 80  HIS A CE1 1 
ATOM 567  N NE2 . HIS A 1 80  ? -12.643 0.471   -9.978  1.00 138.70 ? 80  HIS A NE2 1 
ATOM 568  N N   . VAL A 1 81  ? -10.847 6.858   -8.866  1.00 50.72  ? 81  VAL A N   1 
ATOM 569  C CA  . VAL A 1 81  ? -10.507 8.144   -8.275  1.00 48.05  ? 81  VAL A CA  1 
ATOM 570  C C   . VAL A 1 81  ? -10.065 9.076   -9.381  1.00 51.05  ? 81  VAL A C   1 
ATOM 571  O O   . VAL A 1 81  ? -9.635  8.643   -10.447 1.00 69.54  ? 81  VAL A O   1 
ATOM 572  C CB  . VAL A 1 81  ? -9.437  8.019   -7.182  1.00 48.20  ? 81  VAL A CB  1 
ATOM 573  C CG1 . VAL A 1 81  ? -9.915  7.202   -6.021  1.00 70.06  ? 81  VAL A CG1 1 
ATOM 574  C CG2 . VAL A 1 81  ? -8.171  7.411   -7.704  1.00 58.21  ? 81  VAL A CG2 1 
ATOM 575  N N   . SER A 1 82  ? -10.130 10.374  -9.091  1.00 63.01  ? 82  SER A N   1 
ATOM 576  C CA  . SER A 1 82  ? -9.701  11.393  -10.037 1.00 66.69  ? 82  SER A CA  1 
ATOM 577  C C   . SER A 1 82  ? -8.187  11.458  -10.098 1.00 64.32  ? 82  SER A C   1 
ATOM 578  O O   . SER A 1 82  ? -7.481  10.958  -9.228  1.00 85.47  ? 82  SER A O   1 
ATOM 579  C CB  . SER A 1 82  ? -10.325 12.729  -9.707  1.00 77.55  ? 82  SER A CB  1 
ATOM 580  O OG  . SER A 1 82  ? -10.522 12.873  -8.319  1.00 92.54  ? 82  SER A OG  1 
ATOM 581  N N   . VAL A 1 83  ? -7.675  12.119  -11.135 1.00 72.39  ? 83  VAL A N   1 
ATOM 582  C CA  . VAL A 1 83  ? -6.228  12.346  -11.276 1.00 54.78  ? 83  VAL A CA  1 
ATOM 583  C C   . VAL A 1 83  ? -5.764  13.283  -10.164 1.00 73.17  ? 83  VAL A C   1 
ATOM 584  O O   . VAL A 1 83  ? -4.694  13.087  -9.606  1.00 87.75  ? 83  VAL A O   1 
ATOM 585  C CB  . VAL A 1 83  ? -5.934  12.964  -12.648 1.00 50.23  ? 83  VAL A CB  1 
ATOM 586  C CG1 . VAL A 1 83  ? -4.497  13.293  -12.876 1.00 50.45  ? 83  VAL A CG1 1 
ATOM 587  C CG2 . VAL A 1 83  ? -6.520  12.065  -13.735 1.00 86.54  ? 83  VAL A CG2 1 
ATOM 588  N N   . LEU A 1 84  ? -6.556  14.322  -9.821  1.00 68.79  ? 84  LEU A N   1 
ATOM 589  C CA  . LEU A 1 84  ? -6.137  15.243  -8.797  1.00 61.86  ? 84  LEU A CA  1 
ATOM 590  C C   . LEU A 1 84  ? -6.210  14.559  -7.435  1.00 65.74  ? 84  LEU A C   1 
ATOM 591  O O   . LEU A 1 84  ? -5.382  14.807  -6.574  1.00 93.42  ? 84  LEU A O   1 
ATOM 592  C CB  . LEU A 1 84  ? -7.046  16.466  -8.842  1.00 77.11  ? 84  LEU A CB  1 
ATOM 593  C CG  . LEU A 1 84  ? -6.718  17.602  -7.892  1.00 76.15  ? 84  LEU A CG  1 
ATOM 594  C CD1 . LEU A 1 84  ? -5.519  18.338  -8.438  1.00 96.30  ? 84  LEU A CD1 1 
ATOM 595  C CD2 . LEU A 1 84  ? -7.919  18.526  -7.707  1.00 107.24 ? 84  LEU A CD2 1 
ATOM 596  N N   . ARG A 1 85  ? -7.184  13.702  -7.202  1.00 62.92  ? 85  ARG A N   1 
ATOM 597  C CA  . ARG A 1 85  ? -7.250  12.971  -5.947  1.00 66.46  ? 85  ARG A CA  1 
ATOM 598  C C   . ARG A 1 85  ? -6.112  11.960  -5.844  1.00 70.78  ? 85  ARG A C   1 
ATOM 599  O O   . ARG A 1 85  ? -5.525  11.780  -4.767  1.00 100.72 ? 85  ARG A O   1 
ATOM 600  C CB  . ARG A 1 85  ? -8.593  12.249  -5.810  1.00 72.86  ? 85  ARG A CB  1 
ATOM 601  C CG  . ARG A 1 85  ? -8.724  11.430  -4.534  1.00 72.85  ? 85  ARG A CG  1 
ATOM 602  C CD  . ARG A 1 85  ? -10.130 10.895  -4.371  1.00 78.12  ? 85  ARG A CD  1 
ATOM 603  N NE  . ARG A 1 85  ? -11.069 11.963  -4.107  1.00 73.13  ? 85  ARG A NE  1 
ATOM 604  C CZ  . ARG A 1 85  ? -11.565 12.250  -2.913  1.00 81.92  ? 85  ARG A CZ  1 
ATOM 605  N NH1 . ARG A 1 85  ? -11.198 11.550  -1.858  1.00 93.37  ? 85  ARG A NH1 1 
ATOM 606  N NH2 . ARG A 1 85  ? -12.442 13.229  -2.783  1.00 98.75  ? 85  ARG A NH2 1 
ATOM 607  N N   . ALA A 1 86  ? -5.769  11.312  -6.952  1.00 71.91  ? 86  ALA A N   1 
ATOM 608  C CA  . ALA A 1 86  ? -4.658  10.370  -6.951  1.00 71.40  ? 86  ALA A CA  1 
ATOM 609  C C   . ALA A 1 86  ? -3.336  11.088  -6.736  1.00 67.97  ? 86  ALA A C   1 
ATOM 610  O O   . ALA A 1 86  ? -2.434  10.530  -6.110  1.00 83.88  ? 86  ALA A O   1 
ATOM 611  C CB  . ALA A 1 86  ? -4.641  9.570   -8.244  1.00 77.91  ? 86  ALA A CB  1 
ATOM 612  N N   . ALA A 1 87  ? -3.200  12.307  -7.260  1.00 65.27  ? 87  ALA A N   1 
ATOM 613  C CA  . ALA A 1 87  ? -1.994  13.104  -7.063  1.00 68.32  ? 87  ALA A CA  1 
ATOM 614  C C   . ALA A 1 87  ? -1.834  13.470  -5.596  1.00 61.15  ? 87  ALA A C   1 
ATOM 615  O O   . ALA A 1 87  ? -0.735  13.405  -5.049  1.00 66.46  ? 87  ALA A O   1 
ATOM 616  C CB  . ALA A 1 87  ? -2.009  14.344  -7.932  1.00 70.00  ? 87  ALA A CB  1 
ATOM 617  N N   . PHE A 1 88  ? -2.926  13.889  -4.962  1.00 67.23  ? 88  PHE A N   1 
ATOM 618  C CA  . PHE A 1 88  ? -2.877  14.298  -3.572  1.00 53.92  ? 88  PHE A CA  1 
ATOM 619  C C   . PHE A 1 88  ? -2.783  13.090  -2.655  1.00 50.40  ? 88  PHE A C   1 
ATOM 620  O O   . PHE A 1 88  ? -2.240  13.194  -1.558  1.00 81.73  ? 88  PHE A O   1 
ATOM 621  C CB  . PHE A 1 88  ? -4.083  15.162  -3.222  1.00 46.06  ? 88  PHE A CB  1 
ATOM 622  C CG  . PHE A 1 88  ? -3.897  16.615  -3.536  1.00 50.85  ? 88  PHE A CG  1 
ATOM 623  C CD1 . PHE A 1 88  ? -4.189  17.124  -4.775  1.00 58.35  ? 88  PHE A CD1 1 
ATOM 624  C CD2 . PHE A 1 88  ? -3.400  17.486  -2.603  1.00 78.26  ? 88  PHE A CD2 1 
ATOM 625  C CE1 . PHE A 1 88  ? -4.000  18.461  -5.070  1.00 64.15  ? 88  PHE A CE1 1 
ATOM 626  C CE2 . PHE A 1 88  ? -3.228  18.830  -2.893  1.00 84.68  ? 88  PHE A CE2 1 
ATOM 627  C CZ  . PHE A 1 88  ? -3.526  19.311  -4.129  1.00 73.21  ? 88  PHE A CZ  1 
ATOM 628  N N   . TYR A 1 89  ? -3.341  11.956  -3.032  1.00 45.58  ? 89  TYR A N   1 
ATOM 629  C CA  . TYR A 1 89  ? -3.243  10.776  -2.191  1.00 47.82  ? 89  TYR A CA  1 
ATOM 630  C C   . TYR A 1 89  ? -1.810  10.255  -2.175  1.00 59.14  ? 89  TYR A C   1 
ATOM 631  O O   . TYR A 1 89  ? -1.302  9.878   -1.132  1.00 86.79  ? 89  TYR A O   1 
ATOM 632  C CB  . TYR A 1 89  ? -4.169  9.665   -2.701  1.00 57.41  ? 89  TYR A CB  1 
ATOM 633  C CG  . TYR A 1 89  ? -5.564  9.724   -2.158  1.00 59.83  ? 89  TYR A CG  1 
ATOM 634  C CD1 . TYR A 1 89  ? -6.093  10.891  -1.669  1.00 57.93  ? 89  TYR A CD1 1 
ATOM 635  C CD2 . TYR A 1 89  ? -6.367  8.596   -2.168  1.00 65.43  ? 89  TYR A CD2 1 
ATOM 636  C CE1 . TYR A 1 89  ? -7.384  10.926  -1.192  1.00 71.53  ? 89  TYR A CE1 1 
ATOM 637  C CE2 . TYR A 1 89  ? -7.654  8.622   -1.673  1.00 53.88  ? 89  TYR A CE2 1 
ATOM 638  C CZ  . TYR A 1 89  ? -8.158  9.788   -1.187  1.00 63.37  ? 89  TYR A CZ  1 
ATOM 639  O OH  . TYR A 1 89  ? -9.449  9.817   -0.702  1.00 69.41  ? 89  TYR A OH  1 
ATOM 640  N N   . VAL A 1 90  ? -1.145  10.199  -3.326  1.00 61.25  ? 90  VAL A N   1 
ATOM 641  C CA  . VAL A 1 90  ? 0.233   9.743   -3.389  1.00 55.90  ? 90  VAL A CA  1 
ATOM 642  C C   . VAL A 1 90  ? 1.139   10.709  -2.626  1.00 57.11  ? 90  VAL A C   1 
ATOM 643  O O   . VAL A 1 90  ? 2.030   10.295  -1.901  1.00 65.22  ? 90  VAL A O   1 
ATOM 644  C CB  . VAL A 1 90  ? 0.678   9.594   -4.856  1.00 66.31  ? 90  VAL A CB  1 
ATOM 645  C CG1 . VAL A 1 90  ? 2.188   9.537   -4.995  1.00 72.57  ? 90  VAL A CG1 1 
ATOM 646  C CG2 . VAL A 1 90  ? 0.013   8.390   -5.501  1.00 77.36  ? 90  VAL A CG2 1 
ATOM 647  N N   . ALA A 1 91  ? 0.926   12.018  -2.772  1.00 60.44  ? 91  ALA A N   1 
ATOM 648  C CA  . ALA A 1 91  ? 1.695   13.004  -2.033  1.00 58.81  ? 91  ALA A CA  1 
ATOM 649  C C   . ALA A 1 91  ? 1.471   12.860  -0.531  1.00 58.36  ? 91  ALA A C   1 
ATOM 650  O O   . ALA A 1 91  ? 2.410   12.994  0.255   1.00 83.48  ? 91  ALA A O   1 
ATOM 651  C CB  . ALA A 1 91  ? 1.352   14.404  -2.489  1.00 63.06  ? 91  ALA A CB  1 
ATOM 652  N N   . ALA A 1 92  ? 0.240   12.598  -0.111  1.00 53.75  ? 92  ALA A N   1 
ATOM 653  C CA  . ALA A 1 92  ? -0.049  12.385  1.295   1.00 61.14  ? 92  ALA A CA  1 
ATOM 654  C C   . ALA A 1 92  ? 0.527   11.059  1.776   1.00 60.67  ? 92  ALA A C   1 
ATOM 655  O O   . ALA A 1 92  ? 0.964   10.944  2.921   1.00 71.79  ? 92  ALA A O   1 
ATOM 656  C CB  . ALA A 1 92  ? -1.540  12.452  1.556   1.00 65.65  ? 92  ALA A CB  1 
ATOM 657  N N   . GLN A 1 93  ? 0.520   10.039  0.925   1.00 60.10  ? 93  GLN A N   1 
ATOM 658  C CA  . GLN A 1 93  ? 1.063   8.743   1.301   1.00 63.57  ? 93  GLN A CA  1 
ATOM 659  C C   . GLN A 1 93  ? 2.584   8.797   1.430   1.00 70.39  ? 93  GLN A C   1 
ATOM 660  O O   . GLN A 1 93  ? 3.148   8.241   2.363   1.00 78.53  ? 93  GLN A O   1 
ATOM 661  C CB  . GLN A 1 93  ? 0.665   7.678   0.278   1.00 56.52  ? 93  GLN A CB  1 
ATOM 662  C CG  . GLN A 1 93  ? -0.759  7.169   0.468   1.00 63.01  ? 93  GLN A CG  1 
ATOM 663  C CD  . GLN A 1 93  ? -1.372  6.718   -0.831  1.00 64.23  ? 93  GLN A CD  1 
ATOM 664  O OE1 . GLN A 1 93  ? -0.767  6.851   -1.894  1.00 60.29  ? 93  GLN A OE1 1 
ATOM 665  N NE2 . GLN A 1 93  ? -2.590  6.197   -0.754  1.00 53.82  ? 93  GLN A NE2 1 
ATOM 666  N N   . LEU A 1 94  ? 3.257   9.475   0.508   1.00 67.93  ? 94  LEU A N   1 
ATOM 667  C CA  . LEU A 1 94  ? 4.705   9.540   0.561   1.00 63.97  ? 94  LEU A CA  1 
ATOM 668  C C   . LEU A 1 94  ? 5.143   10.430  1.719   1.00 70.97  ? 94  LEU A C   1 
ATOM 669  O O   . LEU A 1 94  ? 6.142   10.143  2.373   1.00 69.99  ? 94  LEU A O   1 
ATOM 670  C CB  . LEU A 1 94  ? 5.266   10.072  -0.768  1.00 65.55  ? 94  LEU A CB  1 
ATOM 671  C CG  . LEU A 1 94  ? 5.100   9.150   -1.972  1.00 65.04  ? 94  LEU A CG  1 
ATOM 672  C CD1 . LEU A 1 94  ? 5.739   9.773   -3.198  1.00 68.05  ? 94  LEU A CD1 1 
ATOM 673  C CD2 . LEU A 1 94  ? 5.666   7.783   -1.704  1.00 70.12  ? 94  LEU A CD2 1 
ATOM 674  N N   . LEU A 1 95  ? 4.443   11.543  1.960   1.00 69.76  ? 95  LEU A N   1 
ATOM 675  C CA  . LEU A 1 95  ? 4.795   12.418  3.071   1.00 69.00  ? 95  LEU A CA  1 
ATOM 676  C C   . LEU A 1 95  ? 4.476   11.750  4.406   1.00 54.74  ? 95  LEU A C   1 
ATOM 677  O O   . LEU A 1 95  ? 5.227   11.901  5.362   1.00 70.08  ? 95  LEU A O   1 
ATOM 678  C CB  . LEU A 1 95  ? 4.059   13.754  2.955   1.00 63.59  ? 95  LEU A CB  1 
ATOM 679  C CG  . LEU A 1 95  ? 4.677   14.776  2.029   1.00 74.40  ? 95  LEU A CG  1 
ATOM 680  C CD1 . LEU A 1 95  ? 3.729   15.945  1.801   1.00 90.11  ? 95  LEU A CD1 1 
ATOM 681  C CD2 . LEU A 1 95  ? 5.976   15.257  2.638   1.00 89.88  ? 95  LEU A CD2 1 
ATOM 682  N N   . GLY A 1 96  ? 3.371   11.041  4.488   1.00 48.50  ? 96  GLY A N   1 
ATOM 683  C CA  . GLY A 1 96  ? 3.021   10.361  5.719   1.00 57.67  ? 96  GLY A CA  1 
ATOM 684  C C   . GLY A 1 96  ? 3.959   9.222   6.035   1.00 64.49  ? 96  GLY A C   1 
ATOM 685  O O   . GLY A 1 96  ? 4.236   8.949   7.197   1.00 93.15  ? 96  GLY A O   1 
ATOM 686  N N   . ALA A 1 97  ? 4.444   8.524   5.015   1.00 73.51  ? 97  ALA A N   1 
ATOM 687  C CA  . ALA A 1 97  ? 5.332   7.393   5.223   1.00 64.92  ? 97  ALA A CA  1 
ATOM 688  C C   . ALA A 1 97  ? 6.668   7.859   5.788   1.00 60.59  ? 97  ALA A C   1 
ATOM 689  O O   . ALA A 1 97  ? 7.176   7.270   6.734   1.00 68.61  ? 97  ALA A O   1 
ATOM 690  C CB  . ALA A 1 97  ? 5.515   6.639   3.921   1.00 72.32  ? 97  ALA A CB  1 
ATOM 691  N N   . VAL A 1 98  ? 7.255   8.904   5.203   1.00 53.26  ? 98  VAL A N   1 
ATOM 692  C CA  . VAL A 1 98  ? 8.522   9.418   5.683   1.00 50.20  ? 98  VAL A CA  1 
ATOM 693  C C   . VAL A 1 98  ? 8.352   9.956   7.103   1.00 57.68  ? 98  VAL A C   1 
ATOM 694  O O   . VAL A 1 98  ? 9.234   9.781   7.951   1.00 86.34  ? 98  VAL A O   1 
ATOM 695  C CB  . VAL A 1 98  ? 9.065   10.500  4.735   1.00 48.68  ? 98  VAL A CB  1 
ATOM 696  C CG1 . VAL A 1 98  ? 10.350  11.110  5.242   1.00 54.81  ? 98  VAL A CG1 1 
ATOM 697  C CG2 . VAL A 1 98  ? 9.253   9.957   3.355   1.00 59.74  ? 98  VAL A CG2 1 
ATOM 698  N N   . ALA A 1 99  ? 7.245   10.644  7.382   1.00 54.00  ? 99  ALA A N   1 
ATOM 699  C CA  . ALA A 1 99  ? 6.975   11.121  8.722   1.00 68.53  ? 99  ALA A CA  1 
ATOM 700  C C   . ALA A 1 99  ? 6.748   9.953   9.679   1.00 68.47  ? 99  ALA A C   1 
ATOM 701  O O   . ALA A 1 99  ? 7.098   10.019  10.849  1.00 70.61  ? 99  ALA A O   1 
ATOM 702  C CB  . ALA A 1 99  ? 5.776   12.056  8.719   1.00 78.62  ? 99  ALA A CB  1 
ATOM 703  N N   . GLY A 1 100 ? 6.148   8.876   9.200   1.00 67.64  ? 100 GLY A N   1 
ATOM 704  C CA  . GLY A 1 100 ? 5.963   7.702   10.030  1.00 71.30  ? 100 GLY A CA  1 
ATOM 705  C C   . GLY A 1 100 ? 7.258   6.978   10.340  1.00 66.46  ? 100 GLY A C   1 
ATOM 706  O O   . GLY A 1 100 ? 7.448   6.493   11.438  1.00 99.74  ? 100 GLY A O   1 
ATOM 707  N N   . ALA A 1 101 ? 8.175   6.928   9.378   1.00 67.00  ? 101 ALA A N   1 
ATOM 708  C CA  . ALA A 1 101 ? 9.470   6.289   9.582   1.00 55.80  ? 101 ALA A CA  1 
ATOM 709  C C   . ALA A 1 101 ? 10.407  7.172   10.393  1.00 54.65  ? 101 ALA A C   1 
ATOM 710  O O   . ALA A 1 101 ? 11.210  6.660   11.172  1.00 74.90  ? 101 ALA A O   1 
ATOM 711  C CB  . ALA A 1 101 ? 10.092  5.922   8.274   1.00 49.32  ? 101 ALA A CB  1 
ATOM 712  N N   . ALA A 1 102 ? 10.297  8.501   10.248  1.00 52.45  ? 102 ALA A N   1 
ATOM 713  C CA  . ALA A 1 102 ? 11.124  9.406   11.034  1.00 55.12  ? 102 ALA A CA  1 
ATOM 714  C C   . ALA A 1 102 ? 10.703  9.378   12.494  1.00 67.82  ? 102 ALA A C   1 
ATOM 715  O O   . ALA A 1 102 ? 11.539  9.511   13.378  1.00 96.65  ? 102 ALA A O   1 
ATOM 716  C CB  . ALA A 1 102 ? 11.053  10.794  10.480  1.00 70.45  ? 102 ALA A CB  1 
ATOM 717  N N   . LEU A 1 103 ? 9.407   9.228   12.772  1.00 81.64  ? 103 LEU A N   1 
ATOM 718  C CA  . LEU A 1 103 ? 8.930   9.105   14.147  1.00 80.51  ? 103 LEU A CA  1 
ATOM 719  C C   . LEU A 1 103 ? 9.404   7.791   14.736  1.00 76.90  ? 103 LEU A C   1 
ATOM 720  O O   . LEU A 1 103 ? 9.749   7.746   15.912  1.00 106.33 ? 103 LEU A O   1 
ATOM 721  C CB  . LEU A 1 103 ? 7.400   9.192   14.209  1.00 88.34  ? 103 LEU A CB  1 
ATOM 722  C CG  . LEU A 1 103 ? 6.838   10.602  14.364  1.00 129.37 ? 103 LEU A CG  1 
ATOM 723  C CD1 . LEU A 1 103 ? 5.316   10.591  14.225  1.00 146.83 ? 103 LEU A CD1 1 
ATOM 724  C CD2 . LEU A 1 103 ? 7.263   11.220  15.690  1.00 141.90 ? 103 LEU A CD2 1 
ATOM 725  N N   . LEU A 1 104 ? 9.399   6.717   13.949  1.00 60.33  ? 104 LEU A N   1 
ATOM 726  C CA  . LEU A 1 104 ? 9.857   5.426   14.452  1.00 61.75  ? 104 LEU A CA  1 
ATOM 727  C C   . LEU A 1 104 ? 11.362  5.421   14.690  1.00 62.22  ? 104 LEU A C   1 
ATOM 728  O O   . LEU A 1 104 ? 11.822  4.839   15.671  1.00 89.85  ? 104 LEU A O   1 
ATOM 729  C CB  . LEU A 1 104 ? 9.481   4.326   13.462  1.00 65.24  ? 104 LEU A CB  1 
ATOM 730  C CG  . LEU A 1 104 ? 9.985   2.933   13.817  1.00 67.74  ? 104 LEU A CG  1 
ATOM 731  C CD1 . LEU A 1 104 ? 9.157   2.368   14.940  1.00 75.68  ? 104 LEU A CD1 1 
ATOM 732  C CD2 . LEU A 1 104 ? 9.974   2.049   12.607  1.00 72.47  ? 104 LEU A CD2 1 
ATOM 733  N N   . HIS A 1 105 ? 12.108  6.108   13.820  1.00 63.78  ? 105 HIS A N   1 
ATOM 734  C CA  . HIS A 1 105 ? 13.544  6.205   13.994  1.00 60.36  ? 105 HIS A CA  1 
ATOM 735  C C   . HIS A 1 105 ? 13.902  7.032   15.227  1.00 72.75  ? 105 HIS A C   1 
ATOM 736  O O   . HIS A 1 105 ? 14.961  6.824   15.812  1.00 94.08  ? 105 HIS A O   1 
ATOM 737  C CB  . HIS A 1 105 ? 14.172  6.799   12.736  1.00 59.48  ? 105 HIS A CB  1 
ATOM 738  C CG  . HIS A 1 105 ? 15.639  7.057   12.839  1.00 79.21  ? 105 HIS A CG  1 
ATOM 739  N ND1 . HIS A 1 105 ? 16.180  8.184   13.406  1.00 84.12  ? 105 HIS A ND1 1 
ATOM 740  C CD2 . HIS A 1 105 ? 16.671  6.260   12.439  1.00 87.41  ? 105 HIS A CD2 1 
ATOM 741  C CE1 . HIS A 1 105 ? 17.503  8.097   13.356  1.00 105.18 ? 105 HIS A CE1 1 
ATOM 742  N NE2 . HIS A 1 105 ? 17.831  6.903   12.764  1.00 108.83 ? 105 HIS A NE2 1 
ATOM 743  N N   . GLU A 1 106 ? 13.053  7.972   15.637  1.00 70.66  ? 106 GLU A N   1 
ATOM 744  C CA  . GLU A 1 106 ? 13.340  8.838   16.765  1.00 75.64  ? 106 GLU A CA  1 
ATOM 745  C C   . GLU A 1 106 ? 12.975  8.192   18.105  1.00 79.91  ? 106 GLU A C   1 
ATOM 746  O O   . GLU A 1 106 ? 13.461  8.634   19.149  1.00 88.50  ? 106 GLU A O   1 
ATOM 747  C CB  . GLU A 1 106 ? 12.602  10.169  16.623  1.00 79.83  ? 106 GLU A CB  1 
ATOM 748  C CG  . GLU A 1 106 ? 13.326  11.195  15.777  1.00 107.84 ? 106 GLU A CG  1 
ATOM 749  C CD  . GLU A 1 106 ? 14.837  11.203  15.950  1.00 147.60 ? 106 GLU A CD  1 
ATOM 750  O OE1 . GLU A 1 106 ? 15.548  11.090  14.919  1.00 146.45 ? 106 GLU A OE1 1 
ATOM 751  O OE2 . GLU A 1 106 ? 15.308  11.338  17.108  1.00 165.96 ? 106 GLU A OE2 1 
ATOM 752  N N   . ILE A 1 107 ? 12.120  7.166   18.091  1.00 70.25  ? 107 ILE A N   1 
ATOM 753  C CA  . ILE A 1 107 ? 11.683  6.545   19.335  1.00 67.99  ? 107 ILE A CA  1 
ATOM 754  C C   . ILE A 1 107 ? 12.395  5.217   19.598  1.00 85.72  ? 107 ILE A C   1 
ATOM 755  O O   . ILE A 1 107 ? 12.347  4.706   20.721  1.00 104.17 ? 107 ILE A O   1 
ATOM 756  C CB  . ILE A 1 107 ? 10.163  6.300   19.325  1.00 69.41  ? 107 ILE A CB  1 
ATOM 757  C CG1 . ILE A 1 107 ? 9.783   5.369   18.187  1.00 72.28  ? 107 ILE A CG1 1 
ATOM 758  C CG2 . ILE A 1 107 ? 9.410   7.603   19.208  1.00 76.78  ? 107 ILE A CG2 1 
ATOM 759  C CD1 . ILE A 1 107 ? 8.478   4.704   18.346  1.00 83.92  ? 107 ILE A CD1 1 
ATOM 760  N N   . THR A 1 108 ? 12.995  4.617   18.555  1.00 75.29  ? 108 THR A N   1 
ATOM 761  C CA  . THR A 1 108 ? 13.651  3.324   18.696  1.00 63.79  ? 108 THR A CA  1 
ATOM 762  C C   . THR A 1 108 ? 15.087  3.559   19.153  1.00 61.74  ? 108 THR A C   1 
ATOM 763  O O   . THR A 1 108 ? 15.742  4.487   18.683  1.00 70.19  ? 108 THR A O   1 
ATOM 764  C CB  . THR A 1 108 ? 13.613  2.565   17.368  1.00 65.10  ? 108 THR A CB  1 
ATOM 765  O OG1 . THR A 1 108 ? 12.264  2.486   16.922  1.00 49.98  ? 108 THR A OG1 1 
ATOM 766  C CG2 . THR A 1 108 ? 14.177  1.177   17.480  1.00 76.06  ? 108 THR A CG2 1 
ATOM 767  N N   . PRO A 1 109 ? 15.590  2.726   20.087  1.00 67.27  ? 109 PRO A N   1 
ATOM 768  C CA  . PRO A 1 109 ? 16.989  2.766   20.478  1.00 73.48  ? 109 PRO A CA  1 
ATOM 769  C C   . PRO A 1 109 ? 17.936  2.629   19.297  1.00 79.02  ? 109 PRO A C   1 
ATOM 770  O O   . PRO A 1 109 ? 17.639  1.922   18.321  1.00 87.09  ? 109 PRO A O   1 
ATOM 771  C CB  . PRO A 1 109 ? 17.113  1.556   21.422  1.00 80.56  ? 109 PRO A CB  1 
ATOM 772  C CG  . PRO A 1 109 ? 15.761  1.467   22.046  1.00 79.86  ? 109 PRO A CG  1 
ATOM 773  C CD  . PRO A 1 109 ? 14.816  1.818   20.947  1.00 73.76  ? 109 PRO A CD  1 
ATOM 774  N N   . ALA A 1 110 ? 19.104  3.279   19.425  1.00 80.77  ? 110 ALA A N   1 
ATOM 775  C CA  . ALA A 1 110 ? 20.078  3.300   18.345  1.00 104.09 ? 110 ALA A CA  1 
ATOM 776  C C   . ALA A 1 110 ? 20.621  1.902   18.050  1.00 109.08 ? 110 ALA A C   1 
ATOM 777  O O   . ALA A 1 110 ? 20.991  1.615   16.902  1.00 135.71 ? 110 ALA A O   1 
ATOM 778  C CB  . ALA A 1 110 ? 21.179  4.292   18.657  1.00 132.37 ? 110 ALA A CB  1 
ATOM 779  N N   . ASP A 1 111 ? 20.708  1.070   19.093  1.00 88.11  ? 111 ASP A N   1 
ATOM 780  C CA  . ASP A 1 111 ? 21.223  -0.279  18.952  1.00 91.66  ? 111 ASP A CA  1 
ATOM 781  C C   . ASP A 1 111 ? 20.222  -1.201  18.262  1.00 77.22  ? 111 ASP A C   1 
ATOM 782  O O   . ASP A 1 111 ? 20.552  -2.357  17.990  1.00 104.43 ? 111 ASP A O   1 
ATOM 783  C CB  . ASP A 1 111 ? 21.614  -0.822  20.322  1.00 120.48 ? 111 ASP A CB  1 
ATOM 784  C CG  . ASP A 1 111 ? 22.657  0.055   20.998  1.00 148.62 ? 111 ASP A CG  1 
ATOM 785  O OD1 . ASP A 1 111 ? 23.006  1.103   20.402  1.00 148.16 ? 111 ASP A OD1 1 
ATOM 786  O OD2 . ASP A 1 111 ? 23.116  -0.312  22.113  1.00 160.21 ? 111 ASP A OD2 1 
ATOM 787  N N   . ILE A 1 112 ? 19.008  -0.723  18.002  1.00 66.28  ? 112 ILE A N   1 
ATOM 788  C CA  . ILE A 1 112 ? 17.937  -1.575  17.501  1.00 68.09  ? 112 ILE A CA  1 
ATOM 789  C C   . ILE A 1 112 ? 17.473  -1.123  16.120  1.00 71.07  ? 112 ILE A C   1 
ATOM 790  O O   . ILE A 1 112 ? 17.006  -1.933  15.326  1.00 85.92  ? 112 ILE A O   1 
ATOM 791  C CB  . ILE A 1 112 ? 16.764  -1.614  18.502  1.00 78.30  ? 112 ILE A CB  1 
ATOM 792  C CG1 . ILE A 1 112 ? 17.185  -2.315  19.788  1.00 86.71  ? 112 ILE A CG1 1 
ATOM 793  C CG2 . ILE A 1 112 ? 15.563  -2.282  17.861  1.00 85.57  ? 112 ILE A CG2 1 
ATOM 794  C CD1 . ILE A 1 112 ? 16.097  -2.511  20.776  1.00 89.02  ? 112 ILE A CD1 1 
ATOM 795  N N   . ARG A 1 113 ? 17.605  0.169   15.785  1.00 81.25  ? 113 ARG A N   1 
ATOM 796  C CA  . ARG A 1 113 ? 17.111  0.650   14.499  1.00 75.99  ? 113 ARG A CA  1 
ATOM 797  C C   . ARG A 1 113 ? 17.842  -0.067  13.359  1.00 80.43  ? 113 ARG A C   1 
ATOM 798  O O   . ARG A 1 113 ? 17.235  -0.671  12.485  1.00 102.78 ? 113 ARG A O   1 
ATOM 799  C CB  . ARG A 1 113 ? 17.414  2.146   14.373  1.00 77.60  ? 113 ARG A CB  1 
ATOM 800  C CG  . ARG A 1 113 ? 16.700  3.046   15.365  1.00 70.36  ? 113 ARG A CG  1 
ATOM 801  C CD  . ARG A 1 113 ? 17.455  4.381   15.414  1.00 76.96  ? 113 ARG A CD  1 
ATOM 802  N NE  . ARG A 1 113 ? 17.106  5.143   16.603  1.00 99.83  ? 113 ARG A NE  1 
ATOM 803  C CZ  . ARG A 1 113 ? 17.743  6.225   17.018  1.00 99.67  ? 113 ARG A CZ  1 
ATOM 804  N NH1 . ARG A 1 113 ? 18.794  6.666   16.344  1.00 89.89  ? 113 ARG A NH1 1 
ATOM 805  N NH2 . ARG A 1 113 ? 17.327  6.833   18.121  1.00 116.90 ? 113 ARG A NH2 1 
ATOM 806  N N   . GLY A 1 114 ? 19.169  -0.015  13.380  1.00 91.86  ? 114 GLY A N   1 
ATOM 807  C CA  . GLY A 1 114 ? 19.951  -0.676  12.354  1.00 105.45 ? 114 GLY A CA  1 
ATOM 808  C C   . GLY A 1 114 ? 19.711  -0.056  10.987  1.00 106.67 ? 114 GLY A C   1 
ATOM 809  O O   . GLY A 1 114 ? 20.148  1.066   10.736  1.00 140.72 ? 114 GLY A O   1 
ATOM 810  N N   . ASP A 1 115 ? 19.002  -0.784  10.122  1.00 107.26 ? 115 ASP A N   1 
ATOM 811  C CA  . ASP A 1 115 ? 18.625  -0.261  8.815   1.00 101.88 ? 115 ASP A CA  1 
ATOM 812  C C   . ASP A 1 115 ? 17.153  0.153   8.768   1.00 78.56  ? 115 ASP A C   1 
ATOM 813  O O   . ASP A 1 115 ? 16.664  0.528   7.716   1.00 77.31  ? 115 ASP A O   1 
ATOM 814  C CB  . ASP A 1 115 ? 18.906  -1.294  7.724   1.00 122.08 ? 115 ASP A CB  1 
ATOM 815  C CG  . ASP A 1 115 ? 18.138  -2.594  7.914   1.00 151.17 ? 115 ASP A CG  1 
ATOM 816  O OD1 . ASP A 1 115 ? 17.663  -2.832  9.065   1.00 157.07 ? 115 ASP A OD1 1 
ATOM 817  O OD2 . ASP A 1 115 ? 18.025  -3.363  6.929   1.00 160.94 ? 115 ASP A OD2 1 
ATOM 818  N N   . LEU A 1 116 ? 16.451  0.103   9.902   1.00 72.92  ? 116 LEU A N   1 
ATOM 819  C CA  . LEU A 1 116 ? 15.054  0.502   10.038  1.00 74.32  ? 116 LEU A CA  1 
ATOM 820  C C   . LEU A 1 116 ? 14.169  -0.322  9.119   1.00 63.55  ? 116 LEU A C   1 
ATOM 821  O O   . LEU A 1 116 ? 13.169  0.168   8.622   1.00 68.64  ? 116 LEU A O   1 
ATOM 822  C CB  . LEU A 1 116 ? 14.912  2.014   9.813   1.00 79.98  ? 116 LEU A CB  1 
ATOM 823  C CG  . LEU A 1 116 ? 13.758  2.716   10.514  1.00 82.65  ? 116 LEU A CG  1 
ATOM 824  C CD1 . LEU A 1 116 ? 14.047  2.843   11.983  1.00 95.41  ? 116 LEU A CD1 1 
ATOM 825  C CD2 . LEU A 1 116 ? 13.526  4.058   9.897   1.00 96.41  ? 116 LEU A CD2 1 
ATOM 826  N N   . ALA A 1 117 ? 14.535  -1.581  8.917   1.00 75.11  ? 117 ALA A N   1 
ATOM 827  C CA  . ALA A 1 117 ? 13.736  -2.525  8.128   1.00 76.97  ? 117 ALA A CA  1 
ATOM 828  C C   . ALA A 1 117 ? 13.525  -2.019  6.701   1.00 70.93  ? 117 ALA A C   1 
ATOM 829  O O   . ALA A 1 117 ? 12.429  -2.058  6.216   1.00 69.18  ? 117 ALA A O   1 
ATOM 830  C CB  . ALA A 1 117 ? 12.410  -2.846  8.817   1.00 65.39  ? 117 ALA A CB  1 
ATOM 831  N N   . VAL A 1 118 ? 14.583  -1.605  6.026   1.00 67.80  ? 118 VAL A N   1 
ATOM 832  C CA  . VAL A 1 118 ? 14.512  -1.255  4.624   1.00 63.40  ? 118 VAL A CA  1 
ATOM 833  C C   . VAL A 1 118 ? 14.287  -2.525  3.818   1.00 76.19  ? 118 VAL A C   1 
ATOM 834  O O   . VAL A 1 118 ? 14.712  -3.624  4.195   1.00 89.90  ? 118 VAL A O   1 
ATOM 835  C CB  . VAL A 1 118 ? 15.775  -0.521  4.128   1.00 60.24  ? 118 VAL A CB  1 
ATOM 836  C CG1 . VAL A 1 118 ? 15.808  0.881   4.617   1.00 77.74  ? 118 VAL A CG1 1 
ATOM 837  C CG2 . VAL A 1 118 ? 17.035  -1.201  4.565   1.00 66.99  ? 118 VAL A CG2 1 
ATOM 838  N N   . ASN A 1 119 ? 13.634  -2.345  2.663   1.00 75.84  ? 119 ASN A N   1 
ATOM 839  C CA  . ASN A 1 119 ? 13.461  -3.436  1.738   1.00 66.56  ? 119 ASN A CA  1 
ATOM 840  C C   . ASN A 1 119 ? 14.784  -3.679  1.026   1.00 65.00  ? 119 ASN A C   1 
ATOM 841  O O   . ASN A 1 119 ? 15.379  -2.772  0.444   1.00 73.53  ? 119 ASN A O   1 
ATOM 842  C CB  . ASN A 1 119 ? 12.350  -3.112  0.750   1.00 71.62  ? 119 ASN A CB  1 
ATOM 843  C CG  . ASN A 1 119 ? 10.968  -3.199  1.347   1.00 81.83  ? 119 ASN A CG  1 
ATOM 844  O OD1 . ASN A 1 119 ? 10.084  -2.418  1.021   1.00 86.22  ? 119 ASN A OD1 1 
ATOM 845  N ND2 . ASN A 1 119 ? 10.779  -4.151  2.233   1.00 91.55  ? 119 ASN A ND2 1 
ATOM 846  N N   . ALA A 1 120 ? 15.248  -4.931  1.068   1.00 72.48  ? 120 ALA A N   1 
ATOM 847  C CA  . ALA A 1 120 ? 16.499  -5.311  0.443   1.00 81.84  ? 120 ALA A CA  1 
ATOM 848  C C   . ALA A 1 120 ? 16.344  -6.714  -0.137  1.00 82.77  ? 120 ALA A C   1 
ATOM 849  O O   . ALA A 1 120 ? 15.557  -7.528  0.336   1.00 88.51  ? 120 ALA A O   1 
ATOM 850  C CB  . ALA A 1 120 ? 17.643  -5.258  1.441   1.00 94.77  ? 120 ALA A CB  1 
ATOM 851  N N   . LEU A 1 121 ? 17.149  -6.992  -1.159  1.00 80.49  ? 121 LEU A N   1 
ATOM 852  C CA  . LEU A 1 121 ? 17.132  -8.298  -1.791  1.00 77.41  ? 121 LEU A CA  1 
ATOM 853  C C   . LEU A 1 121 ? 17.772  -9.324  -0.857  1.00 80.36  ? 121 LEU A C   1 
ATOM 854  O O   . LEU A 1 121 ? 18.982  -9.307  -0.621  1.00 100.15 ? 121 LEU A O   1 
ATOM 855  C CB  . LEU A 1 121 ? 17.882  -8.230  -3.129  1.00 70.61  ? 121 LEU A CB  1 
ATOM 856  C CG  . LEU A 1 121 ? 17.046  -8.052  -4.393  1.00 66.40  ? 121 LEU A CG  1 
ATOM 857  C CD1 . LEU A 1 121 ? 16.009  -6.962  -4.249  1.00 76.80  ? 121 LEU A CD1 1 
ATOM 858  C CD2 . LEU A 1 121 ? 17.990  -7.741  -5.541  1.00 75.76  ? 121 LEU A CD2 1 
ATOM 859  N N   . SER A 1 122 ? 16.939  -10.242 -0.362  1.00 70.55  ? 122 SER A N   1 
ATOM 860  C CA  . SER A 1 122 ? 17.352  -11.246 0.603   1.00 93.16  ? 122 SER A CA  1 
ATOM 861  C C   . SER A 1 122 ? 17.366  -12.626 -0.033  1.00 83.48  ? 122 SER A C   1 
ATOM 862  O O   . SER A 1 122 ? 16.760  -12.842 -1.056  1.00 86.69  ? 122 SER A O   1 
ATOM 863  C CB  . SER A 1 122 ? 16.469  -11.221 1.847   1.00 106.27 ? 122 SER A CB  1 
ATOM 864  O OG  . SER A 1 122 ? 15.147  -10.860 1.515   1.00 97.62  ? 122 SER A OG  1 
ATOM 865  N N   . ASN A 1 123 ? 18.060  -13.563 0.608   1.00 87.36  ? 123 ASN A N   1 
ATOM 866  C CA  . ASN A 1 123 ? 18.126  -14.961 0.180   1.00 68.92  ? 123 ASN A CA  1 
ATOM 867  C C   . ASN A 1 123 ? 18.711  -15.096 -1.217  1.00 58.62  ? 123 ASN A C   1 
ATOM 868  O O   . ASN A 1 123 ? 18.274  -15.948 -1.966  1.00 60.81  ? 123 ASN A O   1 
ATOM 869  C CB  . ASN A 1 123 ? 16.781  -15.674 0.286   1.00 57.27  ? 123 ASN A CB  1 
ATOM 870  C CG  . ASN A 1 123 ? 16.278  -15.725 1.713   1.00 74.37  ? 123 ASN A CG  1 
ATOM 871  O OD1 . ASN A 1 123 ? 17.039  -16.102 2.599   1.00 94.09  ? 123 ASN A OD1 1 
ATOM 872  N ND2 . ASN A 1 123 ? 15.031  -15.337 1.955   1.00 79.51  ? 123 ASN A ND2 1 
ATOM 873  N N   . SER A 1 124 ? 19.691  -14.252 -1.554  1.00 74.67  ? 124 SER A N   1 
ATOM 874  C CA  . SER A 1 124 ? 20.403  -14.313 -2.827  1.00 83.13  ? 124 SER A CA  1 
ATOM 875  C C   . SER A 1 124 ? 19.448  -14.200 -4.016  1.00 78.70  ? 124 SER A C   1 
ATOM 876  O O   . SER A 1 124 ? 19.712  -14.732 -5.096  1.00 86.69  ? 124 SER A O   1 
ATOM 877  C CB  . SER A 1 124 ? 21.248  -15.562 -2.938  1.00 86.88  ? 124 SER A CB  1 
ATOM 878  O OG  . SER A 1 124 ? 22.118  -15.702 -1.829  1.00 96.80  ? 124 SER A OG  1 
ATOM 879  N N   . THR A 1 125 ? 18.376  -13.430 -3.834  1.00 74.96  ? 125 THR A N   1 
ATOM 880  C CA  . THR A 1 125 ? 17.438  -13.157 -4.909  1.00 66.88  ? 125 THR A CA  1 
ATOM 881  C C   . THR A 1 125 ? 17.947  -12.004 -5.744  1.00 65.50  ? 125 THR A C   1 
ATOM 882  O O   . THR A 1 125 ? 18.328  -10.966 -5.211  1.00 93.48  ? 125 THR A O   1 
ATOM 883  C CB  . THR A 1 125 ? 16.055  -12.851 -4.351  1.00 70.09  ? 125 THR A CB  1 
ATOM 884  O OG1 . THR A 1 125 ? 15.590  -13.971 -3.588  1.00 75.72  ? 125 THR A OG1 1 
ATOM 885  C CG2 . THR A 1 125 ? 15.070  -12.596 -5.452  1.00 86.26  ? 125 THR A CG2 1 
ATOM 886  N N   . THR A 1 126 ? 17.968  -12.203 -7.063  1.00 73.26  ? 126 THR A N   1 
ATOM 887  C CA  . THR A 1 126 ? 18.426  -11.169 -7.966  1.00 79.76  ? 126 THR A CA  1 
ATOM 888  C C   . THR A 1 126 ? 17.316  -10.165 -8.184  1.00 80.74  ? 126 THR A C   1 
ATOM 889  O O   . THR A 1 126 ? 16.172  -10.364 -7.777  1.00 75.49  ? 126 THR A O   1 
ATOM 890  C CB  . THR A 1 126 ? 18.936  -11.754 -9.276  1.00 92.36  ? 126 THR A CB  1 
ATOM 891  O OG1 . THR A 1 126 ? 17.834  -12.255 -10.013 1.00 79.74  ? 126 THR A OG1 1 
ATOM 892  C CG2 . THR A 1 126 ? 19.928  -12.869 -9.037  1.00 112.09 ? 126 THR A CG2 1 
ATOM 893  N N   . ALA A 1 127 ? 17.662  -9.054  -8.853  1.00 90.96  ? 127 ALA A N   1 
ATOM 894  C CA  . ALA A 1 127 ? 16.688  -7.989  -9.077  1.00 90.07  ? 127 ALA A CA  1 
ATOM 895  C C   . ALA A 1 127 ? 15.613  -8.444  -10.061 1.00 82.76  ? 127 ALA A C   1 
ATOM 896  O O   . ALA A 1 127 ? 14.475  -8.010  -9.980  1.00 66.29  ? 127 ALA A O   1 
ATOM 897  C CB  . ALA A 1 127 ? 17.408  -6.752  -9.564  1.00 104.10 ? 127 ALA A CB  1 
ATOM 898  N N   . GLY A 1 128 ? 15.983  -9.293  -11.023 1.00 86.89  ? 128 GLY A N   1 
ATOM 899  C CA  . GLY A 1 128 ? 15.030  -9.799  -11.992 1.00 84.54  ? 128 GLY A CA  1 
ATOM 900  C C   . GLY A 1 128 ? 13.937  -10.637 -11.346 1.00 70.92  ? 128 GLY A C   1 
ATOM 901  O O   . GLY A 1 128 ? 12.776  -10.505 -11.724 1.00 75.17  ? 128 GLY A O   1 
ATOM 902  N N   . GLN A 1 129 ? 14.293  -11.518 -10.427 1.00 65.58  ? 129 GLN A N   1 
ATOM 903  C CA  . GLN A 1 129 ? 13.323  -12.348 -9.740  1.00 54.42  ? 129 GLN A CA  1 
ATOM 904  C C   . GLN A 1 129 ? 12.545  -11.518 -8.739  1.00 50.84  ? 129 GLN A C   1 
ATOM 905  O O   . GLN A 1 129 ? 11.387  -11.809 -8.462  1.00 44.21  ? 129 GLN A O   1 
ATOM 906  C CB  . GLN A 1 129 ? 13.996  -13.525 -9.011  1.00 52.37  ? 129 GLN A CB  1 
ATOM 907  C CG  . GLN A 1 129 ? 15.208  -14.065 -9.726  1.00 63.82  ? 129 GLN A CG  1 
ATOM 908  C CD  . GLN A 1 129 ? 15.616  -15.436 -9.245  1.00 73.16  ? 129 GLN A CD  1 
ATOM 909  O OE1 . GLN A 1 129 ? 15.167  -16.462 -9.750  1.00 83.18  ? 129 GLN A OE1 1 
ATOM 910  N NE2 . GLN A 1 129 ? 16.529  -15.466 -8.296  1.00 84.34  ? 129 GLN A NE2 1 
ATOM 911  N N   . ALA A 1 130 ? 13.190  -10.493 -8.162  1.00 75.51  ? 130 ALA A N   1 
ATOM 912  C CA  . ALA A 1 130 ? 12.573  -9.710  -7.094  1.00 72.06  ? 130 ALA A CA  1 
ATOM 913  C C   . ALA A 1 130 ? 11.405  -8.898  -7.616  1.00 72.12  ? 130 ALA A C   1 
ATOM 914  O O   . ALA A 1 130 ? 10.381  -8.833  -6.946  1.00 82.15  ? 130 ALA A O   1 
ATOM 915  C CB  . ALA A 1 130 ? 13.624  -8.824  -6.468  1.00 83.47  ? 130 ALA A CB  1 
ATOM 916  N N   . VAL A 1 131 ? 11.558  -8.280  -8.800  1.00 72.66  ? 131 VAL A N   1 
ATOM 917  C CA  . VAL A 1 131 ? 10.502  -7.449  -9.366  1.00 56.22  ? 131 VAL A CA  1 
ATOM 918  C C   . VAL A 1 131 ? 9.338   -8.331  -9.798  1.00 68.28  ? 131 VAL A C   1 
ATOM 919  O O   . VAL A 1 131 ? 8.203   -7.896  -9.868  1.00 74.78  ? 131 VAL A O   1 
ATOM 920  C CB  . VAL A 1 131 ? 11.053  -6.599  -10.519 1.00 53.70  ? 131 VAL A CB  1 
ATOM 921  C CG1 . VAL A 1 131 ? 11.463  -7.431  -11.695 1.00 72.12  ? 131 VAL A CG1 1 
ATOM 922  C CG2 . VAL A 1 131 ? 10.075  -5.566  -11.008 1.00 64.15  ? 131 VAL A CG2 1 
ATOM 923  N N   . THR A 1 132 ? 9.585   -9.605  -10.118 1.00 81.06  ? 132 THR A N   1 
ATOM 924  C CA  . THR A 1 132 ? 8.515   -10.505 -10.525 1.00 62.58  ? 132 THR A CA  1 
ATOM 925  C C   . THR A 1 132 ? 7.647   -10.874 -9.313  1.00 62.11  ? 132 THR A C   1 
ATOM 926  O O   . THR A 1 132 ? 6.458   -11.061 -9.427  1.00 68.04  ? 132 THR A O   1 
ATOM 927  C CB  . THR A 1 132 ? 9.088   -11.768 -11.155 1.00 63.40  ? 132 THR A CB  1 
ATOM 928  O OG1 . THR A 1 132 ? 10.030  -11.389 -12.154 1.00 77.84  ? 132 THR A OG1 1 
ATOM 929  C CG2 . THR A 1 132 ? 8.005   -12.624 -11.766 1.00 81.26  ? 132 THR A CG2 1 
ATOM 930  N N   . VAL A 1 133 ? 8.238   -10.981 -8.123  1.00 57.79  ? 133 VAL A N   1 
ATOM 931  C CA  . VAL A 1 133 ? 7.468   -11.291 -6.934  1.00 60.67  ? 133 VAL A CA  1 
ATOM 932  C C   . VAL A 1 133 ? 6.581   -10.104 -6.583  1.00 70.69  ? 133 VAL A C   1 
ATOM 933  O O   . VAL A 1 133 ? 5.390   -10.258 -6.355  1.00 78.80  ? 133 VAL A O   1 
ATOM 934  C CB  . VAL A 1 133 ? 8.374   -11.664 -5.753  1.00 66.35  ? 133 VAL A CB  1 
ATOM 935  C CG1 . VAL A 1 133 ? 7.564   -12.055 -4.533  1.00 56.43  ? 133 VAL A CG1 1 
ATOM 936  C CG2 . VAL A 1 133 ? 9.334   -12.767 -6.155  1.00 70.03  ? 133 VAL A CG2 1 
ATOM 937  N N   . GLU A 1 134 ? 7.147   -8.900  -6.561  1.00 81.60  ? 134 GLU A N   1 
ATOM 938  C CA  . GLU A 1 134 ? 6.399   -7.700  -6.219  1.00 82.47  ? 134 GLU A CA  1 
ATOM 939  C C   . GLU A 1 134 ? 5.269   -7.431  -7.213  1.00 85.40  ? 134 GLU A C   1 
ATOM 940  O O   . GLU A 1 134 ? 4.288   -6.786  -6.891  1.00 86.73  ? 134 GLU A O   1 
ATOM 941  C CB  . GLU A 1 134 ? 7.321   -6.483  -6.122  1.00 84.31  ? 134 GLU A CB  1 
ATOM 942  C CG  . GLU A 1 134 ? 8.283   -6.512  -4.958  1.00 82.23  ? 134 GLU A CG  1 
ATOM 943  C CD  . GLU A 1 134 ? 7.612   -6.327  -3.617  1.00 92.66  ? 134 GLU A CD  1 
ATOM 944  O OE1 . GLU A 1 134 ? 6.512   -5.758  -3.593  1.00 108.99 ? 134 GLU A OE1 1 
ATOM 945  O OE2 . GLU A 1 134 ? 8.180   -6.753  -2.595  1.00 99.47  ? 134 GLU A OE2 1 
ATOM 946  N N   . LEU A 1 135 ? 5.410   -7.894  -8.447  1.00 82.49  ? 135 LEU A N   1 
ATOM 947  C CA  . LEU A 1 135 ? 4.340   -7.778  -9.427  1.00 69.06  ? 135 LEU A CA  1 
ATOM 948  C C   . LEU A 1 135 ? 3.153   -8.640  -9.029  1.00 68.15  ? 135 LEU A C   1 
ATOM 949  O O   . LEU A 1 135 ? 2.018   -8.250  -9.234  1.00 88.22  ? 135 LEU A O   1 
ATOM 950  C CB  . LEU A 1 135 ? 4.874   -8.158  -10.812 1.00 63.04  ? 135 LEU A CB  1 
ATOM 951  C CG  . LEU A 1 135 ? 4.109   -7.754  -12.054 1.00 73.27  ? 135 LEU A CG  1 
ATOM 952  C CD1 . LEU A 1 135 ? 5.115   -7.597  -13.193 1.00 85.24  ? 135 LEU A CD1 1 
ATOM 953  C CD2 . LEU A 1 135 ? 3.048   -8.791  -12.419 1.00 84.45  ? 135 LEU A CD2 1 
ATOM 954  N N   . PHE A 1 136 ? 3.412   -9.812  -8.467  1.00 67.85  ? 136 PHE A N   1 
ATOM 955  C CA  . PHE A 1 136 ? 2.343   -10.718 -8.068  1.00 65.65  ? 136 PHE A CA  1 
ATOM 956  C C   . PHE A 1 136 ? 1.883   -10.423 -6.650  1.00 60.86  ? 136 PHE A C   1 
ATOM 957  O O   . PHE A 1 136 ? 0.762   -10.739 -6.312  1.00 59.61  ? 136 PHE A O   1 
ATOM 958  C CB  . PHE A 1 136 ? 2.798   -12.181 -8.218  1.00 57.31  ? 136 PHE A CB  1 
ATOM 959  C CG  . PHE A 1 136 ? 2.717   -12.687 -9.627  1.00 64.18  ? 136 PHE A CG  1 
ATOM 960  C CD1 . PHE A 1 136 ? 1.534   -13.206 -10.106 1.00 73.82  ? 136 PHE A CD1 1 
ATOM 961  C CD2 . PHE A 1 136 ? 3.786   -12.589 -10.506 1.00 70.99  ? 136 PHE A CD2 1 
ATOM 962  C CE1 . PHE A 1 136 ? 1.413   -13.614 -11.428 1.00 77.43  ? 136 PHE A CE1 1 
ATOM 963  C CE2 . PHE A 1 136 ? 3.663   -12.954 -11.832 1.00 79.36  ? 136 PHE A CE2 1 
ATOM 964  C CZ  . PHE A 1 136 ? 2.480   -13.492 -12.287 1.00 86.17  ? 136 PHE A CZ  1 
ATOM 965  N N   . LEU A 1 137 ? 2.752   -9.862  -5.805  1.00 65.61  ? 137 LEU A N   1 
ATOM 966  C CA  . LEU A 1 137 ? 2.383   -9.530  -4.434  1.00 61.74  ? 137 LEU A CA  1 
ATOM 967  C C   . LEU A 1 137 ? 1.308   -8.438  -4.450  1.00 55.87  ? 137 LEU A C   1 
ATOM 968  O O   . LEU A 1 137 ? 0.381   -8.507  -3.661  1.00 58.07  ? 137 LEU A O   1 
ATOM 969  C CB  . LEU A 1 137 ? 3.602   -9.024  -3.644  1.00 71.68  ? 137 LEU A CB  1 
ATOM 970  C CG  . LEU A 1 137 ? 4.721   -9.980  -3.264  1.00 76.00  ? 137 LEU A CG  1 
ATOM 971  C CD1 . LEU A 1 137 ? 5.850   -9.234  -2.561  1.00 84.53  ? 137 LEU A CD1 1 
ATOM 972  C CD2 . LEU A 1 137 ? 4.229   -11.077 -2.408  1.00 70.01  ? 137 LEU A CD2 1 
ATOM 973  N N   . THR A 1 138 ? 1.441   -7.442  -5.306  1.00 59.57  ? 138 THR A N   1 
ATOM 974  C CA  . THR A 1 138 ? 0.488   -6.356  -5.357  1.00 60.86  ? 138 THR A CA  1 
ATOM 975  C C   . THR A 1 138 ? -0.676  -6.673  -6.278  1.00 62.14  ? 138 THR A C   1 
ATOM 976  O O   . THR A 1 138 ? -1.707  -6.030  -6.190  1.00 85.77  ? 138 THR A O   1 
ATOM 977  C CB  . THR A 1 138 ? 1.174   -5.057  -5.821  1.00 73.15  ? 138 THR A CB  1 
ATOM 978  O OG1 . THR A 1 138 ? 2.497   -5.026  -5.303  1.00 76.05  ? 138 THR A OG1 1 
ATOM 979  C CG2 . THR A 1 138 ? 0.459   -3.840  -5.294  1.00 88.71  ? 138 THR A CG2 1 
ATOM 980  N N   . LEU A 1 139 ? -0.551  -7.662  -7.144  1.00 68.66  ? 139 LEU A N   1 
ATOM 981  C CA  . LEU A 1 139 ? -1.653  -8.040  -8.029  1.00 60.75  ? 139 LEU A CA  1 
ATOM 982  C C   . LEU A 1 139 ? -2.787  -8.666  -7.223  1.00 58.11  ? 139 LEU A C   1 
ATOM 983  O O   . LEU A 1 139 ? -3.937  -8.380  -7.494  1.00 70.42  ? 139 LEU A O   1 
ATOM 984  C CB  . LEU A 1 139 ? -1.143  -9.030  -9.091  1.00 68.58  ? 139 LEU A CB  1 
ATOM 985  C CG  . LEU A 1 139 ? -2.050  -9.344  -10.276 1.00 66.58  ? 139 LEU A CG  1 
ATOM 986  C CD1 . LEU A 1 139 ? -1.221  -9.516  -11.524 1.00 78.50  ? 139 LEU A CD1 1 
ATOM 987  C CD2 . LEU A 1 139 ? -2.843  -10.612 -10.051 1.00 76.96  ? 139 LEU A CD2 1 
ATOM 988  N N   . GLN A 1 140 ? -2.480  -9.508  -6.239  1.00 54.39  ? 140 GLN A N   1 
ATOM 989  C CA  . GLN A 1 140 ? -3.499  -10.096 -5.409  1.00 63.19  ? 140 GLN A CA  1 
ATOM 990  C C   . GLN A 1 140 ? -4.089  -9.088  -4.429  1.00 62.73  ? 140 GLN A C   1 
ATOM 991  O O   . GLN A 1 140 ? -5.252  -9.220  -4.020  1.00 76.31  ? 140 GLN A O   1 
ATOM 992  C CB  . GLN A 1 140 ? -2.994  -11.328 -4.662  1.00 71.61  ? 140 GLN A CB  1 
ATOM 993  C CG  . GLN A 1 140 ? -1.799  -11.071 -3.758  1.00 70.92  ? 140 GLN A CG  1 
ATOM 994  C CD  . GLN A 1 140 ? -2.172  -10.733 -2.341  1.00 81.88  ? 140 GLN A CD  1 
ATOM 995  O OE1 . GLN A 1 140 ? -3.164  -11.229 -1.816  1.00 85.00  ? 140 GLN A OE1 1 
ATOM 996  N NE2 . GLN A 1 140 ? -1.386  -9.884  -1.704  1.00 69.73  ? 140 GLN A NE2 1 
ATOM 997  N N   . LEU A 1 141 ? -3.309  -8.087  -4.030  1.00 59.64  ? 141 LEU A N   1 
ATOM 998  C CA  . LEU A 1 141 ? -3.816  -7.059  -3.133  1.00 59.70  ? 141 LEU A CA  1 
ATOM 999  C C   . LEU A 1 141 ? -4.828  -6.181  -3.851  1.00 56.81  ? 141 LEU A C   1 
ATOM 1000 O O   . LEU A 1 141 ? -5.880  -5.874  -3.307  1.00 63.41  ? 141 LEU A O   1 
ATOM 1001 C CB  . LEU A 1 141 ? -2.669  -6.201  -2.593  1.00 65.61  ? 141 LEU A CB  1 
ATOM 1002 C CG  . LEU A 1 141 ? -3.098  -4.946  -1.851  1.00 76.92  ? 141 LEU A CG  1 
ATOM 1003 C CD1 . LEU A 1 141 ? -3.876  -5.317  -0.604  1.00 71.04  ? 141 LEU A CD1 1 
ATOM 1004 C CD2 . LEU A 1 141 ? -1.932  -4.021  -1.581  1.00 72.81  ? 141 LEU A CD2 1 
ATOM 1005 N N   . VAL A 1 142 ? -4.516  -5.777  -5.079  1.00 49.30  ? 142 VAL A N   1 
ATOM 1006 C CA  . VAL A 1 142 ? -5.390  -4.914  -5.844  1.00 45.96  ? 142 VAL A CA  1 
ATOM 1007 C C   . VAL A 1 142 ? -6.658  -5.671  -6.212  1.00 57.64  ? 142 VAL A C   1 
ATOM 1008 O O   . VAL A 1 142 ? -7.754  -5.114  -6.196  1.00 90.41  ? 142 VAL A O   1 
ATOM 1009 C CB  . VAL A 1 142 ? -4.652  -4.373  -7.074  1.00 53.16  ? 142 VAL A CB  1 
ATOM 1010 C CG1 . VAL A 1 142 ? -5.601  -3.919  -8.165  1.00 64.64  ? 142 VAL A CG1 1 
ATOM 1011 C CG2 . VAL A 1 142 ? -3.706  -3.254  -6.672  1.00 54.34  ? 142 VAL A CG2 1 
ATOM 1012 N N   . LEU A 1 143 ? -6.555  -6.942  -6.572  1.00 59.35  ? 143 LEU A N   1 
ATOM 1013 C CA  . LEU A 1 143 ? -7.731  -7.736  -6.881  1.00 63.44  ? 143 LEU A CA  1 
ATOM 1014 C C   . LEU A 1 143 ? -8.618  -7.905  -5.653  1.00 59.49  ? 143 LEU A C   1 
ATOM 1015 O O   . LEU A 1 143 ? -9.844  -7.913  -5.769  1.00 86.03  ? 143 LEU A O   1 
ATOM 1016 C CB  . LEU A 1 143 ? -7.307  -9.108  -7.427  1.00 61.51  ? 143 LEU A CB  1 
ATOM 1017 C CG  . LEU A 1 143 ? -6.861  -9.136  -8.887  1.00 61.18  ? 143 LEU A CG  1 
ATOM 1018 C CD1 . LEU A 1 143 ? -6.527  -10.568 -9.267  1.00 73.60  ? 143 LEU A CD1 1 
ATOM 1019 C CD2 . LEU A 1 143 ? -7.925  -8.549  -9.815  1.00 67.70  ? 143 LEU A CD2 1 
ATOM 1020 N N   . CYS A 1 144 ? -8.019  -8.063  -4.478  1.00 51.94  ? 144 CYS A N   1 
ATOM 1021 C CA  . CYS A 1 144 ? -8.799  -8.200  -3.258  1.00 56.29  ? 144 CYS A CA  1 
ATOM 1022 C C   . CYS A 1 144 ? -9.398  -6.854  -2.835  1.00 62.20  ? 144 CYS A C   1 
ATOM 1023 O O   . CYS A 1 144 ? -10.487 -6.792  -2.285  1.00 73.81  ? 144 CYS A O   1 
ATOM 1024 C CB  . CYS A 1 144 ? -7.933  -8.758  -2.139  1.00 58.33  ? 144 CYS A CB  1 
ATOM 1025 S SG  . CYS A 1 144 ? -8.806  -9.006  -0.572  1.00 70.95  ? 144 CYS A SG  1 
ATOM 1026 N N   . ILE A 1 145 ? -8.697  -5.752  -3.081  1.00 59.57  ? 145 ILE A N   1 
ATOM 1027 C CA  . ILE A 1 145 ? -9.204  -4.443  -2.721  1.00 56.08  ? 145 ILE A CA  1 
ATOM 1028 C C   . ILE A 1 145 ? -10.376 -4.076  -3.620  1.00 59.17  ? 145 ILE A C   1 
ATOM 1029 O O   . ILE A 1 145 ? -11.393 -3.578  -3.155  1.00 72.22  ? 145 ILE A O   1 
ATOM 1030 C CB  . ILE A 1 145 ? -8.080  -3.387  -2.798  1.00 56.22  ? 145 ILE A CB  1 
ATOM 1031 C CG1 . ILE A 1 145 ? -7.221  -3.421  -1.546  1.00 53.88  ? 145 ILE A CG1 1 
ATOM 1032 C CG2 . ILE A 1 145 ? -8.627  -1.991  -3.035  1.00 67.11  ? 145 ILE A CG2 1 
ATOM 1033 C CD1 . ILE A 1 145 ? -6.019  -2.557  -1.639  1.00 57.62  ? 145 ILE A CD1 1 
ATOM 1034 N N   . PHE A 1 146 ? -10.256 -4.300  -4.919  1.00 61.68  ? 146 PHE A N   1 
ATOM 1035 C CA  . PHE A 1 146 ? -11.317 -3.942  -5.840  1.00 70.01  ? 146 PHE A CA  1 
ATOM 1036 C C   . PHE A 1 146 ? -12.574 -4.766  -5.617  1.00 62.88  ? 146 PHE A C   1 
ATOM 1037 O O   . PHE A 1 146 ? -13.689 -4.265  -5.794  1.00 88.64  ? 146 PHE A O   1 
ATOM 1038 C CB  . PHE A 1 146 ? -10.844 -4.056  -7.284  1.00 59.86  ? 146 PHE A CB  1 
ATOM 1039 C CG  . PHE A 1 146 ? -10.099 -2.854  -7.778  1.00 65.70  ? 146 PHE A CG  1 
ATOM 1040 C CD1 . PHE A 1 146 ? -10.525 -1.583  -7.434  1.00 111.73 ? 146 PHE A CD1 1 
ATOM 1041 C CD2 . PHE A 1 146 ? -9.021  -2.972  -8.608  1.00 69.49  ? 146 PHE A CD2 1 
ATOM 1042 C CE1 . PHE A 1 146 ? -9.859  -0.450  -7.864  1.00 120.08 ? 146 PHE A CE1 1 
ATOM 1043 C CE2 . PHE A 1 146 ? -8.366  -1.842  -9.049  1.00 85.33  ? 146 PHE A CE2 1 
ATOM 1044 C CZ  . PHE A 1 146 ? -8.780  -0.590  -8.680  1.00 100.26 ? 146 PHE A CZ  1 
ATOM 1045 N N   . ALA A 1 147 ? -12.406 -6.024  -5.218  1.00 60.88  ? 147 ALA A N   1 
ATOM 1046 C CA  . ALA A 1 147 ? -13.544 -6.885  -4.940  1.00 65.21  ? 147 ALA A CA  1 
ATOM 1047 C C   . ALA A 1 147 ? -14.198 -6.497  -3.619  1.00 71.09  ? 147 ALA A C   1 
ATOM 1048 O O   . ALA A 1 147 ? -15.423 -6.532  -3.492  1.00 90.13  ? 147 ALA A O   1 
ATOM 1049 C CB  . ALA A 1 147 ? -13.130 -8.331  -4.945  1.00 62.15  ? 147 ALA A CB  1 
ATOM 1050 N N   . SER A 1 148 ? -13.391 -6.149  -2.612  1.00 66.98  ? 148 SER A N   1 
ATOM 1051 C CA  . SER A 1 148 ? -13.915 -5.786  -1.307  1.00 67.57  ? 148 SER A CA  1 
ATOM 1052 C C   . SER A 1 148 ? -14.634 -4.443  -1.352  1.00 65.31  ? 148 SER A C   1 
ATOM 1053 O O   . SER A 1 148 ? -15.596 -4.228  -0.609  1.00 93.36  ? 148 SER A O   1 
ATOM 1054 C CB  . SER A 1 148 ? -12.829 -5.785  -0.276  1.00 72.56  ? 148 SER A CB  1 
ATOM 1055 O OG  . SER A 1 148 ? -12.256 -7.081  -0.123  1.00 70.49  ? 148 SER A OG  1 
ATOM 1056 N N   . THR A 1 149 ? -14.183 -3.536  -2.215  1.00 66.34  ? 149 THR A N   1 
ATOM 1057 C CA  . THR A 1 149 ? -14.763 -2.207  -2.334  1.00 76.59  ? 149 THR A CA  1 
ATOM 1058 C C   . THR A 1 149 ? -15.688 -2.094  -3.539  1.00 73.45  ? 149 THR A C   1 
ATOM 1059 O O   . THR A 1 149 ? -16.062 -0.985  -3.927  1.00 98.61  ? 149 THR A O   1 
ATOM 1060 C CB  . THR A 1 149 ? -13.651 -1.154  -2.421  1.00 90.06  ? 149 THR A CB  1 
ATOM 1061 O OG1 . THR A 1 149 ? -12.877 -1.368  -3.605  1.00 76.53  ? 149 THR A OG1 1 
ATOM 1062 C CG2 . THR A 1 149 ? -12.750 -1.209  -1.206  1.00 97.09  ? 149 THR A CG2 1 
ATOM 1063 N N   . ASP A 1 150 ? -16.071 -3.218  -4.134  1.00 76.89  ? 150 ASP A N   1 
ATOM 1064 C CA  . ASP A 1 150 ? -16.964 -3.203  -5.284  1.00 88.12  ? 150 ASP A CA  1 
ATOM 1065 C C   . ASP A 1 150 ? -18.382 -2.897  -4.822  1.00 108.03 ? 150 ASP A C   1 
ATOM 1066 O O   . ASP A 1 150 ? -18.899 -3.559  -3.922  1.00 113.14 ? 150 ASP A O   1 
ATOM 1067 C CB  . ASP A 1 150 ? -16.934 -4.546  -6.024  1.00 85.03  ? 150 ASP A CB  1 
ATOM 1068 C CG  . ASP A 1 150 ? -17.215 -4.379  -7.509  1.00 93.43  ? 150 ASP A CG  1 
ATOM 1069 O OD1 . ASP A 1 150 ? -17.987 -3.463  -7.862  1.00 109.42 ? 150 ASP A OD1 1 
ATOM 1070 O OD2 . ASP A 1 150 ? -16.693 -5.165  -8.305  1.00 99.44  ? 150 ASP A OD2 1 
ATOM 1071 N N   . GLU A 1 151 ? -19.017 -1.910  -5.464  1.00 126.70 ? 151 GLU A N   1 
ATOM 1072 C CA  . GLU A 1 151 ? -20.393 -1.566  -5.145  1.00 133.88 ? 151 GLU A CA  1 
ATOM 1073 C C   . GLU A 1 151 ? -21.380 -2.574  -5.729  1.00 120.95 ? 151 GLU A C   1 
ATOM 1074 O O   . GLU A 1 151 ? -22.526 -2.625  -5.297  1.00 150.04 ? 151 GLU A O   1 
ATOM 1075 C CB  . GLU A 1 151 ? -20.719 -0.164  -5.652  1.00 170.80 ? 151 GLU A CB  1 
ATOM 1076 C CG  . GLU A 1 151 ? -20.006 0.932   -4.880  1.00 203.43 ? 151 GLU A CG  1 
ATOM 1077 C CD  . GLU A 1 151 ? -20.382 2.340   -5.312  1.00 233.69 ? 151 GLU A CD  1 
ATOM 1078 O OE1 . GLU A 1 151 ? -21.107 2.489   -6.326  1.00 241.72 ? 151 GLU A OE1 1 
ATOM 1079 O OE2 . GLU A 1 151 ? -19.955 3.290   -4.628  1.00 247.67 ? 151 GLU A OE2 1 
ATOM 1080 N N   . ARG A 1 152 ? -20.964 -3.368  -6.717  1.00 109.13 ? 152 ARG A N   1 
ATOM 1081 C CA  . ARG A 1 152 ? -21.826 -4.383  -7.300  1.00 108.36 ? 152 ARG A CA  1 
ATOM 1082 C C   . ARG A 1 152 ? -22.014 -5.588  -6.384  1.00 109.17 ? 152 ARG A C   1 
ATOM 1083 O O   . ARG A 1 152 ? -22.926 -6.379  -6.612  1.00 138.24 ? 152 ARG A O   1 
ATOM 1084 C CB  . ARG A 1 152 ? -21.264 -4.846  -8.639  1.00 106.88 ? 152 ARG A CB  1 
ATOM 1085 C CG  . ARG A 1 152 ? -21.379 -3.798  -9.737  1.00 110.98 ? 152 ARG A CG  1 
ATOM 1086 C CD  . ARG A 1 152 ? -20.530 -4.140  -10.945 1.00 106.82 ? 152 ARG A CD  1 
ATOM 1087 N NE  . ARG A 1 152 ? -19.124 -3.869  -10.710 1.00 102.59 ? 152 ARG A NE  1 
ATOM 1088 C CZ  . ARG A 1 152 ? -18.153 -4.191  -11.548 1.00 129.27 ? 152 ARG A CZ  1 
ATOM 1089 N NH1 . ARG A 1 152 ? -18.426 -4.815  -12.685 1.00 142.98 ? 152 ARG A NH1 1 
ATOM 1090 N NH2 . ARG A 1 152 ? -16.902 -3.883  -11.245 1.00 151.16 ? 152 ARG A NH2 1 
ATOM 1091 N N   . ARG A 1 153 ? -21.244 -5.643  -5.330  1.00 107.76 ? 153 ARG A N   1 
ATOM 1092 C CA  . ARG A 1 153 ? -21.304 -6.777  -4.452  1.00 122.58 ? 153 ARG A CA  1 
ATOM 1093 C C   . ARG A 1 153 ? -21.929 -6.349  -3.143  1.00 151.30 ? 153 ARG A C   1 
ATOM 1094 O O   . ARG A 1 153 ? -21.502 -6.778  -2.088  1.00 168.38 ? 153 ARG A O   1 
ATOM 1095 C CB  . ARG A 1 153 ? -19.899 -7.332  -4.255  1.00 112.76 ? 153 ARG A CB  1 
ATOM 1096 C CG  . ARG A 1 153 ? -19.355 -8.184  -5.359  1.00 109.65 ? 153 ARG A CG  1 
ATOM 1097 C CD  . ARG A 1 153 ? -17.869 -8.293  -5.136  1.00 106.28 ? 153 ARG A CD  1 
ATOM 1098 N NE  . ARG A 1 153 ? -17.511 -9.541  -4.477  1.00 111.13 ? 153 ARG A NE  1 
ATOM 1099 C CZ  . ARG A 1 153 ? -17.034 -9.636  -3.242  1.00 111.32 ? 153 ARG A CZ  1 
ATOM 1100 N NH1 . ARG A 1 153 ? -16.867 -8.553  -2.507  1.00 91.21  ? 153 ARG A NH1 1 
ATOM 1101 N NH2 . ARG A 1 153 ? -16.728 -10.821 -2.746  1.00 115.27 ? 153 ARG A NH2 1 
ATOM 1102 N N   . GLY A 1 154 ? -22.944 -5.497  -3.200  1.00 181.30 ? 154 GLY A N   1 
ATOM 1103 C CA  . GLY A 1 154 ? -23.628 -4.994  -2.019  1.00 197.61 ? 154 GLY A CA  1 
ATOM 1104 C C   . GLY A 1 154 ? -24.507 -6.053  -1.361  1.00 225.06 ? 154 GLY A C   1 
ATOM 1105 O O   . GLY A 1 154 ? -24.872 -5.911  -0.194  1.00 219.20 ? 154 GLY A O   1 
ATOM 1106 N N   . GLU A 1 155 ? -24.852 -7.106  -2.113  1.00 258.42 ? 155 GLU A N   1 
ATOM 1107 C CA  . GLU A 1 155 ? -25.653 -8.193  -1.559  1.00 274.76 ? 155 GLU A CA  1 
ATOM 1108 C C   . GLU A 1 155 ? -24.865 -8.956  -0.489  1.00 266.66 ? 155 GLU A C   1 
ATOM 1109 O O   . GLU A 1 155 ? -25.446 -9.489  0.463   1.00 268.55 ? 155 GLU A O   1 
ATOM 1110 C CB  . GLU A 1 155 ? -26.120 -9.150  -2.658  1.00 296.46 ? 155 GLU A CB  1 
ATOM 1111 C CG  . GLU A 1 155 ? -25.009 -9.646  -3.567  1.00 312.76 ? 155 GLU A CG  1 
ATOM 1112 C CD  . GLU A 1 155 ? -25.077 -9.093  -4.982  1.00 323.52 ? 155 GLU A CD  1 
ATOM 1113 O OE1 . GLU A 1 155 ? -25.526 -7.939  -5.151  1.00 324.94 ? 155 GLU A OE1 1 
ATOM 1114 O OE2 . GLU A 1 155 ? -24.678 -9.818  -5.916  1.00 321.90 ? 155 GLU A OE2 1 
ATOM 1115 N N   . ASN A 1 156 ? -23.536 -9.015  -0.656  1.00 244.68 ? 156 ASN A N   1 
ATOM 1116 C CA  . ASN A 1 156 ? -22.657 -9.668  0.303   1.00 234.26 ? 156 ASN A CA  1 
ATOM 1117 C C   . ASN A 1 156 ? -21.553 -8.685  0.667   1.00 206.18 ? 156 ASN A C   1 
ATOM 1118 O O   . ASN A 1 156 ? -20.516 -8.626  -0.001  1.00 180.66 ? 156 ASN A O   1 
ATOM 1119 C CB  . ASN A 1 156 ? -22.085 -10.974 -0.251  1.00 255.26 ? 156 ASN A CB  1 
ATOM 1120 C CG  . ASN A 1 156 ? -21.315 -11.783 0.775   1.00 268.33 ? 156 ASN A CG  1 
ATOM 1121 O OD1 . ASN A 1 156 ? -21.164 -11.373 1.925   1.00 271.59 ? 156 ASN A OD1 1 
ATOM 1122 N ND2 . ASN A 1 156 ? -20.809 -12.932 0.353   1.00 268.45 ? 156 ASN A ND2 1 
ATOM 1123 N N   . PRO A 1 157 ? -21.744 -7.857  1.712   1.00 205.92 ? 157 PRO A N   1 
ATOM 1124 C CA  . PRO A 1 157 ? -20.686 -6.930  2.114   1.00 208.01 ? 157 PRO A CA  1 
ATOM 1125 C C   . PRO A 1 157 ? -19.393 -7.635  2.517   1.00 206.92 ? 157 PRO A C   1 
ATOM 1126 O O   . PRO A 1 157 ? -18.301 -7.137  2.248   1.00 209.21 ? 157 PRO A O   1 
ATOM 1127 C CB  . PRO A 1 157 ? -21.307 -6.167  3.293   1.00 223.31 ? 157 PRO A CB  1 
ATOM 1128 C CG  . PRO A 1 157 ? -22.793 -6.281  3.064   1.00 224.60 ? 157 PRO A CG  1 
ATOM 1129 C CD  . PRO A 1 157 ? -22.989 -7.662  2.478   1.00 223.79 ? 157 PRO A CD  1 
ATOM 1130 N N   . GLY A 1 158 ? -19.513 -8.797  3.174   1.00 189.30 ? 158 GLY A N   1 
ATOM 1131 C CA  . GLY A 1 158 ? -18.352 -9.562  3.588   1.00 160.12 ? 158 GLY A CA  1 
ATOM 1132 C C   . GLY A 1 158 ? -17.538 -8.826  4.650   1.00 133.58 ? 158 GLY A C   1 
ATOM 1133 O O   . GLY A 1 158 ? -18.092 -8.143  5.505   1.00 143.05 ? 158 GLY A O   1 
ATOM 1134 N N   . THR A 1 159 ? -16.210 -8.978  4.572   1.00 109.18 ? 159 THR A N   1 
ATOM 1135 C CA  . THR A 1 159 ? -15.278 -8.343  5.479   1.00 93.32  ? 159 THR A CA  1 
ATOM 1136 C C   . THR A 1 159 ? -14.289 -7.520  4.667   1.00 91.86  ? 159 THR A C   1 
ATOM 1137 O O   . THR A 1 159 ? -13.184 -7.973  4.386   1.00 90.02  ? 159 THR A O   1 
ATOM 1138 C CB  . THR A 1 159 ? -14.534 -9.384  6.319   1.00 99.98  ? 159 THR A CB  1 
ATOM 1139 O OG1 . THR A 1 159 ? -13.642 -10.129 5.478   1.00 103.66 ? 159 THR A OG1 1 
ATOM 1140 C CG2 . THR A 1 159 ? -15.516 -10.287 7.040   1.00 101.16 ? 159 THR A CG2 1 
ATOM 1141 N N   . PRO A 1 160 ? -14.668 -6.304  4.236   1.00 91.25  ? 160 PRO A N   1 
ATOM 1142 C CA  . PRO A 1 160 ? -13.750 -5.482  3.459   1.00 78.04  ? 160 PRO A CA  1 
ATOM 1143 C C   . PRO A 1 160 ? -12.460 -5.156  4.209   1.00 82.53  ? 160 PRO A C   1 
ATOM 1144 O O   . PRO A 1 160 ? -11.407 -5.051  3.610   1.00 82.96  ? 160 PRO A O   1 
ATOM 1145 C CB  . PRO A 1 160 ? -14.570 -4.200  3.187   1.00 93.05  ? 160 PRO A CB  1 
ATOM 1146 C CG  . PRO A 1 160 ? -15.999 -4.621  3.388   1.00 108.18 ? 160 PRO A CG  1 
ATOM 1147 C CD  . PRO A 1 160 ? -15.955 -5.635  4.508   1.00 101.09 ? 160 PRO A CD  1 
ATOM 1148 N N   . ALA A 1 161 ? -12.542 -4.900  5.520   1.00 92.33  ? 161 ALA A N   1 
ATOM 1149 C CA  . ALA A 1 161 ? -11.370 -4.511  6.286   1.00 85.38  ? 161 ALA A CA  1 
ATOM 1150 C C   . ALA A 1 161 ? -10.438 -5.705  6.483   1.00 78.91  ? 161 ALA A C   1 
ATOM 1151 O O   . ALA A 1 161 ? -9.233  -5.582  6.298   1.00 73.21  ? 161 ALA A O   1 
ATOM 1152 C CB  . ALA A 1 161 ? -11.798 -3.910  7.626   1.00 105.06 ? 161 ALA A CB  1 
ATOM 1153 N N   . LEU A 1 162 ? -10.976 -6.861  6.877   1.00 80.67  ? 162 LEU A N   1 
ATOM 1154 C CA  . LEU A 1 162 ? -10.124 -8.000  7.206   1.00 73.05  ? 162 LEU A CA  1 
ATOM 1155 C C   . LEU A 1 162 ? -9.539  -8.648  5.949   1.00 69.17  ? 162 LEU A C   1 
ATOM 1156 O O   . LEU A 1 162 ? -8.366  -9.022  5.931   1.00 87.09  ? 162 LEU A O   1 
ATOM 1157 C CB  . LEU A 1 162 ? -10.911 -9.037  8.011   1.00 78.03  ? 162 LEU A CB  1 
ATOM 1158 C CG  . LEU A 1 162 ? -11.504 -8.535  9.328   1.00 88.08  ? 162 LEU A CG  1 
ATOM 1159 C CD1 . LEU A 1 162 ? -12.349 -9.617  9.986   1.00 89.48  ? 162 LEU A CD1 1 
ATOM 1160 C CD2 . LEU A 1 162 ? -10.423 -8.048  10.280  1.00 80.09  ? 162 LEU A CD2 1 
ATOM 1161 N N   . SER A 1 163 ? -10.339 -8.792  4.896   1.00 61.60  ? 163 SER A N   1 
ATOM 1162 C CA  . SER A 1 163 ? -9.879  -9.429  3.679   1.00 67.94  ? 163 SER A CA  1 
ATOM 1163 C C   . SER A 1 163 ? -8.756  -8.637  3.023   1.00 68.85  ? 163 SER A C   1 
ATOM 1164 O O   . SER A 1 163 ? -7.781  -9.212  2.528   1.00 81.82  ? 163 SER A O   1 
ATOM 1165 C CB  . SER A 1 163 ? -11.035 -9.652  2.712   1.00 80.58  ? 163 SER A CB  1 
ATOM 1166 O OG  . SER A 1 163 ? -11.976 -10.581 3.250   1.00 79.95  ? 163 SER A OG  1 
ATOM 1167 N N   . ILE A 1 164 ? -8.898  -7.314  2.969   1.00 69.32  ? 164 ILE A N   1 
ATOM 1168 C CA  . ILE A 1 164 ? -7.833  -6.458  2.453   1.00 64.53  ? 164 ILE A CA  1 
ATOM 1169 C C   . ILE A 1 164 ? -6.628  -6.542  3.373   1.00 60.98  ? 164 ILE A C   1 
ATOM 1170 O O   . ILE A 1 164 ? -5.493  -6.608  2.917   1.00 61.80  ? 164 ILE A O   1 
ATOM 1171 C CB  . ILE A 1 164 ? -8.324  -5.008  2.272   1.00 65.99  ? 164 ILE A CB  1 
ATOM 1172 C CG1 . ILE A 1 164 ? -9.296  -4.911  1.097   1.00 74.52  ? 164 ILE A CG1 1 
ATOM 1173 C CG2 . ILE A 1 164 ? -7.153  -4.057  2.078   1.00 59.00  ? 164 ILE A CG2 1 
ATOM 1174 C CD1 . ILE A 1 164 ? -10.059 -3.607  1.026   1.00 68.68  ? 164 ILE A CD1 1 
ATOM 1175 N N   . GLY A 1 165 ? -6.859  -6.520  4.683   1.00 65.71  ? 165 GLY A N   1 
ATOM 1176 C CA  . GLY A 1 165 ? -5.770  -6.625  5.636   1.00 68.01  ? 165 GLY A CA  1 
ATOM 1177 C C   . GLY A 1 165 ? -5.062  -7.971  5.539   1.00 67.08  ? 165 GLY A C   1 
ATOM 1178 O O   . GLY A 1 165 ? -3.841  -8.029  5.572   1.00 66.56  ? 165 GLY A O   1 
ATOM 1179 N N   . PHE A 1 166 ? -5.827  -9.057  5.469   1.00 68.77  ? 166 PHE A N   1 
ATOM 1180 C CA  . PHE A 1 166 ? -5.243  -10.386 5.354   1.00 64.30  ? 166 PHE A CA  1 
ATOM 1181 C C   . PHE A 1 166 ? -4.590  -10.618 3.994   1.00 59.08  ? 166 PHE A C   1 
ATOM 1182 O O   . PHE A 1 166 ? -3.741  -11.484 3.872   1.00 56.81  ? 166 PHE A O   1 
ATOM 1183 C CB  . PHE A 1 166 ? -6.291  -11.469 5.611   1.00 68.47  ? 166 PHE A CB  1 
ATOM 1184 C CG  . PHE A 1 166 ? -6.610  -11.661 7.065   1.00 78.39  ? 166 PHE A CG  1 
ATOM 1185 C CD1 . PHE A 1 166 ? -5.578  -11.769 7.988   1.00 88.26  ? 166 PHE A CD1 1 
ATOM 1186 C CD2 . PHE A 1 166 ? -7.917  -11.744 7.514   1.00 84.77  ? 166 PHE A CD2 1 
ATOM 1187 C CE1 . PHE A 1 166 ? -5.841  -11.924 9.338   1.00 92.79  ? 166 PHE A CE1 1 
ATOM 1188 C CE2 . PHE A 1 166 ? -8.179  -11.885 8.867   1.00 102.23 ? 166 PHE A CE2 1 
ATOM 1189 C CZ  . PHE A 1 166 ? -7.143  -11.991 9.773   1.00 97.96  ? 166 PHE A CZ  1 
ATOM 1190 N N   . SER A 1 167 ? -4.983  -9.871  2.963   1.00 63.06  ? 167 SER A N   1 
ATOM 1191 C CA  . SER A 1 167 ? -4.306  -9.949  1.678   1.00 58.71  ? 167 SER A CA  1 
ATOM 1192 C C   . SER A 1 167 ? -2.882  -9.390  1.763   1.00 56.84  ? 167 SER A C   1 
ATOM 1193 O O   . SER A 1 167 ? -1.982  -9.875  1.107   1.00 58.42  ? 167 SER A O   1 
ATOM 1194 C CB  . SER A 1 167 ? -5.099  -9.226  0.618   1.00 62.72  ? 167 SER A CB  1 
ATOM 1195 O OG  . SER A 1 167 ? -4.392  -9.216  -0.612  1.00 70.10  ? 167 SER A OG  1 
ATOM 1196 N N   . VAL A 1 168 ? -2.677  -8.363  2.577   1.00 64.18  ? 168 VAL A N   1 
ATOM 1197 C CA  . VAL A 1 168 ? -1.344  -7.845  2.818   1.00 60.37  ? 168 VAL A CA  1 
ATOM 1198 C C   . VAL A 1 168 ? -0.535  -8.851  3.634   1.00 67.05  ? 168 VAL A C   1 
ATOM 1199 O O   . VAL A 1 168 ? 0.654   -9.031  3.407   1.00 77.30  ? 168 VAL A O   1 
ATOM 1200 C CB  . VAL A 1 168 ? -1.413  -6.478  3.532   1.00 70.35  ? 168 VAL A CB  1 
ATOM 1201 C CG1 . VAL A 1 168 ? -0.037  -5.958  3.909   1.00 74.93  ? 168 VAL A CG1 1 
ATOM 1202 C CG2 . VAL A 1 168 ? -2.143  -5.477  2.669   1.00 67.43  ? 168 VAL A CG2 1 
ATOM 1203 N N   . ALA A 1 169 ? -1.174  -9.520  4.600   1.00 64.81  ? 169 ALA A N   1 
ATOM 1204 C CA  . ALA A 1 169 ? -0.498  -10.544 5.375   1.00 64.48  ? 169 ALA A CA  1 
ATOM 1205 C C   . ALA A 1 169 ? -0.145  -11.733 4.496   1.00 67.08  ? 169 ALA A C   1 
ATOM 1206 O O   . ALA A 1 169 ? 0.843   -12.402 4.733   1.00 83.01  ? 169 ALA A O   1 
ATOM 1207 C CB  . ALA A 1 169 ? -1.353  -10.980 6.553   1.00 71.09  ? 169 ALA A CB  1 
ATOM 1208 N N   . LEU A 1 170 ? -0.969  -12.050 3.502   1.00 77.02  ? 170 LEU A N   1 
ATOM 1209 C CA  . LEU A 1 170 ? -0.701  -13.166 2.606   1.00 77.90  ? 170 LEU A CA  1 
ATOM 1210 C C   . LEU A 1 170 ? 0.549   -12.891 1.791   1.00 66.75  ? 170 LEU A C   1 
ATOM 1211 O O   . LEU A 1 170 ? 1.392   -13.767 1.620   1.00 93.42  ? 170 LEU A O   1 
ATOM 1212 C CB  . LEU A 1 170 ? -1.892  -13.416 1.669   1.00 78.43  ? 170 LEU A CB  1 
ATOM 1213 C CG  . LEU A 1 170 ? -1.593  -14.315 0.467   1.00 77.66  ? 170 LEU A CG  1 
ATOM 1214 C CD1 . LEU A 1 170 ? -1.246  -15.733 0.897   1.00 87.02  ? 170 LEU A CD1 1 
ATOM 1215 C CD2 . LEU A 1 170 ? -2.768  -14.335 -0.489  1.00 92.26  ? 170 LEU A CD2 1 
ATOM 1216 N N   . GLY A 1 171 ? 0.684   -11.690 1.257   1.00 59.11  ? 171 GLY A N   1 
ATOM 1217 C CA  . GLY A 1 171 ? 1.855   -11.359 0.483   1.00 63.60  ? 171 GLY A CA  1 
ATOM 1218 C C   . GLY A 1 171 ? 3.122   -11.297 1.312   1.00 71.89  ? 171 GLY A C   1 
ATOM 1219 O O   . GLY A 1 171 ? 4.196   -11.623 0.816   1.00 86.45  ? 171 GLY A O   1 
ATOM 1220 N N   . HIS A 1 172 ? 3.010   -10.919 2.573   1.00 72.82  ? 172 HIS A N   1 
ATOM 1221 C CA  . HIS A 1 172 ? 4.181   -10.829 3.433   1.00 62.68  ? 172 HIS A CA  1 
ATOM 1222 C C   . HIS A 1 172 ? 4.684   -12.199 3.860   1.00 68.77  ? 172 HIS A C   1 
ATOM 1223 O O   . HIS A 1 172 ? 5.838   -12.341 4.218   1.00 77.23  ? 172 HIS A O   1 
ATOM 1224 C CB  . HIS A 1 172 ? 3.878   -9.948  4.642   1.00 69.86  ? 172 HIS A CB  1 
ATOM 1225 C CG  . HIS A 1 172 ? 3.969   -8.485  4.358   1.00 67.60  ? 172 HIS A CG  1 
ATOM 1226 N ND1 . HIS A 1 172 ? 3.003   -7.792  3.694   1.00 75.58  ? 172 HIS A ND1 1 
ATOM 1227 C CD2 . HIS A 1 172 ? 4.954   -7.604  4.635   1.00 73.78  ? 172 HIS A CD2 1 
ATOM 1228 C CE1 . HIS A 1 172 ? 3.371   -6.526  3.559   1.00 86.75  ? 172 HIS A CE1 1 
ATOM 1229 N NE2 . HIS A 1 172 ? 4.572   -6.389  4.135   1.00 89.01  ? 172 HIS A NE2 1 
ATOM 1230 N N   . LEU A 1 173 ? 3.833   -13.220 3.851   1.00 69.69  ? 173 LEU A N   1 
ATOM 1231 C CA  . LEU A 1 173 ? 4.292   -14.571 4.128   1.00 65.05  ? 173 LEU A CA  1 
ATOM 1232 C C   . LEU A 1 173 ? 5.147   -15.107 2.996   1.00 64.31  ? 173 LEU A C   1 
ATOM 1233 O O   . LEU A 1 173 ? 5.858   -16.094 3.188   1.00 80.90  ? 173 LEU A O   1 
ATOM 1234 C CB  . LEU A 1 173 ? 3.097   -15.485 4.393   1.00 64.14  ? 173 LEU A CB  1 
ATOM 1235 C CG  . LEU A 1 173 ? 2.385   -15.160 5.702   1.00 66.74  ? 173 LEU A CG  1 
ATOM 1236 C CD1 . LEU A 1 173 ? 0.984   -15.747 5.723   1.00 68.97  ? 173 LEU A CD1 1 
ATOM 1237 C CD2 . LEU A 1 173 ? 3.202   -15.648 6.883   1.00 69.69  ? 173 LEU A CD2 1 
ATOM 1238 N N   . LEU A 1 174 ? 5.078   -14.474 1.822   1.00 61.37  ? 174 LEU A N   1 
ATOM 1239 C CA  . LEU A 1 174 ? 5.860   -14.858 0.653   1.00 70.60  ? 174 LEU A CA  1 
ATOM 1240 C C   . LEU A 1 174 ? 6.969   -13.841 0.382   1.00 72.57  ? 174 LEU A C   1 
ATOM 1241 O O   . LEU A 1 174 ? 8.099   -14.234 0.148   1.00 76.60  ? 174 LEU A O   1 
ATOM 1242 C CB  . LEU A 1 174 ? 4.951   -14.993 -0.571  1.00 63.01  ? 174 LEU A CB  1 
ATOM 1243 C CG  . LEU A 1 174 ? 5.690   -15.238 -1.892  1.00 64.39  ? 174 LEU A CG  1 
ATOM 1244 C CD1 . LEU A 1 174 ? 6.357   -16.603 -1.876  1.00 69.16  ? 174 LEU A CD1 1 
ATOM 1245 C CD2 . LEU A 1 174 ? 4.778   -15.145 -3.099  1.00 71.60  ? 174 LEU A CD2 1 
ATOM 1246 N N   . GLY A 1 175 ? 6.640   -12.552 0.367   1.00 64.93  ? 175 GLY A N   1 
ATOM 1247 C CA  . GLY A 1 175 ? 7.564   -11.543 -0.091  1.00 58.21  ? 175 GLY A CA  1 
ATOM 1248 C C   . GLY A 1 175 ? 8.635   -11.171 0.917   1.00 63.45  ? 175 GLY A C   1 
ATOM 1249 O O   . GLY A 1 175 ? 9.595   -10.500 0.545   1.00 78.58  ? 175 GLY A O   1 
ATOM 1250 N N   . ILE A 1 176 ? 8.505   -11.574 2.175   1.00 63.19  ? 176 ILE A N   1 
ATOM 1251 C CA  . ILE A 1 176 ? 9.541   -11.288 3.153   1.00 58.48  ? 176 ILE A CA  1 
ATOM 1252 C C   . ILE A 1 176 ? 10.832  -12.020 2.795   1.00 57.42  ? 176 ILE A C   1 
ATOM 1253 O O   . ILE A 1 176 ? 11.926  -11.463 2.918   1.00 62.50  ? 176 ILE A O   1 
ATOM 1254 C CB  . ILE A 1 176 ? 9.058   -11.613 4.577   1.00 63.14  ? 176 ILE A CB  1 
ATOM 1255 C CG1 . ILE A 1 176 ? 8.287   -10.448 5.183   1.00 68.18  ? 176 ILE A CG1 1 
ATOM 1256 C CG2 . ILE A 1 176 ? 10.205  -11.997 5.483   1.00 67.62  ? 176 ILE A CG2 1 
ATOM 1257 C CD1 . ILE A 1 176 ? 7.557   -10.767 6.451   1.00 73.96  ? 176 ILE A CD1 1 
ATOM 1258 N N   . HIS A 1 177 ? 10.714  -13.252 2.322   1.00 57.77  ? 177 HIS A N   1 
ATOM 1259 C CA  . HIS A 1 177 ? 11.874  -14.053 1.954   1.00 64.14  ? 177 HIS A CA  1 
ATOM 1260 C C   . HIS A 1 177 ? 12.593  -13.554 0.712   1.00 58.97  ? 177 HIS A C   1 
ATOM 1261 O O   . HIS A 1 177 ? 13.713  -13.978 0.464   1.00 61.00  ? 177 HIS A O   1 
ATOM 1262 C CB  . HIS A 1 177 ? 11.476  -15.519 1.778   1.00 63.26  ? 177 HIS A CB  1 
ATOM 1263 C CG  . HIS A 1 177 ? 10.683  -16.066 2.927   1.00 70.36  ? 177 HIS A CG  1 
ATOM 1264 N ND1 . HIS A 1 177 ? 9.330   -16.247 2.842   1.00 82.16  ? 177 HIS A ND1 1 
ATOM 1265 C CD2 . HIS A 1 177 ? 11.060  -16.415 4.199   1.00 67.11  ? 177 HIS A CD2 1 
ATOM 1266 C CE1 . HIS A 1 177 ? 8.883   -16.690 4.015   1.00 92.51  ? 177 HIS A CE1 1 
ATOM 1267 N NE2 . HIS A 1 177 ? 9.939   -16.795 4.871   1.00 81.06  ? 177 HIS A NE2 1 
ATOM 1268 N N   . TYR A 1 178 ? 11.975  -12.660 -0.064  1.00 58.25  ? 178 TYR A N   1 
ATOM 1269 C CA  . TYR A 1 178 ? 12.587  -12.147 -1.287  1.00 64.64  ? 178 TYR A CA  1 
ATOM 1270 C C   . TYR A 1 178 ? 13.078  -10.713 -1.113  1.00 63.69  ? 178 TYR A C   1 
ATOM 1271 O O   . TYR A 1 178 ? 14.256  -10.435 -1.319  1.00 75.16  ? 178 TYR A O   1 
ATOM 1272 C CB  . TYR A 1 178 ? 11.601  -12.231 -2.456  1.00 58.77  ? 178 TYR A CB  1 
ATOM 1273 C CG  . TYR A 1 178 ? 11.194  -13.626 -2.849  1.00 57.35  ? 178 TYR A CG  1 
ATOM 1274 C CD1 . TYR A 1 178 ? 11.918  -14.363 -3.751  1.00 65.52  ? 178 TYR A CD1 1 
ATOM 1275 C CD2 . TYR A 1 178 ? 10.094  -14.240 -2.295  1.00 59.34  ? 178 TYR A CD2 1 
ATOM 1276 C CE1 . TYR A 1 178 ? 11.556  -15.642 -4.134  1.00 67.07  ? 178 TYR A CE1 1 
ATOM 1277 C CE2 . TYR A 1 178 ? 9.710   -15.520 -2.661  1.00 62.71  ? 178 TYR A CE2 1 
ATOM 1278 C CZ  . TYR A 1 178 ? 10.439  -16.231 -3.581  1.00 60.41  ? 178 TYR A CZ  1 
ATOM 1279 O OH  . TYR A 1 178 ? 10.041  -17.492 -3.917  1.00 61.87  ? 178 TYR A OH  1 
ATOM 1280 N N   . THR A 1 179 ? 12.184  -9.791  -0.737  1.00 64.55  ? 179 THR A N   1 
ATOM 1281 C CA  . THR A 1 179 ? 12.530  -8.380  -0.667  1.00 77.14  ? 179 THR A CA  1 
ATOM 1282 C C   . THR A 1 179 ? 12.061  -7.709  0.619   1.00 76.63  ? 179 THR A C   1 
ATOM 1283 O O   . THR A 1 179 ? 12.094  -6.489  0.705   1.00 82.20  ? 179 THR A O   1 
ATOM 1284 C CB  . THR A 1 179 ? 11.915  -7.633  -1.855  1.00 84.33  ? 179 THR A CB  1 
ATOM 1285 O OG1 . THR A 1 179 ? 10.549  -7.987  -2.023  1.00 65.46  ? 179 THR A OG1 1 
ATOM 1286 C CG2 . THR A 1 179 ? 12.631  -7.958  -3.138  1.00 87.15  ? 179 THR A CG2 1 
ATOM 1287 N N   . GLY A 1 180 ? 11.623  -8.485  1.610   1.00 77.74  ? 180 GLY A N   1 
ATOM 1288 C CA  . GLY A 1 180 ? 10.933  -7.904  2.752   1.00 74.89  ? 180 GLY A CA  1 
ATOM 1289 C C   . GLY A 1 180 ? 9.473   -7.546  2.458   1.00 87.24  ? 180 GLY A C   1 
ATOM 1290 O O   . GLY A 1 180 ? 8.820   -6.957  3.310   1.00 107.86 ? 180 GLY A O   1 
ATOM 1291 N N   . CYS A 1 181 ? 8.968   -7.905  1.272   1.00 94.89  ? 181 CYS A N   1 
ATOM 1292 C CA  . CYS A 1 181 ? 7.585   -7.700  0.866   1.00 92.18  ? 181 CYS A CA  1 
ATOM 1293 C C   . CYS A 1 181 ? 7.235   -6.227  0.907   1.00 96.19  ? 181 CYS A C   1 
ATOM 1294 O O   . CYS A 1 181 ? 6.503   -5.749  1.771   1.00 121.02 ? 181 CYS A O   1 
ATOM 1295 C CB  . CYS A 1 181 ? 6.617   -8.504  1.704   1.00 93.34  ? 181 CYS A CB  1 
ATOM 1296 S SG  . CYS A 1 181 ? 4.941   -8.416  1.029   1.00 93.80  ? 181 CYS A SG  1 
ATOM 1297 N N   . SER A 1 182 ? 7.744   -5.510  -0.084  1.00 93.64  ? 182 SER A N   1 
ATOM 1298 C CA  . SER A 1 182 ? 7.447   -4.096  -0.233  1.00 87.39  ? 182 SER A CA  1 
ATOM 1299 C C   . SER A 1 182 ? 5.943   -3.854  -0.372  1.00 79.23  ? 182 SER A C   1 
ATOM 1300 O O   . SER A 1 182 ? 5.317   -3.281  0.520   1.00 90.25  ? 182 SER A O   1 
ATOM 1301 C CB  . SER A 1 182 ? 8.197   -3.538  -1.417  1.00 89.40  ? 182 SER A CB  1 
ATOM 1302 O OG  . SER A 1 182 ? 7.744   -2.255  -1.753  1.00 71.95  ? 182 SER A OG  1 
ATOM 1303 N N   . MET A 1 183 ? 5.381   -4.230  -1.528  1.00 81.69  ? 183 MET A N   1 
ATOM 1304 C CA  . MET A 1 183 ? 3.957   -4.093  -1.862  1.00 78.02  ? 183 MET A CA  1 
ATOM 1305 C C   . MET A 1 183 ? 3.448   -2.651  -1.802  1.00 78.20  ? 183 MET A C   1 
ATOM 1306 O O   . MET A 1 183 ? 2.270   -2.402  -1.997  1.00 74.41  ? 183 MET A O   1 
ATOM 1307 C CB  . MET A 1 183 ? 3.098   -4.952  -0.926  1.00 79.29  ? 183 MET A CB  1 
ATOM 1308 C CG  . MET A 1 183 ? 3.096   -6.407  -1.280  1.00 85.39  ? 183 MET A CG  1 
ATOM 1309 S SD  . MET A 1 183 ? 1.918   -7.362  -0.324  1.00 90.03  ? 183 MET A SD  1 
ATOM 1310 C CE  . MET A 1 183 ? 0.588   -6.201  -0.279  1.00 96.20  ? 183 MET A CE  1 
ATOM 1311 N N   . ASN A 1 184 ? 4.347   -1.708  -1.531  1.00 81.69  ? 184 ASN A N   1 
ATOM 1312 C CA  . ASN A 1 184 ? 3.981   -0.326  -1.265  1.00 59.08  ? 184 ASN A CA  1 
ATOM 1313 C C   . ASN A 1 184 ? 5.189   0.554   -1.501  1.00 59.47  ? 184 ASN A C   1 
ATOM 1314 O O   . ASN A 1 184 ? 6.208   0.424   -0.801  1.00 86.05  ? 184 ASN A O   1 
ATOM 1315 C CB  . ASN A 1 184 ? 3.486   -0.192  0.169   1.00 54.89  ? 184 ASN A CB  1 
ATOM 1316 C CG  . ASN A 1 184 ? 2.794   1.118   0.436   1.00 66.97  ? 184 ASN A CG  1 
ATOM 1317 O OD1 . ASN A 1 184 ? 3.076   2.111   -0.223  1.00 90.57  ? 184 ASN A OD1 1 
ATOM 1318 N ND2 . ASN A 1 184 ? 1.880   1.134   1.391   1.00 62.89  ? 184 ASN A ND2 1 
ATOM 1319 N N   . PRO A 1 185 ? 5.178   1.411   -2.534  1.00 52.90  ? 185 PRO A N   1 
ATOM 1320 C CA  . PRO A 1 185 ? 6.294   2.333   -2.716  1.00 64.58  ? 185 PRO A CA  1 
ATOM 1321 C C   . PRO A 1 185 ? 6.509   3.282   -1.541  1.00 78.55  ? 185 PRO A C   1 
ATOM 1322 O O   . PRO A 1 185 ? 7.629   3.700   -1.283  1.00 94.22  ? 185 PRO A O   1 
ATOM 1323 C CB  . PRO A 1 185 ? 5.925   3.085   -3.996  1.00 62.57  ? 185 PRO A CB  1 
ATOM 1324 C CG  . PRO A 1 185 ? 5.011   2.155   -4.721  1.00 63.32  ? 185 PRO A CG  1 
ATOM 1325 C CD  . PRO A 1 185 ? 4.240   1.428   -3.650  1.00 53.17  ? 185 PRO A CD  1 
ATOM 1326 N N   . ALA A 1 186 ? 5.443   3.646   -0.827  1.00 73.65  ? 186 ALA A N   1 
ATOM 1327 C CA  . ALA A 1 186 ? 5.571   4.515   0.325   1.00 73.31  ? 186 ALA A CA  1 
ATOM 1328 C C   . ALA A 1 186 ? 6.238   3.775   1.477   1.00 68.86  ? 186 ALA A C   1 
ATOM 1329 O O   . ALA A 1 186 ? 7.065   4.333   2.190   1.00 83.90  ? 186 ALA A O   1 
ATOM 1330 C CB  . ALA A 1 186 ? 4.217   5.056   0.748   1.00 79.45  ? 186 ALA A CB  1 
ATOM 1331 N N   . ARG A 1 187 ? 5.870   2.521   1.695   1.00 65.63  ? 187 ARG A N   1 
ATOM 1332 C CA  . ARG A 1 187 ? 6.471   1.728   2.761   1.00 71.47  ? 187 ARG A CA  1 
ATOM 1333 C C   . ARG A 1 187 ? 7.942   1.451   2.480   1.00 67.30  ? 187 ARG A C   1 
ATOM 1334 O O   . ARG A 1 187 ? 8.728   1.305   3.408   1.00 79.19  ? 187 ARG A O   1 
ATOM 1335 C CB  . ARG A 1 187 ? 5.699   0.425   2.939   1.00 71.57  ? 187 ARG A CB  1 
ATOM 1336 C CG  . ARG A 1 187 ? 6.293   -0.567  3.917   1.00 73.14  ? 187 ARG A CG  1 
ATOM 1337 C CD  . ARG A 1 187 ? 6.926   -1.748  3.189   1.00 89.71  ? 187 ARG A CD  1 
ATOM 1338 N NE  . ARG A 1 187 ? 7.516   -2.697  4.112   1.00 85.41  ? 187 ARG A NE  1 
ATOM 1339 C CZ  . ARG A 1 187 ? 8.792   -2.748  4.449   1.00 87.78  ? 187 ARG A CZ  1 
ATOM 1340 N NH1 . ARG A 1 187 ? 9.654   -1.874  3.971   1.00 63.45  ? 187 ARG A NH1 1 
ATOM 1341 N NH2 . ARG A 1 187 ? 9.207   -3.672  5.298   1.00 105.50 ? 187 ARG A NH2 1 
ATOM 1342 N N   . SER A 1 188 ? 8.345   1.394   1.211   1.00 68.71  ? 188 SER A N   1 
ATOM 1343 C CA  . SER A 1 188 ? 9.737   1.165   0.858   1.00 65.44  ? 188 SER A CA  1 
ATOM 1344 C C   . SER A 1 188 ? 10.553  2.452   0.944   1.00 62.95  ? 188 SER A C   1 
ATOM 1345 O O   . SER A 1 188 ? 11.696  2.428   1.383   1.00 69.82  ? 188 SER A O   1 
ATOM 1346 C CB  . SER A 1 188 ? 9.847   0.566   -0.514  1.00 71.58  ? 188 SER A CB  1 
ATOM 1347 O OG  . SER A 1 188 ? 9.005   -0.566  -0.625  1.00 80.22  ? 188 SER A OG  1 
ATOM 1348 N N   . LEU A 1 189 ? 9.972   3.572   0.513   1.00 56.47  ? 189 LEU A N   1 
ATOM 1349 C CA  . LEU A 1 189 ? 10.684  4.838   0.508   1.00 55.60  ? 189 LEU A CA  1 
ATOM 1350 C C   . LEU A 1 189 ? 10.789  5.427   1.910   1.00 71.36  ? 189 LEU A C   1 
ATOM 1351 O O   . LEU A 1 189 ? 11.638  6.273   2.167   1.00 64.35  ? 189 LEU A O   1 
ATOM 1352 C CB  . LEU A 1 189 ? 9.966   5.823   -0.423  1.00 62.90  ? 189 LEU A CB  1 
ATOM 1353 C CG  . LEU A 1 189 ? 10.671  7.137   -0.752  1.00 65.29  ? 189 LEU A CG  1 
ATOM 1354 C CD1 . LEU A 1 189 ? 11.856  6.910   -1.688  1.00 61.74  ? 189 LEU A CD1 1 
ATOM 1355 C CD2 . LEU A 1 189 ? 9.648   8.108   -1.349  1.00 80.02  ? 189 LEU A CD2 1 
ATOM 1356 N N   . ALA A 1 190 ? 9.931   5.004   2.837   1.00 74.49  ? 190 ALA A N   1 
ATOM 1357 C CA  . ALA A 1 190 ? 9.924   5.582   4.167   1.00 67.76  ? 190 ALA A CA  1 
ATOM 1358 C C   . ALA A 1 190 ? 11.229  5.331   4.911   1.00 63.13  ? 190 ALA A C   1 
ATOM 1359 O O   . ALA A 1 190 ? 11.782  6.293   5.465   1.00 78.41  ? 190 ALA A O   1 
ATOM 1360 C CB  . ALA A 1 190 ? 8.711   5.080   4.932   1.00 75.58  ? 190 ALA A CB  1 
ATOM 1361 N N   . PRO A 1 191 ? 11.751  4.083   5.055   1.00 56.17  ? 191 PRO A N   1 
ATOM 1362 C CA  . PRO A 1 191 ? 13.019  3.923   5.738   1.00 56.69  ? 191 PRO A CA  1 
ATOM 1363 C C   . PRO A 1 191 ? 14.225  4.130   4.850   1.00 53.98  ? 191 PRO A C   1 
ATOM 1364 O O   . PRO A 1 191 ? 15.328  4.319   5.363   1.00 81.34  ? 191 PRO A O   1 
ATOM 1365 C CB  . PRO A 1 191 ? 12.964  2.495   6.248   1.00 64.24  ? 191 PRO A CB  1 
ATOM 1366 C CG  . PRO A 1 191 ? 12.207  1.799   5.211   1.00 63.96  ? 191 PRO A CG  1 
ATOM 1367 C CD  . PRO A 1 191 ? 11.201  2.781   4.675   1.00 52.17  ? 191 PRO A CD  1 
ATOM 1368 N N   . ALA A 1 192 ? 14.049  4.105   3.528   1.00 48.80  ? 192 ALA A N   1 
ATOM 1369 C CA  . ALA A 1 192 ? 15.155  4.353   2.623   1.00 57.51  ? 192 ALA A CA  1 
ATOM 1370 C C   . ALA A 1 192 ? 15.604  5.805   2.692   1.00 60.96  ? 192 ALA A C   1 
ATOM 1371 O O   . ALA A 1 192 ? 16.796  6.094   2.570   1.00 75.60  ? 192 ALA A O   1 
ATOM 1372 C CB  . ALA A 1 192 ? 14.768  3.947   1.231   1.00 64.46  ? 192 ALA A CB  1 
ATOM 1373 N N   . VAL A 1 193 ? 14.663  6.730   2.860   1.00 60.20  ? 193 VAL A N   1 
ATOM 1374 C CA  . VAL A 1 193 ? 15.001  8.144   2.944   1.00 67.34  ? 193 VAL A CA  1 
ATOM 1375 C C   . VAL A 1 193 ? 15.725  8.436   4.251   1.00 65.46  ? 193 VAL A C   1 
ATOM 1376 O O   . VAL A 1 193 ? 16.723  9.165   4.263   1.00 85.55  ? 193 VAL A O   1 
ATOM 1377 C CB  . VAL A 1 193 ? 13.736  9.006   2.783   1.00 76.18  ? 193 VAL A CB  1 
ATOM 1378 C CG1 . VAL A 1 193 ? 13.951  10.417  3.286   1.00 82.00  ? 193 VAL A CG1 1 
ATOM 1379 C CG2 . VAL A 1 193 ? 13.280  9.020   1.341   1.00 87.46  ? 193 VAL A CG2 1 
ATOM 1380 N N   . VAL A 1 194 ? 15.244  7.848   5.349   1.00 68.90  ? 194 VAL A N   1 
ATOM 1381 C CA  . VAL A 1 194 ? 15.808  8.109   6.664   1.00 70.27  ? 194 VAL A CA  1 
ATOM 1382 C C   . VAL A 1 194 ? 17.216  7.521   6.757   1.00 76.72  ? 194 VAL A C   1 
ATOM 1383 O O   . VAL A 1 194 ? 18.158  8.185   7.206   1.00 105.71 ? 194 VAL A O   1 
ATOM 1384 C CB  . VAL A 1 194 ? 14.897  7.568   7.776   1.00 72.19  ? 194 VAL A CB  1 
ATOM 1385 C CG1 . VAL A 1 194 ? 15.478  7.890   9.133   1.00 92.12  ? 194 VAL A CG1 1 
ATOM 1386 C CG2 . VAL A 1 194 ? 13.526  8.158   7.654   1.00 78.40  ? 194 VAL A CG2 1 
ATOM 1387 N N   . THR A 1 195 ? 17.354  6.256   6.347   1.00 69.88  ? 195 THR A N   1 
ATOM 1388 C CA  . THR A 1 195 ? 18.603  5.540   6.487   1.00 74.99  ? 195 THR A CA  1 
ATOM 1389 C C   . THR A 1 195 ? 19.572  5.746   5.327   1.00 87.18  ? 195 THR A C   1 
ATOM 1390 O O   . THR A 1 195 ? 20.746  5.394   5.451   1.00 105.19 ? 195 THR A O   1 
ATOM 1391 C CB  . THR A 1 195 ? 18.330  4.059   6.690   1.00 78.08  ? 195 THR A CB  1 
ATOM 1392 O OG1 . THR A 1 195 ? 17.696  3.530   5.548   1.00 55.80  ? 195 THR A OG1 1 
ATOM 1393 C CG2 . THR A 1 195 ? 17.447  3.835   7.890   1.00 98.58  ? 195 THR A CG2 1 
ATOM 1394 N N   . GLY A 1 196 ? 19.094  6.270   4.199   1.00 78.28  ? 196 GLY A N   1 
ATOM 1395 C CA  . GLY A 1 196 ? 19.946  6.470   3.042   1.00 80.73  ? 196 GLY A CA  1 
ATOM 1396 C C   . GLY A 1 196 ? 20.284  5.180   2.294   1.00 89.01  ? 196 GLY A C   1 
ATOM 1397 O O   . GLY A 1 196 ? 21.195  5.180   1.463   1.00 103.18 ? 196 GLY A O   1 
ATOM 1398 N N   . LYS A 1 197 ? 19.548  4.092   2.561   1.00 92.37  ? 197 LYS A N   1 
ATOM 1399 C CA  . LYS A 1 197 ? 19.792  2.815   1.921   1.00 89.01  ? 197 LYS A CA  1 
ATOM 1400 C C   . LYS A 1 197 ? 18.838  2.678   0.742   1.00 92.47  ? 197 LYS A C   1 
ATOM 1401 O O   . LYS A 1 197 ? 17.669  2.352   0.921   1.00 79.50  ? 197 LYS A O   1 
ATOM 1402 C CB  . LYS A 1 197 ? 19.616  1.657   2.901   1.00 104.54 ? 197 LYS A CB  1 
ATOM 1403 C CG  . LYS A 1 197 ? 20.894  1.225   3.599   1.00 124.35 ? 197 LYS A CG  1 
ATOM 1404 C CD  . LYS A 1 197 ? 20.735  -0.098  4.331   1.00 139.68 ? 197 LYS A CD  1 
ATOM 1405 C CE  . LYS A 1 197 ? 21.021  -1.306  3.456   1.00 143.14 ? 197 LYS A CE  1 
ATOM 1406 N NZ  . LYS A 1 197 ? 19.859  -1.726  2.632   1.00 136.06 ? 197 LYS A NZ  1 
ATOM 1407 N N   . PHE A 1 198 ? 19.360  2.924   -0.469  1.00 91.75  ? 198 PHE A N   1 
ATOM 1408 C CA  . PHE A 1 198 ? 18.563  2.866   -1.681  1.00 86.61  ? 198 PHE A CA  1 
ATOM 1409 C C   . PHE A 1 198 ? 19.094  1.794   -2.629  1.00 104.65 ? 198 PHE A C   1 
ATOM 1410 O O   . PHE A 1 198 ? 19.126  1.984   -3.854  1.00 121.35 ? 198 PHE A O   1 
ATOM 1411 C CB  . PHE A 1 198 ? 18.585  4.222   -2.376  1.00 85.97  ? 198 PHE A CB  1 
ATOM 1412 C CG  . PHE A 1 198 ? 17.631  5.219   -1.790  1.00 82.26  ? 198 PHE A CG  1 
ATOM 1413 C CD1 . PHE A 1 198 ? 16.302  5.212   -2.137  1.00 80.35  ? 198 PHE A CD1 1 
ATOM 1414 C CD2 . PHE A 1 198 ? 18.090  6.196   -0.944  1.00 93.77  ? 198 PHE A CD2 1 
ATOM 1415 C CE1 . PHE A 1 198 ? 15.420  6.133   -1.600  1.00 88.39  ? 198 PHE A CE1 1 
ATOM 1416 C CE2 . PHE A 1 198 ? 17.215  7.132   -0.412  1.00 100.11 ? 198 PHE A CE2 1 
ATOM 1417 C CZ  . PHE A 1 198 ? 15.879  7.099   -0.747  1.00 94.90  ? 198 PHE A CZ  1 
ATOM 1418 N N   . ASP A 1 199 ? 19.504  0.651   -2.071  1.00 101.28 ? 199 ASP A N   1 
ATOM 1419 C CA  . ASP A 1 199 ? 20.030  -0.424  -2.899  1.00 102.90 ? 199 ASP A CA  1 
ATOM 1420 C C   . ASP A 1 199 ? 18.869  -1.161  -3.550  1.00 93.00  ? 199 ASP A C   1 
ATOM 1421 O O   . ASP A 1 199 ? 17.993  -1.697  -2.858  1.00 100.84 ? 199 ASP A O   1 
ATOM 1422 C CB  . ASP A 1 199 ? 20.921  -1.363  -2.086  1.00 114.17 ? 199 ASP A CB  1 
ATOM 1423 C CG  . ASP A 1 199 ? 22.042  -0.625  -1.372  1.00 130.53 ? 199 ASP A CG  1 
ATOM 1424 O OD1 . ASP A 1 199 ? 23.074  -0.312  -2.040  1.00 131.30 ? 199 ASP A OD1 1 
ATOM 1425 O OD2 . ASP A 1 199 ? 21.862  -0.322  -0.153  1.00 137.41 ? 199 ASP A OD2 1 
ATOM 1426 N N   . ASP A 1 200 ? 18.893  -1.205  -4.896  1.00 97.22  ? 200 ASP A N   1 
ATOM 1427 C CA  . ASP A 1 200 ? 17.870  -1.872  -5.701  1.00 101.60 ? 200 ASP A CA  1 
ATOM 1428 C C   . ASP A 1 200 ? 16.471  -1.332  -5.383  1.00 85.49  ? 200 ASP A C   1 
ATOM 1429 O O   . ASP A 1 200 ? 15.503  -2.079  -5.269  1.00 87.53  ? 200 ASP A O   1 
ATOM 1430 C CB  . ASP A 1 200 ? 17.923  -3.394  -5.510  1.00 110.55 ? 200 ASP A CB  1 
ATOM 1431 C CG  . ASP A 1 200 ? 19.243  -4.003  -5.945  1.00 139.72 ? 200 ASP A CG  1 
ATOM 1432 O OD1 . ASP A 1 200 ? 19.715  -4.936  -5.244  1.00 143.13 ? 200 ASP A OD1 1 
ATOM 1433 O OD2 . ASP A 1 200 ? 19.811  -3.526  -6.961  1.00 156.90 ? 200 ASP A OD2 1 
ATOM 1434 N N   . HIS A 1 201 ? 16.366  -0.016  -5.221  1.00 73.10  ? 201 HIS A N   1 
ATOM 1435 C CA  . HIS A 1 201 ? 15.104  0.590   -4.830  1.00 74.50  ? 201 HIS A CA  1 
ATOM 1436 C C   . HIS A 1 201 ? 14.088  0.630   -5.967  1.00 71.13  ? 201 HIS A C   1 
ATOM 1437 O O   . HIS A 1 201 ? 12.906  0.844   -5.733  1.00 82.62  ? 201 HIS A O   1 
ATOM 1438 C CB  . HIS A 1 201 ? 15.345  2.011   -4.300  1.00 83.50  ? 201 HIS A CB  1 
ATOM 1439 C CG  . HIS A 1 201 ? 14.224  2.525   -3.455  1.00 77.79  ? 201 HIS A CG  1 
ATOM 1440 N ND1 . HIS A 1 201 ? 14.021  2.113   -2.157  1.00 88.57  ? 201 HIS A ND1 1 
ATOM 1441 C CD2 . HIS A 1 201 ? 13.260  3.445   -3.759  1.00 78.69  ? 201 HIS A CD2 1 
ATOM 1442 C CE1 . HIS A 1 201 ? 12.955  2.741   -1.687  1.00 107.18 ? 201 HIS A CE1 1 
ATOM 1443 N NE2 . HIS A 1 201 ? 12.470  3.581   -2.652  1.00 94.71  ? 201 HIS A NE2 1 
ATOM 1444 N N   . TRP A 1 202 ? 14.532  0.470   -7.205  1.00 73.65  ? 202 TRP A N   1 
ATOM 1445 C CA  . TRP A 1 202 ? 13.621  0.488   -8.338  1.00 68.31  ? 202 TRP A CA  1 
ATOM 1446 C C   . TRP A 1 202 ? 12.703  -0.727  -8.336  1.00 70.49  ? 202 TRP A C   1 
ATOM 1447 O O   . TRP A 1 202 ? 11.627  -0.686  -8.929  1.00 84.22  ? 202 TRP A O   1 
ATOM 1448 C CB  . TRP A 1 202 ? 14.420  0.561   -9.641  1.00 71.36  ? 202 TRP A CB  1 
ATOM 1449 C CG  . TRP A 1 202 ? 15.239  -0.656  -9.907  1.00 74.89  ? 202 TRP A CG  1 
ATOM 1450 C CD1 . TRP A 1 202 ? 16.536  -0.865  -9.553  1.00 104.20 ? 202 TRP A CD1 1 
ATOM 1451 C CD2 . TRP A 1 202 ? 14.830  -1.833  -10.625 1.00 83.63  ? 202 TRP A CD2 1 
ATOM 1452 N NE1 . TRP A 1 202 ? 16.954  -2.102  -9.975  1.00 114.94 ? 202 TRP A NE1 1 
ATOM 1453 C CE2 . TRP A 1 202 ? 15.926  -2.713  -10.642 1.00 95.20  ? 202 TRP A CE2 1 
ATOM 1454 C CE3 . TRP A 1 202 ? 13.643  -2.225  -11.241 1.00 104.84 ? 202 TRP A CE3 1 
ATOM 1455 C CZ2 . TRP A 1 202 ? 15.863  -3.958  -11.250 1.00 98.92  ? 202 TRP A CZ2 1 
ATOM 1456 C CZ3 . TRP A 1 202 ? 13.579  -3.458  -11.840 1.00 122.13 ? 202 TRP A CZ3 1 
ATOM 1457 C CH2 . TRP A 1 202 ? 14.678  -4.306  -11.848 1.00 117.20 ? 202 TRP A CH2 1 
ATOM 1458 N N   . VAL A 1 203 ? 13.125  -1.836  -7.714  1.00 82.02  ? 203 VAL A N   1 
ATOM 1459 C CA  . VAL A 1 203 ? 12.314  -3.040  -7.653  1.00 65.65  ? 203 VAL A CA  1 
ATOM 1460 C C   . VAL A 1 203 ? 11.039  -2.764  -6.861  1.00 64.63  ? 203 VAL A C   1 
ATOM 1461 O O   . VAL A 1 203 ? 9.953   -3.207  -7.236  1.00 81.89  ? 203 VAL A O   1 
ATOM 1462 C CB  . VAL A 1 203 ? 13.119  -4.202  -7.054  1.00 56.61  ? 203 VAL A CB  1 
ATOM 1463 C CG1 . VAL A 1 203 ? 12.231  -5.397  -6.712  1.00 65.50  ? 203 VAL A CG1 1 
ATOM 1464 C CG2 . VAL A 1 203 ? 14.229  -4.582  -7.994  1.00 64.84  ? 203 VAL A CG2 1 
ATOM 1465 N N   . PHE A 1 204 ? 11.168  -2.041  -5.760  1.00 62.94  ? 204 PHE A N   1 
ATOM 1466 C CA  . PHE A 1 204 ? 10.046  -1.769  -4.877  1.00 66.92  ? 204 PHE A CA  1 
ATOM 1467 C C   . PHE A 1 204 ? 9.155   -0.652  -5.410  1.00 65.86  ? 204 PHE A C   1 
ATOM 1468 O O   . PHE A 1 204 ? 8.148   -0.377  -4.801  1.00 56.43  ? 204 PHE A O   1 
ATOM 1469 C CB  . PHE A 1 204 ? 10.561  -1.390  -3.493  1.00 74.73  ? 204 PHE A CB  1 
ATOM 1470 C CG  . PHE A 1 204 ? 11.776  -2.174  -3.067  1.00 79.00  ? 204 PHE A CG  1 
ATOM 1471 C CD1 . PHE A 1 204 ? 11.732  -3.547  -2.995  1.00 74.36  ? 204 PHE A CD1 1 
ATOM 1472 C CD2 . PHE A 1 204 ? 12.959  -1.534  -2.773  1.00 77.66  ? 204 PHE A CD2 1 
ATOM 1473 C CE1 . PHE A 1 204 ? 12.866  -4.257  -2.642  1.00 78.88  ? 204 PHE A CE1 1 
ATOM 1474 C CE2 . PHE A 1 204 ? 14.082  -2.250  -2.416  1.00 78.05  ? 204 PHE A CE2 1 
ATOM 1475 C CZ  . PHE A 1 204 ? 14.031  -3.608  -2.345  1.00 81.86  ? 204 PHE A CZ  1 
ATOM 1476 N N   . TRP A 1 205 ? 9.513   -0.034  -6.534  1.00 71.87  ? 205 TRP A N   1 
ATOM 1477 C CA  . TRP A 1 205 ? 8.662   0.935   -7.211  1.00 73.77  ? 205 TRP A CA  1 
ATOM 1478 C C   . TRP A 1 205 ? 8.093   0.397   -8.519  1.00 74.00  ? 205 TRP A C   1 
ATOM 1479 O O   . TRP A 1 205 ? 6.911   0.512   -8.759  1.00 87.79  ? 205 TRP A O   1 
ATOM 1480 C CB  . TRP A 1 205 ? 9.449   2.228   -7.484  1.00 73.86  ? 205 TRP A CB  1 
ATOM 1481 C CG  . TRP A 1 205 ? 9.460   3.170   -6.337  1.00 72.74  ? 205 TRP A CG  1 
ATOM 1482 C CD1 . TRP A 1 205 ? 10.311  3.169   -5.282  1.00 87.05  ? 205 TRP A CD1 1 
ATOM 1483 C CD2 . TRP A 1 205 ? 8.542   4.251   -6.113  1.00 98.57  ? 205 TRP A CD2 1 
ATOM 1484 N NE1 . TRP A 1 205 ? 9.989   4.170   -4.405  1.00 101.03 ? 205 TRP A NE1 1 
ATOM 1485 C CE2 . TRP A 1 205 ? 8.909   4.854   -4.892  1.00 105.55 ? 205 TRP A CE2 1 
ATOM 1486 C CE3 . TRP A 1 205 ? 7.440   4.756   -6.817  1.00 109.35 ? 205 TRP A CE3 1 
ATOM 1487 C CZ2 . TRP A 1 205 ? 8.222   5.945   -4.370  1.00 105.53 ? 205 TRP A CZ2 1 
ATOM 1488 C CZ3 . TRP A 1 205 ? 6.754   5.822   -6.295  1.00 114.48 ? 205 TRP A CZ3 1 
ATOM 1489 C CH2 . TRP A 1 205 ? 7.149   6.407   -5.096  1.00 113.92 ? 205 TRP A CH2 1 
ATOM 1490 N N   . ILE A 1 206 ? 8.935   -0.172  -9.378  1.00 71.97  ? 206 ILE A N   1 
ATOM 1491 C CA  . ILE A 1 206 ? 8.470   -0.731  -10.642 1.00 63.51  ? 206 ILE A CA  1 
ATOM 1492 C C   . ILE A 1 206 ? 7.600   -1.963  -10.379 1.00 59.30  ? 206 ILE A C   1 
ATOM 1493 O O   . ILE A 1 206 ? 6.590   -2.176  -11.047 1.00 62.57  ? 206 ILE A O   1 
ATOM 1494 C CB  . ILE A 1 206 ? 9.657   -1.066  -11.559 1.00 57.60  ? 206 ILE A CB  1 
ATOM 1495 C CG1 . ILE A 1 206 ? 10.414  0.197   -11.912 1.00 77.58  ? 206 ILE A CG1 1 
ATOM 1496 C CG2 . ILE A 1 206 ? 9.204   -1.764  -12.813 1.00 70.49  ? 206 ILE A CG2 1 
ATOM 1497 C CD1 . ILE A 1 206 ? 9.533   1.215   -12.600 1.00 98.06  ? 206 ILE A CD1 1 
ATOM 1498 N N   . GLY A 1 207 ? 7.974   -2.770  -9.393  1.00 53.34  ? 207 GLY A N   1 
ATOM 1499 C CA  . GLY A 1 207 ? 7.261   -3.983  -9.098  1.00 61.95  ? 207 GLY A CA  1 
ATOM 1500 C C   . GLY A 1 207 ? 5.826   -3.761  -8.672  1.00 65.86  ? 207 GLY A C   1 
ATOM 1501 O O   . GLY A 1 207 ? 4.886   -4.205  -9.337  1.00 68.23  ? 207 GLY A O   1 
ATOM 1502 N N   . PRO A 1 208 ? 5.606   -3.113  -7.514  1.00 65.89  ? 208 PRO A N   1 
ATOM 1503 C CA  . PRO A 1 208 ? 4.247   -2.853  -7.065  1.00 65.40  ? 208 PRO A CA  1 
ATOM 1504 C C   . PRO A 1 208 ? 3.385   -2.000  -7.998  1.00 62.42  ? 208 PRO A C   1 
ATOM 1505 O O   . PRO A 1 208 ? 2.186   -2.210  -8.075  1.00 69.09  ? 208 PRO A O   1 
ATOM 1506 C CB  . PRO A 1 208 ? 4.467   -2.154  -5.727  1.00 66.36  ? 208 PRO A CB  1 
ATOM 1507 C CG  . PRO A 1 208 ? 5.775   -2.666  -5.248  1.00 61.65  ? 208 PRO A CG  1 
ATOM 1508 C CD  . PRO A 1 208 ? 6.600   -2.791  -6.488  1.00 64.72  ? 208 PRO A CD  1 
ATOM 1509 N N   . LEU A 1 209 ? 3.980   -1.086  -8.748  1.00 57.74  ? 209 LEU A N   1 
ATOM 1510 C CA  . LEU A 1 209 ? 3.194   -0.239  -9.626  1.00 62.43  ? 209 LEU A CA  1 
ATOM 1511 C C   . LEU A 1 209 ? 2.710   -0.998  -10.848 1.00 61.11  ? 209 LEU A C   1 
ATOM 1512 O O   . LEU A 1 209 ? 1.552   -0.840  -11.247 1.00 79.67  ? 209 LEU A O   1 
ATOM 1513 C CB  . LEU A 1 209 ? 4.000   1.006   -10.057 1.00 60.40  ? 209 LEU A CB  1 
ATOM 1514 C CG  . LEU A 1 209 ? 4.105   2.118   -9.021  1.00 57.92  ? 209 LEU A CG  1 
ATOM 1515 C CD1 . LEU A 1 209 ? 5.032   3.179   -9.574  1.00 69.09  ? 209 LEU A CD1 1 
ATOM 1516 C CD2 . LEU A 1 209 ? 2.730   2.687   -8.619  1.00 67.96  ? 209 LEU A CD2 1 
ATOM 1517 N N   . VAL A 1 210 ? 3.579   -1.802  -11.453 1.00 59.69  ? 210 VAL A N   1 
ATOM 1518 C CA  . VAL A 1 210 ? 3.187   -2.606  -12.611 1.00 63.14  ? 210 VAL A CA  1 
ATOM 1519 C C   . VAL A 1 210 ? 2.185   -3.688  -12.205 1.00 50.25  ? 210 VAL A C   1 
ATOM 1520 O O   . VAL A 1 210 ? 1.201   -3.921  -12.901 1.00 58.78  ? 210 VAL A O   1 
ATOM 1521 C CB  . VAL A 1 210 ? 4.408   -3.202  -13.321 1.00 55.35  ? 210 VAL A CB  1 
ATOM 1522 C CG1 . VAL A 1 210 ? 3.991   -4.242  -14.321 1.00 57.99  ? 210 VAL A CG1 1 
ATOM 1523 C CG2 . VAL A 1 210 ? 5.204   -2.101  -14.001 1.00 66.32  ? 210 VAL A CG2 1 
ATOM 1524 N N   . GLY A 1 211 ? 2.398   -4.288  -11.047 1.00 46.48  ? 211 GLY A N   1 
ATOM 1525 C CA  . GLY A 1 211 ? 1.480   -5.297  -10.567 1.00 50.64  ? 211 GLY A CA  1 
ATOM 1526 C C   . GLY A 1 211 ? 0.123   -4.732  -10.223 1.00 56.48  ? 211 GLY A C   1 
ATOM 1527 O O   . GLY A 1 211 ? -0.895  -5.397  -10.398 1.00 82.90  ? 211 GLY A O   1 
ATOM 1528 N N   . ALA A 1 212 ? 0.089   -3.494  -9.738  1.00 64.98  ? 212 ALA A N   1 
ATOM 1529 C CA  . ALA A 1 212 ? -1.183  -2.843  -9.437  1.00 57.98  ? 212 ALA A CA  1 
ATOM 1530 C C   . ALA A 1 212 ? -1.904  -2.429  -10.713 1.00 47.26  ? 212 ALA A C   1 
ATOM 1531 O O   . ALA A 1 212 ? -3.129  -2.505  -10.778 1.00 55.75  ? 212 ALA A O   1 
ATOM 1532 C CB  . ALA A 1 212 ? -0.952  -1.651  -8.544  1.00 68.50  ? 212 ALA A CB  1 
ATOM 1533 N N   . ILE A 1 213 ? -1.153  -1.989  -11.725 1.00 45.42  ? 213 ILE A N   1 
ATOM 1534 C CA  . ILE A 1 213 ? -1.750  -1.642  -13.004 1.00 50.35  ? 213 ILE A CA  1 
ATOM 1535 C C   . ILE A 1 213 ? -2.322  -2.887  -13.670 1.00 60.14  ? 213 ILE A C   1 
ATOM 1536 O O   . ILE A 1 213 ? -3.441  -2.873  -14.185 1.00 80.84  ? 213 ILE A O   1 
ATOM 1537 C CB  . ILE A 1 213 ? -0.730  -0.921  -13.895 1.00 54.48  ? 213 ILE A CB  1 
ATOM 1538 C CG1 . ILE A 1 213 ? -0.510  0.499   -13.379 1.00 72.31  ? 213 ILE A CG1 1 
ATOM 1539 C CG2 . ILE A 1 213 ? -1.178  -0.898  -15.335 1.00 57.83  ? 213 ILE A CG2 1 
ATOM 1540 C CD1 . ILE A 1 213 ? 0.668   1.203   -14.004 1.00 91.38  ? 213 ILE A CD1 1 
ATOM 1541 N N   . LEU A 1 214 ? -1.571  -3.976  -13.660 1.00 64.32  ? 214 LEU A N   1 
ATOM 1542 C CA  . LEU A 1 214 ? -2.061  -5.226  -14.234 1.00 60.33  ? 214 LEU A CA  1 
ATOM 1543 C C   . LEU A 1 214 ? -3.233  -5.751  -13.423 1.00 49.39  ? 214 LEU A C   1 
ATOM 1544 O O   . LEU A 1 214 ? -4.159  -6.334  -13.978 1.00 64.31  ? 214 LEU A O   1 
ATOM 1545 C CB  . LEU A 1 214 ? -0.933  -6.279  -14.286 1.00 61.82  ? 214 LEU A CB  1 
ATOM 1546 C CG  . LEU A 1 214 ? 0.153   -6.023  -15.323 1.00 69.52  ? 214 LEU A CG  1 
ATOM 1547 C CD1 . LEU A 1 214 ? 1.144   -7.172  -15.297 1.00 86.03  ? 214 LEU A CD1 1 
ATOM 1548 C CD2 . LEU A 1 214 ? -0.413  -5.783  -16.722 1.00 82.43  ? 214 LEU A CD2 1 
ATOM 1549 N N   . GLY A 1 215 ? -3.188  -5.612  -12.107 1.00 48.85  ? 215 GLY A N   1 
ATOM 1550 C CA  . GLY A 1 215 ? -4.293  -6.044  -11.274 1.00 53.09  ? 215 GLY A CA  1 
ATOM 1551 C C   . GLY A 1 215 ? -5.543  -5.205  -11.503 1.00 59.79  ? 215 GLY A C   1 
ATOM 1552 O O   . GLY A 1 215 ? -6.655  -5.698  -11.434 1.00 85.71  ? 215 GLY A O   1 
ATOM 1553 N N   . SER A 1 216 ? -5.373  -3.915  -11.756 1.00 60.99  ? 216 SER A N   1 
ATOM 1554 C CA  . SER A 1 216 ? -6.504  -3.044  -12.006 1.00 48.55  ? 216 SER A CA  1 
ATOM 1555 C C   . SER A 1 216 ? -7.076  -3.270  -13.391 1.00 43.73  ? 216 SER A C   1 
ATOM 1556 O O   . SER A 1 216 ? -8.288  -3.234  -13.594 1.00 62.70  ? 216 SER A O   1 
ATOM 1557 C CB  . SER A 1 216 ? -6.109  -1.586  -11.833 1.00 64.67  ? 216 SER A CB  1 
ATOM 1558 O OG  . SER A 1 216 ? -5.850  -0.985  -13.084 1.00 71.85  ? 216 SER A OG  1 
ATOM 1559 N N   . LEU A 1 217 ? -6.220  -3.507  -14.378 1.00 57.74  ? 217 LEU A N   1 
ATOM 1560 C CA  . LEU A 1 217 ? -6.692  -3.775  -15.737 1.00 54.31  ? 217 LEU A CA  1 
ATOM 1561 C C   . LEU A 1 217 ? -7.363  -5.149  -15.822 1.00 56.62  ? 217 LEU A C   1 
ATOM 1562 O O   . LEU A 1 217 ? -8.261  -5.332  -16.636 1.00 74.67  ? 217 LEU A O   1 
ATOM 1563 C CB  . LEU A 1 217 ? -5.524  -3.684  -16.719 1.00 58.01  ? 217 LEU A CB  1 
ATOM 1564 C CG  . LEU A 1 217 ? -4.999  -2.289  -17.016 1.00 66.70  ? 217 LEU A CG  1 
ATOM 1565 C CD1 . LEU A 1 217 ? -3.790  -2.370  -17.941 1.00 75.97  ? 217 LEU A CD1 1 
ATOM 1566 C CD2 . LEU A 1 217 ? -6.092  -1.420  -17.622 1.00 81.27  ? 217 LEU A CD2 1 
ATOM 1567 N N   . LEU A 1 218 ? -6.946  -6.102  -14.993 1.00 52.97  ? 218 LEU A N   1 
ATOM 1568 C CA  . LEU A 1 218 ? -7.565  -7.410  -14.971 1.00 58.16  ? 218 LEU A CA  1 
ATOM 1569 C C   . LEU A 1 218 ? -8.977  -7.329  -14.401 1.00 65.41  ? 218 LEU A C   1 
ATOM 1570 O O   . LEU A 1 218 ? -9.912  -7.929  -14.945 1.00 93.51  ? 218 LEU A O   1 
ATOM 1571 C CB  . LEU A 1 218 ? -6.734  -8.399  -14.140 1.00 65.30  ? 218 LEU A CB  1 
ATOM 1572 C CG  . LEU A 1 218 ? -6.000  -9.491  -14.909 1.00 75.67  ? 218 LEU A CG  1 
ATOM 1573 C CD1 . LEU A 1 218 ? -5.075  -8.886  -15.955 1.00 95.40  ? 218 LEU A CD1 1 
ATOM 1574 C CD2 . LEU A 1 218 ? -5.221  -10.354 -13.926 1.00 85.28  ? 218 LEU A CD2 1 
ATOM 1575 N N   . TYR A 1 219 ? -9.141  -6.593  -13.301 1.00 53.66  ? 219 TYR A N   1 
ATOM 1576 C CA  . TYR A 1 219 ? -10.429 -6.546  -12.645 1.00 55.93  ? 219 TYR A CA  1 
ATOM 1577 C C   . TYR A 1 219 ? -11.429 -5.710  -13.436 1.00 54.49  ? 219 TYR A C   1 
ATOM 1578 O O   . TYR A 1 219 ? -12.579 -6.112  -13.647 1.00 80.88  ? 219 TYR A O   1 
ATOM 1579 C CB  . TYR A 1 219 ? -10.281 -6.019  -11.227 1.00 47.72  ? 219 TYR A CB  1 
ATOM 1580 C CG  . TYR A 1 219 ? -11.502 -6.221  -10.376 1.00 56.85  ? 219 TYR A CG  1 
ATOM 1581 C CD1 . TYR A 1 219 ? -11.681 -7.383  -9.643  1.00 68.73  ? 219 TYR A CD1 1 
ATOM 1582 C CD2 . TYR A 1 219 ? -12.470 -5.240  -10.289 1.00 66.56  ? 219 TYR A CD2 1 
ATOM 1583 C CE1 . TYR A 1 219 ? -12.799 -7.573  -8.857  1.00 69.92  ? 219 TYR A CE1 1 
ATOM 1584 C CE2 . TYR A 1 219 ? -13.596 -5.424  -9.514  1.00 75.03  ? 219 TYR A CE2 1 
ATOM 1585 C CZ  . TYR A 1 219 ? -13.761 -6.591  -8.796  1.00 69.38  ? 219 TYR A CZ  1 
ATOM 1586 O OH  . TYR A 1 219 ? -14.878 -6.755  -8.011  1.00 87.61  ? 219 TYR A OH  1 
ATOM 1587 N N   . ASN A 1 220 ? -11.007 -4.530  -13.876 1.00 67.67  ? 220 ASN A N   1 
ATOM 1588 C CA  . ASN A 1 220 ? -11.915 -3.550  -14.447 1.00 65.46  ? 220 ASN A CA  1 
ATOM 1589 C C   . ASN A 1 220 ? -12.133 -3.752  -15.943 1.00 73.65  ? 220 ASN A C   1 
ATOM 1590 O O   . ASN A 1 220 ? -13.060 -3.148  -16.487 1.00 109.80 ? 220 ASN A O   1 
ATOM 1591 C CB  . ASN A 1 220 ? -11.402 -2.139  -14.197 1.00 60.88  ? 220 ASN A CB  1 
ATOM 1592 C CG  . ASN A 1 220 ? -11.288 -1.831  -12.721 1.00 84.16  ? 220 ASN A CG  1 
ATOM 1593 O OD1 . ASN A 1 220 ? -12.294 -1.683  -12.027 1.00 129.33 ? 220 ASN A OD1 1 
ATOM 1594 N ND2 . ASN A 1 220 ? -10.066 -1.703  -12.223 1.00 106.92 ? 220 ASN A ND2 1 
ATOM 1595 N N   . TYR A 1 221 ? -11.314 -4.574  -16.616 1.00 70.16  ? 221 TYR A N   1 
ATOM 1596 C CA  . TYR A 1 221 ? -11.454 -4.747  -18.055 1.00 79.44  ? 221 TYR A CA  1 
ATOM 1597 C C   . TYR A 1 221 ? -11.522 -6.204  -18.500 1.00 64.00  ? 221 TYR A C   1 
ATOM 1598 O O   . TYR A 1 221 ? -11.879 -6.449  -19.652 1.00 73.11  ? 221 TYR A O   1 
ATOM 1599 C CB  . TYR A 1 221 ? -10.321 -4.052  -18.818 1.00 92.07  ? 221 TYR A CB  1 
ATOM 1600 C CG  . TYR A 1 221 ? -10.262 -2.550  -18.640 1.00 110.77 ? 221 TYR A CG  1 
ATOM 1601 C CD1 . TYR A 1 221 ? -9.748  -1.980  -17.482 1.00 111.49 ? 221 TYR A CD1 1 
ATOM 1602 C CD2 . TYR A 1 221 ? -10.715 -1.694  -19.630 1.00 123.10 ? 221 TYR A CD2 1 
ATOM 1603 C CE1 . TYR A 1 221 ? -9.690  -0.613  -17.304 1.00 120.60 ? 221 TYR A CE1 1 
ATOM 1604 C CE2 . TYR A 1 221 ? -10.688 -0.319  -19.460 1.00 138.59 ? 221 TYR A CE2 1 
ATOM 1605 C CZ  . TYR A 1 221 ? -10.163 0.221   -18.299 1.00 144.30 ? 221 TYR A CZ  1 
ATOM 1606 O OH  . TYR A 1 221 ? -10.112 1.582   -18.137 1.00 161.46 ? 221 TYR A OH  1 
ATOM 1607 N N   . VAL A 1 222 ? -11.186 -7.160  -17.627 1.00 62.75  ? 222 VAL A N   1 
ATOM 1608 C CA  . VAL A 1 222 ? -11.153 -8.571  -18.003 1.00 60.07  ? 222 VAL A CA  1 
ATOM 1609 C C   . VAL A 1 222 ? -12.050 -9.399  -17.078 1.00 70.19  ? 222 VAL A C   1 
ATOM 1610 O O   . VAL A 1 222 ? -12.909 -10.143 -17.551 1.00 89.90  ? 222 VAL A O   1 
ATOM 1611 C CB  . VAL A 1 222 ? -9.720  -9.121  -18.002 1.00 58.95  ? 222 VAL A CB  1 
ATOM 1612 C CG1 . VAL A 1 222 ? -9.696  -10.637 -17.991 1.00 84.71  ? 222 VAL A CG1 1 
ATOM 1613 C CG2 . VAL A 1 222 ? -8.951  -8.592  -19.194 1.00 72.38  ? 222 VAL A CG2 1 
ATOM 1614 N N   . LEU A 1 223 ? -11.857 -9.279  -15.766 1.00 64.04  ? 223 LEU A N   1 
ATOM 1615 C CA  . LEU A 1 223 ? -12.569 -10.132 -14.838 1.00 58.21  ? 223 LEU A CA  1 
ATOM 1616 C C   . LEU A 1 223 ? -14.000 -9.638  -14.636 1.00 66.15  ? 223 LEU A C   1 
ATOM 1617 O O   . LEU A 1 223 ? -14.959 -10.361 -14.927 1.00 88.75  ? 223 LEU A O   1 
ATOM 1618 C CB  . LEU A 1 223 ? -11.822 -10.161 -13.498 1.00 57.99  ? 223 LEU A CB  1 
ATOM 1619 C CG  . LEU A 1 223 ? -10.482 -10.868 -13.490 1.00 62.83  ? 223 LEU A CG  1 
ATOM 1620 C CD1 . LEU A 1 223 ? -9.889  -10.776 -12.095 1.00 71.42  ? 223 LEU A CD1 1 
ATOM 1621 C CD2 . LEU A 1 223 ? -10.598 -12.304 -13.919 1.00 61.27  ? 223 LEU A CD2 1 
ATOM 1622 N N   . PHE A 1 224 ? -14.160 -8.430  -14.081 1.00 66.92  ? 224 PHE A N   1 
ATOM 1623 C CA  . PHE A 1 224 ? -15.471 -7.897  -13.734 1.00 67.24  ? 224 PHE A CA  1 
ATOM 1624 C C   . PHE A 1 224 ? -15.607 -6.490  -14.298 1.00 67.14  ? 224 PHE A C   1 
ATOM 1625 O O   . PHE A 1 224 ? -15.443 -5.504  -13.581 1.00 77.48  ? 224 PHE A O   1 
ATOM 1626 C CB  . PHE A 1 224 ? -15.666 -7.910  -12.215 1.00 76.78  ? 224 PHE A CB  1 
ATOM 1627 C CG  . PHE A 1 224 ? -17.043 -8.329  -11.780 1.00 105.58 ? 224 PHE A CG  1 
ATOM 1628 C CD1 . PHE A 1 224 ? -17.594 -9.506  -12.261 1.00 134.13 ? 224 PHE A CD1 1 
ATOM 1629 C CD2 . PHE A 1 224 ? -17.785 -7.558  -10.904 1.00 115.69 ? 224 PHE A CD2 1 
ATOM 1630 C CE1 . PHE A 1 224 ? -18.867 -9.897  -11.876 1.00 151.33 ? 224 PHE A CE1 1 
ATOM 1631 C CE2 . PHE A 1 224 ? -19.054 -7.945  -10.518 1.00 139.30 ? 224 PHE A CE2 1 
ATOM 1632 C CZ  . PHE A 1 224 ? -19.595 -9.114  -11.006 1.00 165.23 ? 224 PHE A CZ  1 
ATOM 1633 N N   . PRO A 1 225 ? -15.862 -6.347  -15.604 1.00 71.79  ? 225 PRO A N   1 
ATOM 1634 C CA  . PRO A 1 225 ? -15.984 -5.022  -16.198 1.00 81.15  ? 225 PRO A CA  1 
ATOM 1635 C C   . PRO A 1 225 ? -17.256 -4.339  -15.715 1.00 102.11 ? 225 PRO A C   1 
ATOM 1636 O O   . PRO A 1 225 ? -18.318 -4.968  -15.622 1.00 139.66 ? 225 PRO A O   1 
ATOM 1637 C CB  . PRO A 1 225 ? -16.039 -5.286  -17.709 1.00 81.15  ? 225 PRO A CB  1 
ATOM 1638 C CG  . PRO A 1 225 ? -15.600 -6.727  -17.862 1.00 81.04  ? 225 PRO A CG  1 
ATOM 1639 C CD  . PRO A 1 225 ? -16.020 -7.419  -16.596 1.00 71.52  ? 225 PRO A CD  1 
ATOM 1640 N N   . PRO A 1 226 ? -17.202 -3.033  -15.411 1.00 102.26 ? 226 PRO A N   1 
ATOM 1641 C CA  . PRO A 1 226 ? -18.402 -2.319  -14.995 1.00 113.19 ? 226 PRO A CA  1 
ATOM 1642 C C   . PRO A 1 226 ? -19.219 -1.861  -16.198 1.00 130.49 ? 226 PRO A C   1 
ATOM 1643 O O   . PRO A 1 226 ? -18.899 -2.176  -17.346 1.00 122.02 ? 226 PRO A O   1 
ATOM 1644 C CB  . PRO A 1 226 ? -17.824 -1.126  -14.224 1.00 134.17 ? 226 PRO A CB  1 
ATOM 1645 C CG  . PRO A 1 226 ? -16.501 -0.856  -14.913 1.00 139.53 ? 226 PRO A CG  1 
ATOM 1646 C CD  . PRO A 1 226 ? -15.994 -2.197  -15.390 1.00 119.46 ? 226 PRO A CD  1 
ATOM 1647 N N   . ALA A 1 227 ? -20.279 -1.092  -15.915 1.00 165.21 ? 227 ALA A N   1 
ATOM 1648 C CA  . ALA A 1 227 ? -21.165 -0.573  -16.949 1.00 205.86 ? 227 ALA A CA  1 
ATOM 1649 C C   . ALA A 1 227 ? -20.874 0.895   -17.271 1.00 227.27 ? 227 ALA A C   1 
ATOM 1650 O O   . ALA A 1 227 ? -21.676 1.535   -17.954 1.00 233.60 ? 227 ALA A O   1 
ATOM 1651 C CB  . ALA A 1 227 ? -22.611 -0.750  -16.526 1.00 214.97 ? 227 ALA A CB  1 
ATOM 1652 N N   . LYS A 1 228 ? -19.744 1.427   -16.789 1.00 259.43 ? 228 LYS A N   1 
ATOM 1653 C CA  . LYS A 1 228 ? -19.410 2.821   -17.025 1.00 290.97 ? 228 LYS A CA  1 
ATOM 1654 C C   . LYS A 1 228 ? -19.024 3.033   -18.486 1.00 303.56 ? 228 LYS A C   1 
ATOM 1655 O O   . LYS A 1 228 ? -18.286 2.241   -19.067 1.00 301.11 ? 228 LYS A O   1 
ATOM 1656 C CB  . LYS A 1 228 ? -18.269 3.262   -16.107 1.00 302.66 ? 228 LYS A CB  1 
ATOM 1657 C CG  . LYS A 1 228 ? -18.652 3.410   -14.646 1.00 309.51 ? 228 LYS A CG  1 
ATOM 1658 C CD  . LYS A 1 228 ? -17.558 4.051   -13.820 1.00 313.27 ? 228 LYS A CD  1 
ATOM 1659 C CE  . LYS A 1 228 ? -18.004 4.442   -12.425 1.00 316.81 ? 228 LYS A CE  1 
ATOM 1660 N NZ  . LYS A 1 228 ? -18.803 5.695   -12.413 1.00 314.63 ? 228 LYS A NZ  1 
ATOM 1661 N N   . SER A 1 229 ? -19.532 4.120   -19.071 1.00 319.46 ? 229 SER A N   1 
ATOM 1662 C CA  . SER A 1 229 ? -19.235 4.464   -20.453 1.00 328.10 ? 229 SER A CA  1 
ATOM 1663 C C   . SER A 1 229 ? -17.906 5.218   -20.532 1.00 334.42 ? 229 SER A C   1 
ATOM 1664 O O   . SER A 1 229 ? -17.231 5.451   -19.528 1.00 333.22 ? 229 SER A O   1 
ATOM 1665 C CB  . SER A 1 229 ? -20.374 5.258   -21.062 1.00 331.52 ? 229 SER A CB  1 
ATOM 1666 O OG  . SER A 1 229 ? -20.507 6.518   -20.425 1.00 334.35 ? 229 SER A OG  1 
ATOM 1667 N N   . LEU A 1 230 ? -17.532 5.609   -21.753 1.00 344.39 ? 230 LEU A N   1 
ATOM 1668 C CA  . LEU A 1 230 ? -16.299 6.357   -21.959 1.00 348.61 ? 230 LEU A CA  1 
ATOM 1669 C C   . LEU A 1 230 ? -16.405 7.758   -21.360 1.00 346.66 ? 230 LEU A C   1 
ATOM 1670 O O   . LEU A 1 230 ? -15.435 8.266   -20.802 1.00 336.24 ? 230 LEU A O   1 
ATOM 1671 C CB  . LEU A 1 230 ? -15.983 6.428   -23.456 1.00 355.17 ? 230 LEU A CB  1 
ATOM 1672 C CG  . LEU A 1 230 ? -15.381 5.160   -24.065 1.00 356.25 ? 230 LEU A CG  1 
ATOM 1673 C CD1 . LEU A 1 230 ? -15.174 5.327   -25.564 1.00 355.33 ? 230 LEU A CD1 1 
ATOM 1674 C CD2 . LEU A 1 230 ? -14.065 4.790   -23.388 1.00 351.63 ? 230 LEU A CD2 1 
ATOM 1675 N N   . SER A 1 231 ? -17.579 8.389   -21.480 1.00 351.09 ? 231 SER A N   1 
ATOM 1676 C CA  . SER A 1 231 ? -17.782 9.715   -20.914 1.00 351.75 ? 231 SER A CA  1 
ATOM 1677 C C   . SER A 1 231 ? -17.822 9.666   -19.385 1.00 340.65 ? 231 SER A C   1 
ATOM 1678 O O   . SER A 1 231 ? -17.386 10.608  -18.719 1.00 341.23 ? 231 SER A O   1 
ATOM 1679 C CB  . SER A 1 231 ? -19.025 10.360  -21.477 1.00 357.93 ? 231 SER A CB  1 
ATOM 1680 O OG  . SER A 1 231 ? -20.089 9.426   -21.549 1.00 361.14 ? 231 SER A OG  1 
ATOM 1681 N N   . GLU A 1 232 ? -18.346 8.568   -18.830 1.00 323.75 ? 232 GLU A N   1 
ATOM 1682 C CA  . GLU A 1 232 ? -18.425 8.427   -17.382 1.00 311.38 ? 232 GLU A CA  1 
ATOM 1683 C C   . GLU A 1 232 ? -17.033 8.231   -16.776 1.00 289.80 ? 232 GLU A C   1 
ATOM 1684 O O   . GLU A 1 232 ? -16.739 8.764   -15.705 1.00 284.29 ? 232 GLU A O   1 
ATOM 1685 C CB  . GLU A 1 232 ? -19.344 7.266   -17.003 1.00 322.28 ? 232 GLU A CB  1 
ATOM 1686 C CG  . GLU A 1 232 ? -20.819 7.578   -17.162 1.00 331.76 ? 232 GLU A CG  1 
ATOM 1687 C CD  . GLU A 1 232 ? -21.705 6.345   -17.088 1.00 339.81 ? 232 GLU A CD  1 
ATOM 1688 O OE1 . GLU A 1 232 ? -21.447 5.385   -17.847 1.00 342.52 ? 232 GLU A OE1 1 
ATOM 1689 O OE2 . GLU A 1 232 ? -22.649 6.344   -16.271 1.00 343.09 ? 232 GLU A OE2 1 
ATOM 1690 N N   . ARG A 1 233 ? -16.176 7.461   -17.454 1.00 270.71 ? 233 ARG A N   1 
ATOM 1691 C CA  . ARG A 1 233 ? -14.826 7.233   -16.954 1.00 257.42 ? 233 ARG A CA  1 
ATOM 1692 C C   . ARG A 1 233 ? -13.991 8.513   -17.015 1.00 254.54 ? 233 ARG A C   1 
ATOM 1693 O O   . ARG A 1 233 ? -13.199 8.784   -16.115 1.00 237.57 ? 233 ARG A O   1 
ATOM 1694 C CB  . ARG A 1 233 ? -14.150 6.116   -17.750 1.00 252.15 ? 233 ARG A CB  1 
ATOM 1695 C CG  . ARG A 1 233 ? -14.741 4.738   -17.495 1.00 249.46 ? 233 ARG A CG  1 
ATOM 1696 C CD  . ARG A 1 233 ? -14.104 3.691   -18.390 1.00 253.60 ? 233 ARG A CD  1 
ATOM 1697 N NE  . ARG A 1 233 ? -14.855 2.442   -18.403 1.00 259.90 ? 233 ARG A NE  1 
ATOM 1698 C CZ  . ARG A 1 233 ? -14.479 1.322   -17.793 1.00 262.73 ? 233 ARG A CZ  1 
ATOM 1699 N NH1 . ARG A 1 233 ? -13.398 1.283   -17.038 1.00 260.08 ? 233 ARG A NH1 1 
ATOM 1700 N NH2 . ARG A 1 233 ? -15.225 0.234   -17.893 1.00 255.10 ? 233 ARG A NH2 1 
ATOM 1701 N N   . LEU A 1 234 ? -14.166 9.309   -18.073 1.00 270.55 ? 234 LEU A N   1 
ATOM 1702 C CA  . LEU A 1 234 ? -13.415 10.553  -18.198 1.00 280.79 ? 234 LEU A CA  1 
ATOM 1703 C C   . LEU A 1 234 ? -13.907 11.605  -17.204 1.00 268.83 ? 234 LEU A C   1 
ATOM 1704 O O   . LEU A 1 234 ? -13.129 12.448  -16.766 1.00 255.75 ? 234 LEU A O   1 
ATOM 1705 C CB  . LEU A 1 234 ? -13.515 11.085  -19.631 1.00 296.10 ? 234 LEU A CB  1 
ATOM 1706 C CG  . LEU A 1 234 ? -12.689 10.331  -20.676 1.00 303.03 ? 234 LEU A CG  1 
ATOM 1707 C CD1 . LEU A 1 234 ? -12.968 10.864  -22.074 1.00 304.81 ? 234 LEU A CD1 1 
ATOM 1708 C CD2 . LEU A 1 234 ? -11.198 10.410  -20.367 1.00 304.94 ? 234 LEU A CD2 1 
ATOM 1709 N N   . ALA A 1 235 ? -15.197 11.563  -16.846 1.00 261.88 ? 235 ALA A N   1 
ATOM 1710 C CA  . ALA A 1 235 ? -15.738 12.516  -15.882 1.00 258.96 ? 235 ALA A CA  1 
ATOM 1711 C C   . ALA A 1 235 ? -15.186 12.247  -14.480 1.00 246.99 ? 235 ALA A C   1 
ATOM 1712 O O   . ALA A 1 235 ? -14.888 13.183  -13.738 1.00 252.49 ? 235 ALA A O   1 
ATOM 1713 C CB  . ALA A 1 235 ? -17.249 12.477  -15.886 1.00 265.00 ? 235 ALA A CB  1 
ATOM 1714 N N   . VAL A 1 236 ? -15.044 10.971  -14.114 1.00 228.44 ? 236 VAL A N   1 
ATOM 1715 C CA  . VAL A 1 236 ? -14.506 10.624  -12.808 1.00 215.00 ? 236 VAL A CA  1 
ATOM 1716 C C   . VAL A 1 236 ? -13.033 11.024  -12.712 1.00 189.52 ? 236 VAL A C   1 
ATOM 1717 O O   . VAL A 1 236 ? -12.588 11.528  -11.684 1.00 163.63 ? 236 VAL A O   1 
ATOM 1718 C CB  . VAL A 1 236 ? -14.711 9.129   -12.511 1.00 206.94 ? 236 VAL A CB  1 
ATOM 1719 C CG1 . VAL A 1 236 ? -14.028 8.720   -11.208 1.00 197.86 ? 236 VAL A CG1 1 
ATOM 1720 C CG2 . VAL A 1 236 ? -16.190 8.782   -12.474 1.00 210.68 ? 236 VAL A CG2 1 
ATOM 1721 N N   . LEU A 1 237 ? -12.280 10.827  -13.794 1.00 185.12 ? 237 LEU A N   1 
ATOM 1722 C CA  . LEU A 1 237 ? -10.844 11.095  -13.772 1.00 186.25 ? 237 LEU A CA  1 
ATOM 1723 C C   . LEU A 1 237 ? -10.551 12.596  -13.725 1.00 182.22 ? 237 LEU A C   1 
ATOM 1724 O O   . LEU A 1 237 ? -9.710  13.039  -12.945 1.00 144.19 ? 237 LEU A O   1 
ATOM 1725 C CB  . LEU A 1 237 ? -10.172 10.468  -14.996 1.00 189.42 ? 237 LEU A CB  1 
ATOM 1726 C CG  . LEU A 1 237 ? -10.028 8.950   -14.979 1.00 176.31 ? 237 LEU A CG  1 
ATOM 1727 C CD1 . LEU A 1 237 ? -9.412  8.451   -16.278 1.00 180.70 ? 237 LEU A CD1 1 
ATOM 1728 C CD2 . LEU A 1 237 ? -9.224  8.474   -13.783 1.00 171.58 ? 237 LEU A CD2 1 
ATOM 1729 N N   . LYS A 1 238 ? -11.255 13.385  -14.547 1.00 213.09 ? 238 LYS A N   1 
ATOM 1730 C CA  . LYS A 1 238 ? -10.944 14.801  -14.674 1.00 242.95 ? 238 LYS A CA  1 
ATOM 1731 C C   . LYS A 1 238 ? -11.787 15.662  -13.738 1.00 254.06 ? 238 LYS A C   1 
ATOM 1732 O O   . LYS A 1 238 ? -12.337 16.688  -14.149 1.00 258.51 ? 238 LYS A O   1 
ATOM 1733 C CB  . LYS A 1 238 ? -11.113 15.238  -16.128 1.00 249.51 ? 238 LYS A CB  1 
ATOM 1734 C CG  . LYS A 1 238 ? -9.934  14.890  -17.021 1.00 256.78 ? 238 LYS A CG  1 
ATOM 1735 C CD  . LYS A 1 238 ? -8.629  15.429  -16.475 1.00 260.52 ? 238 LYS A CD  1 
ATOM 1736 C CE  . LYS A 1 238 ? -7.504  15.402  -17.490 1.00 261.14 ? 238 LYS A CE  1 
ATOM 1737 N NZ  . LYS A 1 238 ? -6.232  15.908  -16.918 1.00 256.45 ? 238 LYS A NZ  1 
ATOM 1738 N N   . GLY A 1 239 ? -11.873 15.248  -12.467 1.00 272.22 ? 239 GLY A N   1 
ATOM 1739 C CA  . GLY A 1 239 ? -12.428 16.056  -11.387 1.00 294.11 ? 239 GLY A CA  1 
ATOM 1740 C C   . GLY A 1 239 ? -13.838 16.602  -11.630 1.00 317.02 ? 239 GLY A C   1 
ATOM 1741 O O   . GLY A 1 239 ? -14.108 17.770  -11.341 1.00 313.49 ? 239 GLY A O   1 
ATOM 1742 N N   . LEU A 1 240 ? -14.745 15.752  -12.130 1.00 345.44 ? 240 LEU A N   1 
ATOM 1743 C CA  . LEU A 1 240 ? -16.122 16.154  -12.372 1.00 360.99 ? 240 LEU A CA  1 
ATOM 1744 C C   . LEU A 1 240 ? -17.047 15.323  -11.489 1.00 367.18 ? 240 LEU A C   1 
ATOM 1745 O O   . LEU A 1 240 ? -16.925 14.101  -11.422 1.00 364.78 ? 240 LEU A O   1 
ATOM 1746 C CB  . LEU A 1 240 ? -16.487 15.966  -13.850 1.00 364.62 ? 240 LEU A CB  1 
ATOM 1747 C CG  . LEU A 1 240 ? -15.630 16.735  -14.860 1.00 364.70 ? 240 LEU A CG  1 
ATOM 1748 C CD1 . LEU A 1 240 ? -15.996 16.342  -16.286 1.00 361.20 ? 240 LEU A CD1 1 
ATOM 1749 C CD2 . LEU A 1 240 ? -15.764 18.241  -14.666 1.00 364.48 ? 240 LEU A CD2 1 
ATOM 1750 N N   . GLU A 1 241 ? -17.979 16.005  -10.819 1.00 370.42 ? 241 GLU A N   1 
ATOM 1751 C CA  . GLU A 1 241 ? -18.952 15.352  -9.956  1.00 369.90 ? 241 GLU A CA  1 
ATOM 1752 C C   . GLU A 1 241 ? -20.291 15.192  -10.695 1.00 367.81 ? 241 GLU A C   1 
ATOM 1753 O O   . GLU A 1 241 ? -20.928 16.230  -10.978 1.00 365.75 ? 241 GLU A O   1 
ATOM 1754 C CB  . GLU A 1 241 ? -19.124 16.154  -8.666  1.00 367.09 ? 241 GLU A CB  1 
# 
